data_4EDB
#
_entry.id   4EDB
#
_cell.length_a   217.115
_cell.length_b   217.115
_cell.length_c   266.016
_cell.angle_alpha   90.000
_cell.angle_beta   90.000
_cell.angle_gamma   120.000
#
_symmetry.space_group_name_H-M   'H 3 2'
#
loop_
_entity.id
_entity.type
_entity.pdbx_description
1 polymer Hemagglutinin
2 polymer Hemagglutinin
3 water water
#
loop_
_entity_poly.entity_id
_entity_poly.type
_entity_poly.pdbx_seq_one_letter_code
_entity_poly.pdbx_strand_id
1 'polypeptide(L)'
;ADPGDTICIGYHANNSTDTVDTVLEKNVTVTHSVNLLEDSHNGKLCLLKGIAPLQLGNCSVAGWILGNPECELLISKESW
SYIVEKPNPENGTCYPGHFADYEELREQLSSVSSFERFEMFPKESSWPNHTVTGVSASCSHNGKSSFYKNLLWLTGKNGL
YPNLSKSYANNKEKEVLVLWGVHHPPNIGDQRALYHTENAYVSVVSSHYSRKFTPEIAKRPKVRDQEGRINYYWTLLEPG
DTIIFEANGNLIAPRYAFALSRGFGSGIINSNAPMDECDAKCQTPQGAINSSLPFQNVHPVTIGECPKYVRSAKLRMVTG
LRNIPSIQSR
;
A,C,E
2 'polypeptide(L)'
;GLFGAIAGFIEGGWTGMVDGWYGYHHQNEQGSGYAADQKSTQNAINGITNKVNSVIEKMNTQFTAVGKEFNKLERRMENL
NKKVDDGFIDIWTYNAELLVLLENERTLDFHDSNVKNLYEKVKSQLKNNAKEIGNGCFEFYHKCNDECMESVKNGTYDYP
KYSEESKLNREKIDGVRSLVPR
;
B,D,F
#
# COMPACT_ATOMS: atom_id res chain seq x y z
N ASP A 5 -40.00 46.39 -21.00
CA ASP A 5 -39.13 47.39 -21.66
C ASP A 5 -37.71 47.39 -21.08
N THR A 6 -37.12 46.19 -20.94
CA THR A 6 -35.85 46.00 -20.25
C THR A 6 -34.92 45.00 -20.98
N ILE A 7 -33.63 45.02 -20.63
CA ILE A 7 -32.68 43.99 -21.04
C ILE A 7 -32.09 43.28 -19.82
N CYS A 8 -32.15 41.95 -19.84
CA CYS A 8 -31.72 41.14 -18.71
C CYS A 8 -30.42 40.41 -18.97
N ILE A 9 -29.95 39.72 -17.93
CA ILE A 9 -28.94 38.66 -18.07
C ILE A 9 -29.40 37.48 -17.23
N GLY A 10 -29.21 36.27 -17.76
CA GLY A 10 -29.62 35.05 -17.07
C GLY A 10 -28.82 33.85 -17.50
N TYR A 11 -29.18 32.68 -16.97
CA TYR A 11 -28.45 31.45 -17.27
C TYR A 11 -29.35 30.30 -17.76
N HIS A 12 -28.73 29.14 -17.96
CA HIS A 12 -29.39 27.98 -18.56
C HIS A 12 -30.16 27.17 -17.56
N ALA A 13 -31.34 26.73 -17.96
CA ALA A 13 -32.11 25.73 -17.21
C ALA A 13 -32.58 24.64 -18.17
N ASN A 14 -32.37 23.39 -17.79
CA ASN A 14 -32.51 22.26 -18.72
C ASN A 14 -33.72 21.36 -18.46
N ASN A 15 -33.89 20.36 -19.32
CA ASN A 15 -34.92 19.33 -19.15
C ASN A 15 -34.41 18.14 -18.33
N SER A 16 -33.34 18.37 -17.58
CA SER A 16 -32.60 17.29 -16.92
C SER A 16 -32.73 17.34 -15.40
N THR A 17 -33.08 16.19 -14.82
CA THR A 17 -33.16 16.04 -13.36
C THR A 17 -32.07 15.08 -12.88
N ASP A 18 -30.98 15.65 -12.37
CA ASP A 18 -29.81 14.88 -11.91
C ASP A 18 -29.31 15.44 -10.57
N THR A 19 -29.39 14.63 -9.53
CA THR A 19 -28.91 15.01 -8.19
C THR A 19 -27.41 14.74 -8.00
N VAL A 20 -26.69 15.73 -7.48
CA VAL A 20 -25.24 15.61 -7.20
C VAL A 20 -24.90 15.93 -5.73
N ASP A 21 -23.68 15.61 -5.32
CA ASP A 21 -23.22 15.97 -3.98
C ASP A 21 -22.06 16.95 -4.03
N THR A 22 -22.12 17.96 -3.17
CA THR A 22 -20.98 18.86 -2.96
C THR A 22 -20.64 18.91 -1.47
N VAL A 23 -19.43 19.35 -1.16
CA VAL A 23 -19.00 19.53 0.23
C VAL A 23 -19.87 20.57 0.96
N LEU A 24 -20.54 21.42 0.19
CA LEU A 24 -21.39 22.47 0.75
C LEU A 24 -22.85 22.01 0.82
N GLU A 25 -23.48 21.84 -0.34
CA GLU A 25 -24.86 21.39 -0.39
C GLU A 25 -24.99 20.14 -1.26
N LYS A 26 -25.62 19.11 -0.71
CA LYS A 26 -25.82 17.85 -1.42
C LYS A 26 -27.21 17.76 -2.03
N ASN A 27 -27.29 17.02 -3.14
CA ASN A 27 -28.55 16.64 -3.78
C ASN A 27 -29.40 17.82 -4.29
N VAL A 28 -29.05 18.30 -5.50
CA VAL A 28 -29.74 19.40 -6.18
C VAL A 28 -29.72 19.16 -7.69
N THR A 29 -30.74 19.64 -8.39
CA THR A 29 -30.85 19.57 -9.85
C THR A 29 -29.74 20.35 -10.56
N VAL A 30 -29.27 19.83 -11.69
CA VAL A 30 -28.28 20.52 -12.53
C VAL A 30 -28.52 20.30 -14.03
N THR A 31 -28.13 21.29 -14.85
CA THR A 31 -28.35 21.23 -16.31
C THR A 31 -27.49 20.18 -17.01
N HIS A 32 -26.28 19.97 -16.50
CA HIS A 32 -25.38 18.94 -16.98
C HIS A 32 -24.68 18.29 -15.83
N SER A 33 -24.51 16.97 -15.89
CA SER A 33 -23.71 16.25 -14.91
C SER A 33 -23.17 14.95 -15.50
N VAL A 34 -21.90 14.67 -15.23
CA VAL A 34 -21.25 13.43 -15.69
C VAL A 34 -21.12 12.42 -14.54
N ASN A 35 -21.43 11.16 -14.83
CA ASN A 35 -21.56 10.10 -13.83
C ASN A 35 -20.28 9.63 -13.14
N LEU A 36 -19.11 10.04 -13.63
CA LEU A 36 -17.79 9.63 -13.10
C LEU A 36 -17.73 8.22 -12.49
N LEU A 37 -18.37 8.05 -11.34
CA LEU A 37 -18.57 6.76 -10.69
C LEU A 37 -18.96 5.68 -11.70
N GLU A 38 -18.28 4.54 -11.64
CA GLU A 38 -18.59 3.40 -12.50
C GLU A 38 -19.29 2.30 -11.73
N ASP A 39 -20.57 2.10 -12.05
CA ASP A 39 -21.39 1.06 -11.43
C ASP A 39 -21.82 -0.01 -12.45
N SER A 40 -21.22 0.04 -13.64
CA SER A 40 -21.61 -0.80 -14.76
C SER A 40 -20.47 -1.68 -15.29
N HIS A 41 -20.80 -2.91 -15.68
CA HIS A 41 -19.83 -3.83 -16.28
C HIS A 41 -20.45 -4.73 -17.30
N ASN A 42 -19.60 -5.47 -18.01
CA ASN A 42 -19.99 -6.26 -19.17
C ASN A 42 -20.91 -7.46 -18.88
N GLY A 43 -20.48 -8.34 -17.96
CA GLY A 43 -21.24 -9.54 -17.62
C GLY A 43 -20.85 -10.77 -18.42
N LYS A 44 -19.73 -10.67 -19.13
CA LYS A 44 -19.18 -11.76 -19.95
C LYS A 44 -17.65 -11.65 -20.00
N LEU A 45 -16.98 -12.80 -20.08
CA LEU A 45 -15.52 -12.85 -20.08
C LEU A 45 -14.90 -12.54 -21.44
N CYS A 46 -13.91 -11.64 -21.45
CA CYS A 46 -13.35 -11.10 -22.68
C CYS A 46 -11.85 -11.34 -22.79
N LEU A 47 -11.27 -10.93 -23.92
CA LEU A 47 -9.81 -11.01 -24.10
C LEU A 47 -9.13 -9.69 -23.72
N LEU A 48 -8.07 -9.79 -22.92
CA LEU A 48 -7.31 -8.63 -22.48
C LEU A 48 -6.19 -8.25 -23.46
N LYS A 49 -6.35 -7.07 -24.07
CA LYS A 49 -5.32 -6.44 -24.91
C LYS A 49 -4.65 -7.36 -25.93
N GLY A 50 -5.29 -7.54 -27.08
CA GLY A 50 -4.73 -8.33 -28.17
C GLY A 50 -4.80 -9.83 -27.98
N ILE A 51 -4.44 -10.31 -26.78
CA ILE A 51 -4.40 -11.75 -26.50
C ILE A 51 -5.59 -12.25 -25.66
N ALA A 52 -5.93 -13.51 -25.87
CA ALA A 52 -7.11 -14.14 -25.28
C ALA A 52 -6.86 -14.71 -23.88
N PRO A 53 -7.93 -15.05 -23.14
CA PRO A 53 -7.77 -15.83 -21.91
C PRO A 53 -7.81 -17.33 -22.19
N LEU A 54 -7.24 -18.12 -21.29
CA LEU A 54 -7.24 -19.59 -21.46
C LEU A 54 -8.64 -20.16 -21.24
N GLN A 55 -9.24 -20.65 -22.34
CA GLN A 55 -10.51 -21.36 -22.29
C GLN A 55 -10.26 -22.78 -21.78
N LEU A 56 -10.56 -22.99 -20.50
CA LEU A 56 -10.14 -24.19 -19.78
C LEU A 56 -11.11 -25.36 -19.95
N GLY A 57 -12.27 -25.24 -19.29
CA GLY A 57 -13.25 -26.32 -19.24
C GLY A 57 -13.65 -26.61 -17.82
N ASN A 58 -13.58 -27.88 -17.43
CA ASN A 58 -14.00 -28.28 -16.08
C ASN A 58 -12.88 -28.85 -15.20
N CYS A 59 -11.67 -28.98 -15.74
CA CYS A 59 -10.53 -29.51 -15.00
C CYS A 59 -10.01 -28.54 -13.93
N SER A 60 -8.85 -27.93 -14.20
CA SER A 60 -8.18 -26.99 -13.30
C SER A 60 -6.84 -26.61 -13.92
N VAL A 61 -6.12 -25.69 -13.28
CA VAL A 61 -4.73 -25.43 -13.63
C VAL A 61 -3.97 -26.71 -13.33
N ALA A 62 -4.28 -27.32 -12.18
CA ALA A 62 -3.75 -28.60 -11.77
C ALA A 62 -4.15 -29.71 -12.74
N GLY A 63 -5.42 -29.69 -13.17
CA GLY A 63 -5.92 -30.66 -14.14
C GLY A 63 -5.34 -30.47 -15.53
N TRP A 64 -4.98 -29.23 -15.84
CA TRP A 64 -4.42 -28.87 -17.12
C TRP A 64 -3.01 -29.39 -17.31
N ILE A 65 -2.17 -29.20 -16.28
CA ILE A 65 -0.75 -29.61 -16.36
C ILE A 65 -0.40 -30.98 -15.74
N LEU A 66 -1.27 -31.51 -14.88
CA LEU A 66 -1.12 -32.91 -14.45
C LEU A 66 -1.58 -33.85 -15.56
N GLY A 67 -2.51 -33.38 -16.38
CA GLY A 67 -2.85 -34.03 -17.63
C GLY A 67 -3.83 -35.19 -17.56
N ASN A 68 -4.86 -35.05 -16.74
CA ASN A 68 -5.94 -36.03 -16.69
C ASN A 68 -6.70 -36.03 -18.01
N PRO A 69 -6.79 -37.21 -18.68
CA PRO A 69 -7.51 -37.32 -19.96
C PRO A 69 -8.98 -36.91 -19.89
N GLU A 70 -9.46 -36.61 -18.68
CA GLU A 70 -10.80 -36.06 -18.48
C GLU A 70 -10.89 -34.62 -18.95
N CYS A 71 -9.74 -34.03 -19.22
CA CYS A 71 -9.64 -32.77 -19.95
C CYS A 71 -8.55 -32.91 -21.01
N GLU A 72 -8.66 -33.97 -21.81
CA GLU A 72 -7.81 -34.17 -22.98
C GLU A 72 -7.96 -33.00 -23.95
N LEU A 73 -8.84 -32.08 -23.58
CA LEU A 73 -9.11 -30.85 -24.32
C LEU A 73 -7.86 -29.98 -24.43
N LEU A 74 -7.16 -29.83 -23.30
CA LEU A 74 -6.06 -28.86 -23.19
C LEU A 74 -4.70 -29.43 -23.60
N ILE A 75 -4.24 -29.04 -24.78
CA ILE A 75 -2.93 -29.47 -25.32
C ILE A 75 -2.33 -28.50 -26.34
N SER A 76 -3.18 -27.96 -27.22
CA SER A 76 -2.72 -27.29 -28.45
C SER A 76 -2.31 -25.82 -28.32
N LYS A 77 -3.06 -25.06 -27.51
CA LYS A 77 -2.93 -23.59 -27.45
C LYS A 77 -1.53 -23.05 -27.14
N GLU A 78 -1.33 -21.75 -27.42
CA GLU A 78 -0.01 -21.13 -27.31
C GLU A 78 0.12 -20.00 -26.28
N SER A 79 -0.80 -19.05 -26.29
CA SER A 79 -0.69 -17.85 -25.45
C SER A 79 -2.02 -17.36 -24.86
N TRP A 80 -1.95 -16.87 -23.62
CA TRP A 80 -3.11 -16.29 -22.93
C TRP A 80 -2.71 -15.28 -21.90
N SER A 81 -3.55 -14.26 -21.73
CA SER A 81 -3.32 -13.21 -20.73
C SER A 81 -3.63 -13.70 -19.32
N TYR A 82 -4.72 -14.46 -19.17
CA TYR A 82 -5.12 -15.01 -17.87
C TYR A 82 -5.98 -16.27 -18.04
N ILE A 83 -5.80 -17.22 -17.12
CA ILE A 83 -6.53 -18.50 -17.17
C ILE A 83 -7.97 -18.33 -16.66
N VAL A 84 -8.84 -19.26 -17.05
CA VAL A 84 -10.20 -19.34 -16.51
C VAL A 84 -10.41 -20.64 -15.74
N GLU A 85 -11.37 -20.63 -14.83
CA GLU A 85 -11.76 -21.80 -14.04
C GLU A 85 -13.18 -21.57 -13.51
N LYS A 86 -13.79 -22.61 -12.96
CA LYS A 86 -15.08 -22.48 -12.27
C LYS A 86 -14.87 -22.72 -10.77
N PRO A 87 -15.93 -22.58 -9.95
CA PRO A 87 -15.90 -23.18 -8.62
C PRO A 87 -16.20 -24.69 -8.67
N ASN A 88 -16.81 -25.12 -9.78
CA ASN A 88 -17.22 -26.52 -10.01
C ASN A 88 -16.11 -27.59 -10.10
N PRO A 89 -15.00 -27.30 -10.83
CA PRO A 89 -13.93 -28.25 -11.18
C PRO A 89 -13.81 -29.54 -10.37
N GLU A 90 -13.94 -30.66 -11.07
CA GLU A 90 -13.78 -31.99 -10.52
C GLU A 90 -12.33 -32.46 -10.63
N ASN A 91 -11.84 -32.51 -11.86
CA ASN A 91 -10.56 -33.15 -12.17
C ASN A 91 -9.35 -32.23 -12.10
N GLY A 92 -8.50 -32.46 -11.10
CA GLY A 92 -7.24 -31.75 -10.96
C GLY A 92 -6.22 -32.73 -10.43
N THR A 93 -6.40 -33.13 -9.17
CA THR A 93 -5.64 -34.22 -8.58
C THR A 93 -6.37 -35.51 -8.95
N CYS A 94 -5.84 -36.19 -9.97
CA CYS A 94 -6.45 -37.42 -10.48
C CYS A 94 -6.32 -38.54 -9.44
N TYR A 95 -5.07 -38.86 -9.09
CA TYR A 95 -4.78 -39.71 -7.95
C TYR A 95 -4.53 -38.78 -6.76
N PRO A 96 -5.36 -38.91 -5.70
CA PRO A 96 -5.46 -37.96 -4.59
C PRO A 96 -4.13 -37.54 -3.96
N GLY A 97 -4.07 -36.31 -3.46
CA GLY A 97 -2.87 -35.76 -2.85
C GLY A 97 -2.69 -34.27 -3.09
N HIS A 98 -1.51 -33.77 -2.72
CA HIS A 98 -1.16 -32.37 -2.87
C HIS A 98 -0.20 -32.13 -4.01
N PHE A 99 -0.24 -30.91 -4.56
CA PHE A 99 0.63 -30.49 -5.65
C PHE A 99 1.63 -29.44 -5.14
N ALA A 100 2.92 -29.68 -5.37
CA ALA A 100 3.99 -28.79 -4.87
C ALA A 100 3.89 -27.36 -5.38
N ASP A 101 4.03 -26.41 -4.46
CA ASP A 101 3.91 -24.97 -4.74
C ASP A 101 2.70 -24.67 -5.63
N TYR A 102 1.57 -25.34 -5.33
CA TYR A 102 0.31 -25.07 -5.99
C TYR A 102 -0.11 -23.69 -5.55
N GLU A 103 -0.46 -22.85 -6.53
CA GLU A 103 -0.74 -21.41 -6.35
C GLU A 103 0.49 -20.53 -6.61
N GLU A 104 1.67 -21.14 -6.58
CA GLU A 104 2.89 -20.50 -7.07
C GLU A 104 3.01 -20.73 -8.58
N LEU A 105 2.71 -21.97 -9.01
CA LEU A 105 2.61 -22.28 -10.44
C LEU A 105 1.47 -21.51 -11.09
N ARG A 106 0.40 -21.31 -10.33
CA ARG A 106 -0.71 -20.44 -10.77
C ARG A 106 -0.26 -19.00 -11.00
N GLU A 107 0.90 -18.63 -10.45
CA GLU A 107 1.48 -17.31 -10.68
C GLU A 107 2.60 -17.37 -11.72
N GLN A 108 2.74 -18.53 -12.37
CA GLN A 108 3.73 -18.72 -13.43
C GLN A 108 3.17 -19.51 -14.61
N LEU A 109 1.86 -19.72 -14.58
CA LEU A 109 1.15 -20.30 -15.70
C LEU A 109 0.06 -19.32 -16.15
N SER A 110 0.02 -18.18 -15.48
CA SER A 110 -0.85 -17.07 -15.83
C SER A 110 -0.29 -16.37 -17.06
N SER A 111 0.85 -15.70 -16.86
CA SER A 111 1.52 -14.93 -17.91
C SER A 111 2.13 -15.87 -18.93
N VAL A 112 1.46 -16.00 -20.07
CA VAL A 112 1.84 -17.00 -21.07
C VAL A 112 2.09 -16.38 -22.45
N SER A 113 3.27 -16.71 -22.99
CA SER A 113 3.74 -16.12 -24.24
C SER A 113 3.72 -17.15 -25.37
N SER A 114 4.31 -18.33 -25.12
CA SER A 114 4.38 -19.40 -26.12
C SER A 114 4.53 -20.77 -25.46
N PHE A 115 3.82 -21.76 -26.00
CA PHE A 115 3.87 -23.13 -25.49
C PHE A 115 4.27 -24.15 -26.55
N GLU A 116 5.25 -24.97 -26.20
CA GLU A 116 5.70 -26.08 -27.05
C GLU A 116 6.15 -27.27 -26.20
N ARG A 117 5.44 -28.38 -26.36
CA ARG A 117 5.57 -29.54 -25.50
C ARG A 117 6.39 -30.66 -26.15
N PHE A 118 7.27 -31.28 -25.39
CA PHE A 118 8.03 -32.43 -25.87
C PHE A 118 8.12 -33.58 -24.85
N GLU A 119 7.79 -34.78 -25.32
CA GLU A 119 7.81 -35.99 -24.51
C GLU A 119 9.23 -36.27 -24.03
N MET A 120 9.57 -35.69 -22.87
CA MET A 120 10.92 -35.72 -22.31
C MET A 120 11.42 -37.14 -22.07
N PHE A 121 10.60 -37.96 -21.44
CA PHE A 121 10.90 -39.37 -21.23
C PHE A 121 9.70 -40.22 -21.62
N PRO A 122 9.67 -40.67 -22.89
CA PRO A 122 8.57 -41.45 -23.47
C PRO A 122 8.24 -42.77 -22.76
N LYS A 123 7.01 -43.24 -22.97
CA LYS A 123 6.60 -44.57 -22.56
C LYS A 123 7.34 -45.59 -23.42
N GLU A 124 7.39 -45.31 -24.72
CA GLU A 124 8.09 -46.17 -25.68
C GLU A 124 9.42 -45.55 -26.09
N SER A 125 10.51 -46.22 -25.72
CA SER A 125 11.88 -45.78 -26.04
C SER A 125 12.44 -44.73 -25.08
N SER A 126 12.34 -45.00 -23.79
CA SER A 126 12.99 -44.19 -22.76
C SER A 126 13.47 -45.02 -21.58
N TRP A 127 12.55 -45.84 -21.04
CA TRP A 127 12.91 -46.75 -19.94
C TRP A 127 12.70 -48.18 -20.34
N PRO A 128 13.78 -48.86 -20.79
CA PRO A 128 13.74 -50.32 -20.87
C PRO A 128 13.89 -50.92 -19.47
N ASN A 129 13.77 -52.24 -19.37
CA ASN A 129 13.79 -52.99 -18.10
C ASN A 129 12.94 -52.43 -16.94
N HIS A 130 11.95 -51.60 -17.26
CA HIS A 130 11.00 -51.06 -16.27
C HIS A 130 9.65 -50.86 -16.89
N THR A 131 8.61 -51.41 -16.25
CA THR A 131 7.27 -51.41 -16.83
C THR A 131 6.71 -50.01 -17.04
N VAL A 132 6.27 -49.75 -18.27
CA VAL A 132 5.86 -48.42 -18.68
C VAL A 132 4.34 -48.24 -18.75
N THR A 133 3.60 -49.19 -18.20
CA THR A 133 2.15 -49.04 -18.05
C THR A 133 1.80 -48.67 -16.61
N GLY A 134 0.73 -47.89 -16.45
CA GLY A 134 0.31 -47.43 -15.13
C GLY A 134 -1.16 -47.06 -15.09
N VAL A 135 -1.93 -47.78 -14.29
CA VAL A 135 -3.39 -47.66 -14.27
C VAL A 135 -3.94 -47.60 -12.84
N SER A 136 -4.89 -46.69 -12.62
CA SER A 136 -5.59 -46.56 -11.34
C SER A 136 -7.04 -46.14 -11.58
N ALA A 137 -7.95 -46.71 -10.80
CA ALA A 137 -9.38 -46.39 -10.92
C ALA A 137 -9.69 -44.99 -10.38
N SER A 138 -8.69 -44.36 -9.78
CA SER A 138 -8.77 -42.96 -9.37
C SER A 138 -8.56 -42.06 -10.57
N CYS A 139 -7.83 -42.58 -11.56
CA CYS A 139 -7.56 -41.87 -12.81
C CYS A 139 -8.19 -42.60 -14.00
N SER A 140 -9.46 -42.29 -14.26
CA SER A 140 -10.24 -43.00 -15.28
C SER A 140 -10.63 -42.13 -16.48
N HIS A 141 -10.93 -42.79 -17.60
CA HIS A 141 -11.44 -42.10 -18.79
C HIS A 141 -12.55 -42.87 -19.46
N ASN A 142 -13.76 -42.65 -18.97
CA ASN A 142 -14.98 -43.21 -19.56
C ASN A 142 -14.93 -44.72 -19.77
N GLY A 143 -14.94 -45.46 -18.65
CA GLY A 143 -14.90 -46.92 -18.70
C GLY A 143 -13.49 -47.48 -18.52
N LYS A 144 -12.52 -46.88 -19.21
CA LYS A 144 -11.13 -47.28 -19.06
C LYS A 144 -10.45 -46.53 -17.91
N SER A 145 -9.38 -47.12 -17.39
CA SER A 145 -8.73 -46.63 -16.18
C SER A 145 -7.31 -46.11 -16.45
N SER A 146 -7.08 -45.64 -17.68
CA SER A 146 -5.77 -45.21 -18.13
C SER A 146 -5.29 -43.92 -17.44
N PHE A 147 -3.98 -43.78 -17.31
CA PHE A 147 -3.33 -42.72 -16.53
C PHE A 147 -3.41 -41.36 -17.20
N TYR A 148 -2.61 -40.41 -16.69
CA TYR A 148 -2.53 -39.04 -17.20
C TYR A 148 -2.00 -38.97 -18.64
N LYS A 149 -2.00 -37.76 -19.21
CA LYS A 149 -1.48 -37.52 -20.55
C LYS A 149 0.00 -37.14 -20.52
N ASN A 150 0.40 -36.39 -19.50
CA ASN A 150 1.78 -35.87 -19.42
C ASN A 150 2.62 -36.38 -18.24
N LEU A 151 2.16 -37.46 -17.61
CA LEU A 151 2.99 -38.21 -16.64
C LEU A 151 2.74 -39.71 -16.72
N LEU A 152 3.80 -40.49 -16.48
CA LEU A 152 3.78 -41.94 -16.67
C LEU A 152 4.29 -42.67 -15.42
N TRP A 153 3.74 -43.86 -15.17
CA TRP A 153 3.97 -44.61 -13.93
C TRP A 153 4.91 -45.76 -14.10
N LEU A 154 5.85 -45.89 -13.17
CA LEU A 154 6.77 -47.02 -13.13
C LEU A 154 6.45 -47.96 -11.96
N THR A 155 6.36 -49.25 -12.26
CA THR A 155 6.41 -50.30 -11.24
C THR A 155 7.65 -51.14 -11.56
N GLY A 156 7.78 -52.31 -10.93
CA GLY A 156 8.88 -53.22 -11.22
C GLY A 156 8.70 -54.01 -12.51
N LYS A 157 9.79 -54.58 -13.02
CA LYS A 157 9.76 -55.39 -14.23
C LYS A 157 10.18 -56.84 -14.00
N ASN A 158 9.34 -57.78 -14.44
CA ASN A 158 9.60 -59.21 -14.34
C ASN A 158 10.07 -59.68 -12.95
N GLY A 159 9.38 -59.20 -11.92
CA GLY A 159 9.71 -59.50 -10.52
C GLY A 159 10.93 -58.77 -9.98
N LEU A 160 11.44 -57.82 -10.77
CA LEU A 160 12.70 -57.14 -10.48
C LEU A 160 12.56 -55.63 -10.68
N TYR A 161 13.58 -54.88 -10.26
CA TYR A 161 13.67 -53.43 -10.51
C TYR A 161 15.13 -53.02 -10.72
N PRO A 162 15.68 -53.26 -11.92
CA PRO A 162 17.09 -52.98 -12.22
C PRO A 162 17.46 -51.52 -12.01
N ASN A 163 18.76 -51.25 -11.87
CA ASN A 163 19.25 -49.88 -11.63
C ASN A 163 18.94 -48.94 -12.79
N LEU A 164 18.93 -47.64 -12.52
CA LEU A 164 18.50 -46.64 -13.49
C LEU A 164 18.94 -45.20 -13.15
N SER A 165 18.87 -44.33 -14.14
CA SER A 165 19.06 -42.88 -13.99
C SER A 165 18.75 -42.16 -15.31
N LYS A 166 18.28 -40.92 -15.21
CA LYS A 166 18.02 -40.12 -16.42
C LYS A 166 18.52 -38.68 -16.30
N SER A 167 19.45 -38.33 -17.19
CA SER A 167 20.10 -37.04 -17.19
C SER A 167 19.78 -36.29 -18.48
N TYR A 168 18.69 -35.52 -18.46
CA TYR A 168 18.31 -34.69 -19.60
C TYR A 168 19.25 -33.50 -19.75
N ALA A 169 19.33 -32.95 -20.97
CA ALA A 169 20.19 -31.81 -21.25
C ALA A 169 19.47 -30.77 -22.11
N ASN A 170 18.93 -29.73 -21.45
CA ASN A 170 18.14 -28.70 -22.11
C ASN A 170 18.96 -27.82 -23.05
N ASN A 171 18.39 -27.52 -24.21
CA ASN A 171 19.06 -26.73 -25.24
C ASN A 171 18.09 -25.87 -26.06
N LYS A 172 16.81 -25.93 -25.69
CA LYS A 172 15.72 -25.26 -26.42
C LYS A 172 15.83 -23.73 -26.50
N GLU A 173 16.89 -23.17 -25.91
CA GLU A 173 17.18 -21.73 -25.95
C GLU A 173 16.23 -20.88 -25.08
N LYS A 174 15.16 -21.52 -24.58
CA LYS A 174 14.26 -20.91 -23.59
C LYS A 174 13.87 -21.90 -22.48
N GLU A 175 13.41 -21.37 -21.35
CA GLU A 175 13.16 -22.14 -20.12
C GLU A 175 12.13 -23.28 -20.27
N VAL A 176 12.22 -24.28 -19.40
CA VAL A 176 11.32 -25.45 -19.41
C VAL A 176 10.84 -25.83 -18.00
N LEU A 177 9.54 -26.00 -17.85
CA LEU A 177 8.92 -26.46 -16.61
C LEU A 177 8.72 -27.97 -16.61
N VAL A 178 9.11 -28.63 -15.51
CA VAL A 178 9.08 -30.09 -15.42
C VAL A 178 8.11 -30.56 -14.32
N LEU A 179 7.53 -31.73 -14.53
CA LEU A 179 6.49 -32.28 -13.64
C LEU A 179 6.75 -33.74 -13.25
N TRP A 180 6.51 -34.07 -11.98
CA TRP A 180 6.61 -35.45 -11.48
C TRP A 180 5.80 -35.69 -10.24
N GLY A 181 5.87 -36.91 -9.72
CA GLY A 181 5.17 -37.29 -8.50
C GLY A 181 5.83 -38.44 -7.75
N VAL A 182 5.76 -38.41 -6.43
CA VAL A 182 6.31 -39.46 -5.58
C VAL A 182 5.18 -40.37 -5.09
N HIS A 183 5.50 -41.62 -4.81
CA HIS A 183 4.48 -42.60 -4.43
C HIS A 183 4.44 -42.85 -2.94
N HIS A 184 3.23 -42.87 -2.41
CA HIS A 184 2.97 -43.26 -1.02
C HIS A 184 1.78 -44.19 -0.96
N PRO A 185 2.03 -45.49 -0.82
CA PRO A 185 0.96 -46.48 -0.65
C PRO A 185 0.64 -46.73 0.83
N PRO A 186 -0.58 -47.20 1.13
CA PRO A 186 -0.89 -47.47 2.52
C PRO A 186 -0.35 -48.83 2.99
N ASN A 187 -0.76 -49.91 2.33
CA ASN A 187 -0.43 -51.27 2.73
C ASN A 187 1.03 -51.62 2.48
N ILE A 188 1.66 -52.26 3.45
CA ILE A 188 3.05 -52.73 3.33
C ILE A 188 3.15 -53.74 2.18
N GLY A 189 2.13 -54.59 2.06
CA GLY A 189 2.02 -55.55 0.98
C GLY A 189 1.85 -54.87 -0.37
N ASP A 190 1.10 -53.77 -0.38
CA ASP A 190 0.93 -52.95 -1.59
C ASP A 190 2.23 -52.28 -2.00
N GLN A 191 2.99 -51.82 -1.01
CA GLN A 191 4.30 -51.20 -1.25
C GLN A 191 5.32 -52.24 -1.73
N ARG A 192 5.45 -53.32 -0.95
CA ARG A 192 6.45 -54.36 -1.19
C ARG A 192 6.26 -55.07 -2.53
N ALA A 193 5.01 -55.48 -2.82
CA ALA A 193 4.71 -56.20 -4.06
C ALA A 193 4.81 -55.33 -5.32
N LEU A 194 4.74 -54.01 -5.15
CA LEU A 194 4.83 -53.09 -6.27
C LEU A 194 6.28 -52.71 -6.61
N TYR A 195 6.98 -52.11 -5.65
CA TYR A 195 8.33 -51.61 -5.89
C TYR A 195 9.44 -52.53 -5.37
N HIS A 196 9.06 -53.62 -4.72
CA HIS A 196 9.98 -54.71 -4.33
C HIS A 196 11.19 -54.29 -3.54
N THR A 197 11.07 -53.15 -2.86
CA THR A 197 12.19 -52.58 -2.11
C THR A 197 11.81 -52.26 -0.66
N GLU A 198 12.83 -52.08 0.19
CA GLU A 198 12.62 -51.91 1.62
C GLU A 198 12.84 -50.47 2.09
N ASN A 199 13.86 -49.82 1.55
CA ASN A 199 14.32 -48.52 2.04
C ASN A 199 14.55 -47.48 0.93
N ALA A 200 14.06 -47.78 -0.27
CA ALA A 200 14.36 -47.05 -1.52
C ALA A 200 14.53 -45.54 -1.44
N TYR A 201 15.49 -45.05 -2.21
CA TYR A 201 15.86 -43.64 -2.26
C TYR A 201 15.39 -42.99 -3.56
N VAL A 202 15.27 -41.66 -3.54
CA VAL A 202 15.00 -40.88 -4.75
C VAL A 202 15.95 -39.67 -4.84
N SER A 203 16.72 -39.60 -5.92
CA SER A 203 17.61 -38.46 -6.14
C SER A 203 17.06 -37.58 -7.25
N VAL A 204 16.89 -36.30 -6.92
CA VAL A 204 16.45 -35.28 -7.88
C VAL A 204 17.55 -34.22 -7.91
N VAL A 205 18.18 -34.03 -9.07
CA VAL A 205 19.39 -33.21 -9.15
C VAL A 205 19.24 -31.97 -10.02
N SER A 206 19.74 -30.85 -9.50
CA SER A 206 19.93 -29.62 -10.28
C SER A 206 21.11 -28.85 -9.68
N SER A 207 21.64 -27.90 -10.45
CA SER A 207 22.78 -27.09 -10.01
C SER A 207 22.55 -26.38 -8.68
N HIS A 208 21.27 -26.21 -8.32
CA HIS A 208 20.88 -25.57 -7.07
C HIS A 208 19.87 -26.41 -6.31
N TYR A 209 18.99 -27.06 -7.06
CA TYR A 209 17.81 -27.75 -6.53
C TYR A 209 18.11 -29.22 -6.30
N SER A 210 17.65 -29.75 -5.18
CA SER A 210 17.75 -31.18 -4.84
C SER A 210 16.99 -31.51 -3.57
N ARG A 211 16.14 -32.54 -3.66
CA ARG A 211 15.39 -33.04 -2.51
C ARG A 211 15.35 -34.56 -2.54
N LYS A 212 15.76 -35.18 -1.45
CA LYS A 212 15.77 -36.64 -1.33
C LYS A 212 14.46 -37.11 -0.69
N PHE A 213 13.34 -36.80 -1.35
CA PHE A 213 12.01 -37.14 -0.84
C PHE A 213 11.78 -38.65 -0.77
N THR A 214 11.54 -39.14 0.45
CA THR A 214 11.38 -40.57 0.69
C THR A 214 9.92 -40.99 0.83
N PRO A 215 9.56 -42.13 0.22
CA PRO A 215 8.27 -42.76 0.49
C PRO A 215 8.19 -43.23 1.93
N GLU A 216 6.98 -43.20 2.51
CA GLU A 216 6.73 -43.69 3.85
C GLU A 216 5.29 -44.17 3.96
N ILE A 217 5.08 -45.24 4.72
CA ILE A 217 3.82 -45.98 4.67
C ILE A 217 3.07 -46.03 6.01
N ALA A 218 1.74 -46.01 5.95
CA ALA A 218 0.88 -46.05 7.13
C ALA A 218 -0.57 -46.43 6.76
N LYS A 219 -1.53 -45.69 7.32
CA LYS A 219 -2.96 -45.95 7.09
C LYS A 219 -3.68 -44.67 6.61
N ARG A 220 -3.26 -44.17 5.45
CA ARG A 220 -3.84 -42.95 4.86
C ARG A 220 -5.29 -43.14 4.41
N PRO A 221 -6.14 -42.11 4.60
CA PRO A 221 -7.61 -42.19 4.47
C PRO A 221 -8.14 -42.41 3.05
N LYS A 222 -9.46 -42.45 2.93
CA LYS A 222 -10.14 -42.72 1.65
C LYS A 222 -10.71 -41.47 0.98
N VAL A 223 -10.23 -41.20 -0.23
CA VAL A 223 -10.96 -40.41 -1.22
C VAL A 223 -11.25 -41.42 -2.33
N ARG A 224 -12.53 -41.76 -2.49
CA ARG A 224 -12.98 -43.00 -3.17
C ARG A 224 -12.00 -43.73 -4.10
N ASP A 225 -11.92 -45.04 -3.90
CA ASP A 225 -11.06 -45.96 -4.67
C ASP A 225 -9.64 -46.10 -4.12
N GLN A 226 -8.99 -44.97 -3.84
CA GLN A 226 -7.61 -45.00 -3.36
C GLN A 226 -7.45 -44.54 -1.91
N GLU A 227 -6.98 -45.46 -1.08
CA GLU A 227 -6.62 -45.14 0.30
C GLU A 227 -5.24 -44.49 0.31
N GLY A 228 -4.42 -44.84 -0.67
CA GLY A 228 -3.09 -44.25 -0.83
C GLY A 228 -3.13 -42.93 -1.58
N ARG A 229 -1.95 -42.36 -1.81
CA ARG A 229 -1.79 -41.06 -2.47
C ARG A 229 -0.60 -41.05 -3.42
N ILE A 230 -0.57 -40.04 -4.29
CA ILE A 230 0.61 -39.72 -5.09
C ILE A 230 0.80 -38.20 -5.07
N ASN A 231 1.97 -37.76 -4.62
CA ASN A 231 2.24 -36.33 -4.43
C ASN A 231 3.18 -35.73 -5.46
N TYR A 232 2.76 -34.62 -6.05
CA TYR A 232 3.41 -34.04 -7.22
C TYR A 232 4.33 -32.87 -6.87
N TYR A 233 5.46 -32.78 -7.56
CA TYR A 233 6.48 -31.76 -7.29
C TYR A 233 7.13 -31.21 -8.59
N TRP A 234 7.89 -30.13 -8.47
CA TRP A 234 8.41 -29.40 -9.64
C TRP A 234 9.66 -28.58 -9.38
N THR A 235 10.37 -28.24 -10.47
CA THR A 235 11.45 -27.22 -10.48
C THR A 235 11.71 -26.66 -11.89
N LEU A 236 12.37 -25.51 -11.96
CA LEU A 236 12.61 -24.81 -13.23
C LEU A 236 14.04 -24.92 -13.76
N LEU A 237 14.16 -24.92 -15.09
CA LEU A 237 15.46 -24.99 -15.78
C LEU A 237 15.55 -23.99 -16.92
N GLU A 238 16.52 -23.09 -16.82
CA GLU A 238 16.83 -22.15 -17.91
C GLU A 238 17.85 -22.78 -18.87
N PRO A 239 17.94 -22.25 -20.11
CA PRO A 239 18.94 -22.70 -21.09
C PRO A 239 20.32 -22.97 -20.49
N GLY A 240 20.78 -24.23 -20.61
CA GLY A 240 22.09 -24.63 -20.11
C GLY A 240 22.06 -25.24 -18.71
N ASP A 241 20.90 -25.73 -18.29
CA ASP A 241 20.73 -26.35 -16.98
C ASP A 241 20.34 -27.81 -17.09
N THR A 242 20.64 -28.58 -16.04
CA THR A 242 20.49 -30.04 -16.07
C THR A 242 19.63 -30.59 -14.91
N ILE A 243 18.53 -31.25 -15.27
CA ILE A 243 17.75 -32.03 -14.30
C ILE A 243 18.14 -33.51 -14.37
N ILE A 244 18.72 -34.01 -13.29
CA ILE A 244 19.19 -35.38 -13.24
C ILE A 244 18.36 -36.19 -12.25
N PHE A 245 17.99 -37.41 -12.65
CA PHE A 245 17.31 -38.34 -11.77
C PHE A 245 18.19 -39.53 -11.44
N GLU A 246 17.98 -40.07 -10.24
CA GLU A 246 18.58 -41.32 -9.80
C GLU A 246 17.57 -41.94 -8.84
N ALA A 247 16.84 -42.93 -9.33
CA ALA A 247 15.75 -43.51 -8.55
C ALA A 247 15.96 -44.99 -8.27
N ASN A 248 15.15 -45.51 -7.35
CA ASN A 248 15.07 -46.93 -7.10
C ASN A 248 13.68 -47.44 -7.48
N GLY A 249 12.72 -46.51 -7.47
CA GLY A 249 11.32 -46.77 -7.79
C GLY A 249 10.43 -45.76 -7.10
N ASN A 250 9.20 -46.17 -6.78
CA ASN A 250 8.23 -45.37 -6.02
C ASN A 250 7.98 -43.98 -6.61
N LEU A 251 8.01 -43.90 -7.94
CA LEU A 251 8.16 -42.63 -8.61
C LEU A 251 7.36 -42.52 -9.90
N ILE A 252 6.65 -41.41 -10.05
CA ILE A 252 5.94 -41.06 -11.28
C ILE A 252 6.85 -40.10 -12.02
N ALA A 253 7.57 -40.61 -13.02
CA ALA A 253 8.65 -39.86 -13.66
C ALA A 253 8.19 -38.72 -14.56
N PRO A 254 9.03 -37.65 -14.69
CA PRO A 254 8.78 -36.57 -15.63
C PRO A 254 8.65 -37.09 -17.05
N ARG A 255 7.53 -36.77 -17.70
CA ARG A 255 7.21 -37.32 -19.02
C ARG A 255 7.10 -36.20 -20.06
N TYR A 256 5.99 -35.48 -20.06
CA TYR A 256 5.80 -34.35 -20.96
C TYR A 256 6.06 -33.08 -20.16
N ALA A 257 7.09 -32.33 -20.55
CA ALA A 257 7.50 -31.12 -19.82
C ALA A 257 7.32 -29.85 -20.64
N PHE A 258 6.68 -28.85 -20.03
CA PHE A 258 6.23 -27.66 -20.74
C PHE A 258 7.30 -26.58 -20.88
N ALA A 259 7.58 -26.21 -22.13
CA ALA A 259 8.56 -25.17 -22.43
C ALA A 259 7.90 -23.80 -22.53
N LEU A 260 8.50 -22.81 -21.86
CA LEU A 260 7.97 -21.45 -21.81
C LEU A 260 9.06 -20.44 -21.46
N SER A 261 9.03 -19.28 -22.12
CA SER A 261 10.01 -18.22 -21.87
C SER A 261 9.57 -17.29 -20.73
N ARG A 262 8.58 -16.43 -21.01
CA ARG A 262 7.95 -15.49 -20.05
C ARG A 262 8.88 -14.58 -19.23
N GLY A 263 8.30 -13.49 -18.71
CA GLY A 263 9.04 -12.54 -17.90
C GLY A 263 8.26 -12.14 -16.65
N PHE A 264 7.18 -11.38 -16.86
CA PHE A 264 6.30 -10.96 -15.76
C PHE A 264 5.35 -12.08 -15.33
N GLY A 265 4.52 -11.80 -14.33
CA GLY A 265 3.55 -12.76 -13.82
C GLY A 265 2.19 -12.12 -13.55
N SER A 266 1.23 -12.37 -14.43
CA SER A 266 -0.09 -11.76 -14.34
C SER A 266 -0.99 -12.48 -13.33
N GLY A 267 -2.22 -12.81 -13.74
CA GLY A 267 -3.18 -13.44 -12.84
C GLY A 267 -4.04 -14.52 -13.48
N ILE A 268 -4.88 -15.15 -12.67
CA ILE A 268 -5.79 -16.20 -13.12
C ILE A 268 -7.17 -15.96 -12.53
N ILE A 269 -8.14 -15.69 -13.39
CA ILE A 269 -9.54 -15.54 -12.98
C ILE A 269 -10.26 -16.88 -13.01
N ASN A 270 -11.11 -17.11 -12.01
CA ASN A 270 -12.06 -18.22 -12.02
C ASN A 270 -13.50 -17.74 -11.85
N SER A 271 -14.33 -17.99 -12.86
CA SER A 271 -15.72 -17.50 -12.89
C SER A 271 -16.64 -18.47 -13.63
N ASN A 272 -17.58 -17.91 -14.42
CA ASN A 272 -18.54 -18.70 -15.17
C ASN A 272 -18.91 -18.07 -16.51
N ALA A 273 -18.67 -16.77 -16.63
CA ALA A 273 -19.05 -15.97 -17.79
C ALA A 273 -18.52 -16.53 -19.12
N PRO A 274 -19.37 -16.51 -20.17
CA PRO A 274 -18.98 -17.10 -21.47
C PRO A 274 -17.89 -16.31 -22.19
N MET A 275 -17.00 -17.04 -22.87
CA MET A 275 -15.94 -16.45 -23.67
C MET A 275 -16.51 -15.72 -24.89
N ASP A 276 -16.10 -14.46 -25.05
CA ASP A 276 -16.44 -13.67 -26.22
C ASP A 276 -15.17 -13.02 -26.76
N GLU A 277 -15.09 -12.90 -28.08
CA GLU A 277 -13.94 -12.26 -28.75
C GLU A 277 -13.92 -10.73 -28.57
N CYS A 278 -14.48 -10.27 -27.45
CA CYS A 278 -14.47 -8.85 -27.07
C CYS A 278 -13.09 -8.40 -26.61
N ASP A 279 -12.55 -7.38 -27.27
CA ASP A 279 -11.27 -6.79 -26.86
C ASP A 279 -11.49 -5.83 -25.70
N ALA A 280 -11.17 -6.30 -24.50
CA ALA A 280 -11.33 -5.49 -23.29
C ALA A 280 -9.99 -5.32 -22.58
N LYS A 281 -9.79 -4.14 -22.00
CA LYS A 281 -8.56 -3.81 -21.30
C LYS A 281 -8.49 -4.44 -19.91
N CYS A 282 -9.65 -4.59 -19.27
CA CYS A 282 -9.72 -5.11 -17.91
C CYS A 282 -10.91 -6.03 -17.63
N GLN A 283 -10.74 -6.95 -16.69
CA GLN A 283 -11.70 -8.00 -16.40
C GLN A 283 -11.92 -8.17 -14.89
N THR A 284 -13.18 -8.40 -14.52
CA THR A 284 -13.57 -8.71 -13.13
C THR A 284 -14.02 -10.17 -13.04
N PRO A 285 -14.15 -10.71 -11.81
CA PRO A 285 -14.73 -12.05 -11.66
C PRO A 285 -16.25 -12.04 -11.82
N GLN A 286 -16.74 -11.23 -12.75
CA GLN A 286 -18.16 -11.11 -13.07
C GLN A 286 -18.35 -10.66 -14.52
N GLY A 287 -17.33 -9.97 -15.06
CA GLY A 287 -17.38 -9.46 -16.43
C GLY A 287 -16.13 -8.68 -16.79
N ALA A 288 -16.27 -7.74 -17.74
CA ALA A 288 -15.16 -6.89 -18.17
C ALA A 288 -15.46 -5.41 -17.93
N ILE A 289 -14.40 -4.59 -17.82
CA ILE A 289 -14.54 -3.19 -17.43
C ILE A 289 -13.79 -2.24 -18.38
N ASN A 290 -14.17 -0.96 -18.34
CA ASN A 290 -13.57 0.10 -19.16
C ASN A 290 -12.17 0.47 -18.67
N SER A 291 -11.65 1.59 -19.20
CA SER A 291 -10.45 2.23 -18.69
C SER A 291 -10.57 3.75 -18.81
N SER A 292 -11.75 4.20 -19.27
CA SER A 292 -12.02 5.62 -19.48
C SER A 292 -12.13 6.39 -18.15
N LEU A 293 -13.20 6.14 -17.40
CA LEU A 293 -13.39 6.76 -16.10
C LEU A 293 -12.39 6.15 -15.11
N PRO A 294 -11.64 7.01 -14.39
CA PRO A 294 -10.49 6.56 -13.61
C PRO A 294 -10.79 5.58 -12.48
N PHE A 295 -12.06 5.50 -12.06
CA PHE A 295 -12.45 4.63 -10.94
C PHE A 295 -13.80 3.92 -11.13
N GLN A 296 -13.85 2.67 -10.67
CA GLN A 296 -14.97 1.75 -10.93
C GLN A 296 -15.50 1.10 -9.64
N ASN A 297 -16.64 0.42 -9.73
CA ASN A 297 -17.07 -0.52 -8.67
C ASN A 297 -17.91 -1.72 -9.11
N VAL A 298 -17.28 -2.89 -9.09
CA VAL A 298 -17.96 -4.17 -9.31
C VAL A 298 -17.39 -5.20 -8.33
N HIS A 299 -16.07 -5.39 -8.39
CA HIS A 299 -15.34 -6.33 -7.54
C HIS A 299 -14.01 -5.75 -7.14
N PRO A 300 -13.49 -6.12 -5.95
CA PRO A 300 -12.15 -5.69 -5.57
C PRO A 300 -11.07 -6.38 -6.39
N VAL A 301 -11.30 -7.65 -6.73
CA VAL A 301 -10.35 -8.45 -7.49
C VAL A 301 -10.49 -8.14 -8.99
N THR A 302 -9.40 -7.73 -9.62
CA THR A 302 -9.39 -7.36 -11.05
C THR A 302 -8.10 -7.82 -11.72
N ILE A 303 -8.07 -7.78 -13.06
CA ILE A 303 -6.87 -8.10 -13.83
C ILE A 303 -6.61 -7.02 -14.89
N GLY A 304 -5.37 -6.54 -14.95
CA GLY A 304 -4.96 -5.58 -15.97
C GLY A 304 -4.61 -4.20 -15.44
N GLU A 305 -4.87 -3.19 -16.26
CA GLU A 305 -4.54 -1.80 -15.98
C GLU A 305 -5.83 -1.02 -15.87
N CYS A 306 -6.39 -0.96 -14.67
CA CYS A 306 -7.83 -0.71 -14.51
C CYS A 306 -8.23 0.51 -13.69
N PRO A 307 -9.45 1.03 -13.95
CA PRO A 307 -10.16 1.95 -13.05
C PRO A 307 -10.31 1.29 -11.69
N LYS A 308 -10.04 2.03 -10.63
CA LYS A 308 -9.84 1.42 -9.31
C LYS A 308 -11.15 1.28 -8.53
N TYR A 309 -11.31 0.13 -7.90
CA TYR A 309 -12.53 -0.19 -7.15
C TYR A 309 -12.78 0.75 -5.98
N VAL A 310 -13.99 1.31 -5.94
CA VAL A 310 -14.39 2.24 -4.87
C VAL A 310 -15.72 1.87 -4.22
N ARG A 311 -15.88 2.23 -2.95
CA ARG A 311 -17.08 1.91 -2.19
C ARG A 311 -18.20 2.96 -2.33
N SER A 312 -17.95 3.99 -3.14
CA SER A 312 -18.81 5.18 -3.24
C SER A 312 -20.26 4.91 -3.63
N ALA A 313 -21.16 5.69 -3.02
CA ALA A 313 -22.58 5.63 -3.36
C ALA A 313 -22.89 6.44 -4.62
N LYS A 314 -22.33 7.66 -4.71
CA LYS A 314 -22.56 8.55 -5.85
C LYS A 314 -21.40 9.53 -6.05
N LEU A 315 -20.63 9.32 -7.11
CA LEU A 315 -19.59 10.25 -7.53
C LEU A 315 -20.02 11.01 -8.78
N ARG A 316 -21.31 11.29 -8.89
CA ARG A 316 -21.85 12.03 -10.03
C ARG A 316 -21.33 13.47 -10.03
N MET A 317 -20.37 13.73 -10.91
CA MET A 317 -19.77 15.04 -11.05
C MET A 317 -20.66 15.95 -11.88
N VAL A 318 -20.73 17.21 -11.48
CA VAL A 318 -21.54 18.21 -12.17
C VAL A 318 -20.76 18.89 -13.30
N THR A 319 -21.37 18.96 -14.47
CA THR A 319 -20.81 19.70 -15.60
C THR A 319 -21.69 20.89 -15.98
N GLY A 320 -22.69 21.17 -15.13
CA GLY A 320 -23.64 22.26 -15.38
C GLY A 320 -23.94 23.13 -14.18
N LEU A 321 -25.15 23.70 -14.17
CA LEU A 321 -25.62 24.58 -13.09
C LEU A 321 -27.06 24.30 -12.68
N ARG A 322 -27.54 25.02 -11.67
CA ARG A 322 -28.84 24.78 -11.04
C ARG A 322 -30.04 24.92 -12.01
N ASN A 323 -31.15 24.27 -11.64
CA ASN A 323 -32.34 24.19 -12.50
C ASN A 323 -33.61 24.78 -11.91
N ILE A 324 -34.12 25.83 -12.56
CA ILE A 324 -35.49 26.34 -12.35
C ILE A 324 -36.05 26.76 -13.72
N PRO A 325 -36.58 25.79 -14.49
CA PRO A 325 -37.06 26.07 -15.85
C PRO A 325 -38.57 26.37 -15.95
N SER A 326 -39.26 25.61 -16.80
CA SER A 326 -40.67 25.86 -17.18
C SER A 326 -40.88 27.28 -17.73
N ILE A 327 -41.98 27.92 -17.36
CA ILE A 327 -42.31 29.26 -17.88
C ILE A 327 -42.99 30.14 -16.82
N GLY B 1 -24.76 28.55 -3.16
CA GLY B 1 -23.78 29.38 -3.91
C GLY B 1 -22.98 30.33 -3.02
N LEU B 2 -22.15 31.16 -3.64
CA LEU B 2 -21.34 32.15 -2.92
C LEU B 2 -21.52 33.57 -3.45
N PHE B 3 -22.21 33.70 -4.58
CA PHE B 3 -22.59 35.00 -5.11
C PHE B 3 -24.11 35.08 -5.17
N GLY B 4 -24.64 36.25 -4.82
CA GLY B 4 -26.06 36.53 -5.01
C GLY B 4 -26.29 36.64 -6.50
N ALA B 5 -26.38 35.48 -7.13
CA ALA B 5 -26.53 35.34 -8.58
C ALA B 5 -27.27 34.04 -8.86
N ILE B 6 -26.51 32.99 -9.22
CA ILE B 6 -27.05 31.64 -9.29
C ILE B 6 -27.70 31.35 -7.93
N ALA B 7 -28.95 30.87 -7.97
CA ALA B 7 -29.80 30.72 -6.78
C ALA B 7 -30.23 32.08 -6.18
N GLY B 8 -29.29 33.02 -6.12
CA GLY B 8 -29.51 34.32 -5.47
C GLY B 8 -30.40 35.28 -6.24
N PHE B 9 -29.89 36.50 -6.44
CA PHE B 9 -30.68 37.62 -6.99
C PHE B 9 -31.32 37.37 -8.37
N ILE B 10 -30.76 36.42 -9.13
CA ILE B 10 -31.22 36.10 -10.47
C ILE B 10 -32.30 35.01 -10.41
N GLU B 11 -32.56 34.56 -9.18
CA GLU B 11 -33.60 33.58 -8.86
C GLU B 11 -33.51 32.32 -9.73
N GLY B 12 -34.43 32.20 -10.69
CA GLY B 12 -34.51 31.03 -11.54
C GLY B 12 -33.85 31.18 -12.90
N GLY B 13 -33.64 30.05 -13.56
CA GLY B 13 -33.04 30.02 -14.90
C GLY B 13 -34.09 30.03 -15.99
N TRP B 14 -33.65 29.74 -17.22
CA TRP B 14 -34.53 29.77 -18.39
C TRP B 14 -34.49 28.48 -19.17
N THR B 15 -35.66 28.02 -19.59
CA THR B 15 -35.78 26.85 -20.46
C THR B 15 -35.37 27.21 -21.89
N GLY B 16 -34.68 28.35 -22.03
CA GLY B 16 -34.35 28.95 -23.33
C GLY B 16 -33.29 28.26 -24.16
N MET B 17 -32.38 29.08 -24.70
CA MET B 17 -31.42 28.69 -25.75
C MET B 17 -30.89 27.25 -25.75
N VAL B 18 -30.58 26.75 -26.95
CA VAL B 18 -30.09 25.39 -27.15
C VAL B 18 -28.56 25.35 -27.03
N ASP B 19 -27.90 26.31 -27.67
CA ASP B 19 -26.44 26.33 -27.80
C ASP B 19 -25.68 26.79 -26.56
N GLY B 20 -25.56 28.10 -26.36
CA GLY B 20 -24.73 28.69 -25.31
C GLY B 20 -25.14 28.40 -23.87
N TRP B 21 -24.37 28.92 -22.93
CA TRP B 21 -24.56 28.63 -21.51
C TRP B 21 -25.04 29.82 -20.73
N TYR B 22 -24.73 31.01 -21.24
CA TYR B 22 -25.07 32.27 -20.59
C TYR B 22 -25.95 33.10 -21.53
N GLY B 23 -26.01 34.41 -21.31
CA GLY B 23 -26.72 35.28 -22.24
C GLY B 23 -27.65 36.32 -21.64
N TYR B 24 -28.53 36.84 -22.50
CA TYR B 24 -29.36 38.01 -22.20
C TYR B 24 -30.71 37.97 -22.90
N HIS B 25 -31.74 38.41 -22.19
CA HIS B 25 -33.08 38.59 -22.73
C HIS B 25 -33.38 40.05 -22.88
N HIS B 26 -34.24 40.40 -23.84
CA HIS B 26 -34.62 41.79 -24.04
C HIS B 26 -36.06 41.98 -24.45
N GLN B 27 -36.55 43.20 -24.26
CA GLN B 27 -37.78 43.66 -24.89
C GLN B 27 -37.63 45.15 -25.23
N ASN B 28 -37.69 45.47 -26.52
CA ASN B 28 -37.64 46.86 -26.98
C ASN B 28 -38.65 47.17 -28.08
N GLU B 29 -38.66 46.34 -29.12
CA GLU B 29 -39.60 46.48 -30.24
C GLU B 29 -39.89 45.14 -30.93
N GLN B 30 -38.83 44.48 -31.43
CA GLN B 30 -38.98 43.23 -32.18
C GLN B 30 -38.76 41.97 -31.34
N GLY B 31 -37.49 41.65 -31.10
CA GLY B 31 -37.11 40.40 -30.44
C GLY B 31 -37.50 40.33 -28.98
N SER B 32 -37.68 39.11 -28.50
CA SER B 32 -37.91 38.83 -27.08
C SER B 32 -37.33 37.46 -26.74
N GLY B 33 -36.08 37.25 -27.18
CA GLY B 33 -35.41 35.96 -27.03
C GLY B 33 -34.08 36.03 -26.33
N TYR B 34 -33.33 34.94 -26.39
CA TYR B 34 -32.09 34.78 -25.67
C TYR B 34 -30.90 34.55 -26.61
N ALA B 35 -30.10 35.59 -26.80
CA ALA B 35 -28.92 35.52 -27.66
C ALA B 35 -27.75 34.86 -26.93
N ALA B 36 -27.44 33.64 -27.37
CA ALA B 36 -26.53 32.71 -26.67
C ALA B 36 -25.31 33.33 -25.99
N ASP B 37 -24.19 33.38 -26.73
CA ASP B 37 -22.87 33.77 -26.22
C ASP B 37 -21.83 32.76 -26.66
N GLN B 38 -20.62 33.23 -26.94
CA GLN B 38 -19.54 32.33 -27.31
C GLN B 38 -18.29 32.54 -26.45
N LYS B 39 -17.92 33.80 -26.23
CA LYS B 39 -16.70 34.10 -25.47
C LYS B 39 -16.73 33.62 -24.02
N SER B 40 -17.91 33.68 -23.39
CA SER B 40 -18.08 33.21 -22.03
C SER B 40 -18.34 31.71 -21.99
N THR B 41 -18.99 31.20 -23.03
CA THR B 41 -19.34 29.79 -23.13
C THR B 41 -18.17 28.96 -23.66
N GLN B 42 -17.65 29.34 -24.81
CA GLN B 42 -16.57 28.61 -25.49
C GLN B 42 -15.24 28.70 -24.73
N ASN B 43 -15.23 29.42 -23.61
CA ASN B 43 -14.05 29.43 -22.74
C ASN B 43 -14.31 28.79 -21.37
N ALA B 44 -15.55 28.87 -20.89
CA ALA B 44 -15.96 28.20 -19.65
C ALA B 44 -16.16 26.70 -19.90
N ILE B 45 -16.68 26.35 -21.07
CA ILE B 45 -16.75 24.96 -21.51
C ILE B 45 -15.34 24.47 -21.86
N ASN B 46 -14.58 25.30 -22.56
CA ASN B 46 -13.20 24.98 -22.95
C ASN B 46 -12.37 24.56 -21.73
N GLY B 47 -12.50 25.32 -20.65
CA GLY B 47 -11.83 25.04 -19.40
C GLY B 47 -12.33 23.79 -18.70
N ILE B 48 -13.64 23.58 -18.71
CA ILE B 48 -14.26 22.42 -18.05
C ILE B 48 -13.79 21.08 -18.62
N THR B 49 -13.68 21.00 -19.95
CA THR B 49 -13.16 19.81 -20.60
C THR B 49 -11.71 19.61 -20.18
N ASN B 50 -10.93 20.70 -20.22
CA ASN B 50 -9.56 20.66 -19.73
C ASN B 50 -9.52 20.15 -18.30
N LYS B 51 -10.50 20.59 -17.50
CA LYS B 51 -10.63 20.19 -16.10
C LYS B 51 -11.02 18.72 -15.97
N VAL B 52 -12.28 18.40 -16.26
CA VAL B 52 -12.82 17.05 -16.18
C VAL B 52 -11.84 16.05 -16.77
N ASN B 53 -11.44 16.27 -18.02
CA ASN B 53 -10.52 15.38 -18.72
C ASN B 53 -9.22 15.16 -17.96
N SER B 54 -8.69 16.21 -17.32
CA SER B 54 -7.46 16.08 -16.55
C SER B 54 -7.63 15.18 -15.31
N VAL B 55 -8.85 15.08 -14.81
CA VAL B 55 -9.17 14.15 -13.73
C VAL B 55 -9.32 12.74 -14.30
N ILE B 56 -9.44 12.66 -15.63
CA ILE B 56 -9.71 11.39 -16.31
C ILE B 56 -8.46 10.83 -17.01
N GLU B 57 -7.62 11.73 -17.53
CA GLU B 57 -6.56 11.38 -18.47
C GLU B 57 -5.16 11.36 -17.86
N LYS B 58 -5.06 11.50 -16.54
CA LYS B 58 -3.75 11.68 -15.91
C LYS B 58 -3.18 10.46 -15.19
N MET B 59 -3.89 9.95 -14.19
CA MET B 59 -3.49 8.75 -13.48
C MET B 59 -3.46 7.54 -14.41
N ASN B 60 -2.26 7.10 -14.76
CA ASN B 60 -2.08 5.95 -15.65
C ASN B 60 -1.87 4.66 -14.86
N THR B 61 -1.43 3.61 -15.57
CA THR B 61 -1.05 2.32 -14.97
C THR B 61 -0.25 1.43 -15.93
N GLN B 62 0.55 0.54 -15.35
CA GLN B 62 1.20 -0.55 -16.10
C GLN B 62 0.49 -1.87 -15.81
N PHE B 63 0.91 -2.94 -16.47
CA PHE B 63 0.32 -4.27 -16.22
C PHE B 63 0.55 -4.66 -14.76
N THR B 64 -0.55 -4.78 -14.01
CA THR B 64 -0.52 -5.17 -12.61
C THR B 64 -1.21 -6.51 -12.35
N ALA B 65 -0.65 -7.28 -11.43
CA ALA B 65 -1.26 -8.52 -10.97
C ALA B 65 -1.92 -8.30 -9.61
N VAL B 66 -3.23 -8.46 -9.55
CA VAL B 66 -3.97 -8.24 -8.31
C VAL B 66 -4.11 -9.52 -7.48
N GLY B 67 -4.47 -10.63 -8.15
CA GLY B 67 -4.70 -11.91 -7.49
C GLY B 67 -3.44 -12.68 -7.16
N LYS B 68 -3.49 -13.42 -6.05
CA LYS B 68 -2.36 -14.23 -5.56
C LYS B 68 -2.77 -15.68 -5.20
N GLU B 69 -3.91 -15.83 -4.54
CA GLU B 69 -4.38 -17.11 -4.00
C GLU B 69 -3.40 -17.73 -3.00
N PHE B 70 -3.57 -17.41 -1.72
CA PHE B 70 -2.73 -17.97 -0.67
C PHE B 70 -3.33 -19.26 -0.13
N ASN B 71 -2.63 -19.90 0.81
CA ASN B 71 -3.13 -21.15 1.41
C ASN B 71 -3.19 -21.15 2.93
N LYS B 72 -3.90 -22.14 3.48
CA LYS B 72 -4.07 -22.31 4.93
C LYS B 72 -2.76 -22.44 5.72
N LEU B 73 -1.66 -22.68 5.01
CA LEU B 73 -0.34 -22.68 5.63
C LEU B 73 0.22 -21.26 5.64
N GLU B 74 0.32 -20.66 4.45
CA GLU B 74 0.81 -19.28 4.32
C GLU B 74 -0.31 -18.25 4.53
N ARG B 75 -0.97 -18.35 5.69
CA ARG B 75 -2.09 -17.47 6.06
C ARG B 75 -1.61 -16.05 6.43
N ARG B 76 -0.41 -15.95 7.01
CA ARG B 76 0.18 -14.66 7.37
C ARG B 76 0.27 -13.69 6.18
N MET B 77 0.44 -14.24 4.99
CA MET B 77 0.63 -13.45 3.78
C MET B 77 -0.72 -13.14 3.12
N GLU B 78 -1.75 -13.86 3.55
CA GLU B 78 -3.11 -13.64 3.07
C GLU B 78 -3.60 -12.28 3.57
N ASN B 79 -3.30 -12.00 4.83
CA ASN B 79 -3.63 -10.72 5.46
C ASN B 79 -2.72 -9.60 4.98
N LEU B 80 -1.56 -9.97 4.44
CA LEU B 80 -0.67 -9.01 3.83
C LEU B 80 -1.29 -8.52 2.53
N ASN B 81 -1.71 -9.45 1.68
CA ASN B 81 -2.44 -9.15 0.46
C ASN B 81 -3.71 -8.35 0.74
N LYS B 82 -4.58 -8.92 1.57
CA LYS B 82 -5.81 -8.25 2.01
C LYS B 82 -5.52 -6.84 2.50
N LYS B 83 -4.55 -6.71 3.41
CA LYS B 83 -4.16 -5.41 3.99
C LYS B 83 -3.75 -4.38 2.93
N VAL B 84 -3.20 -4.87 1.82
CA VAL B 84 -2.79 -4.01 0.71
C VAL B 84 -4.00 -3.58 -0.14
N ASP B 85 -4.74 -4.55 -0.66
CA ASP B 85 -5.93 -4.29 -1.48
C ASP B 85 -6.75 -3.09 -0.97
N ASP B 86 -7.37 -3.23 0.20
CA ASP B 86 -8.22 -2.19 0.78
C ASP B 86 -7.43 -1.12 1.55
N GLY B 87 -6.12 -1.12 1.35
CA GLY B 87 -5.31 0.04 1.70
C GLY B 87 -5.57 1.07 0.61
N PHE B 88 -5.30 0.68 -0.63
CA PHE B 88 -5.54 1.51 -1.80
C PHE B 88 -7.02 1.79 -2.03
N ILE B 89 -7.85 0.78 -1.82
CA ILE B 89 -9.30 0.94 -1.97
C ILE B 89 -9.83 2.04 -1.06
N ASP B 90 -9.34 2.08 0.18
CA ASP B 90 -9.68 3.14 1.13
C ASP B 90 -9.32 4.52 0.59
N ILE B 91 -8.06 4.69 0.19
CA ILE B 91 -7.56 5.94 -0.39
C ILE B 91 -8.34 6.34 -1.63
N TRP B 92 -8.41 5.44 -2.61
CA TRP B 92 -9.10 5.72 -3.87
C TRP B 92 -10.54 6.08 -3.65
N THR B 93 -11.21 5.34 -2.77
CA THR B 93 -12.59 5.66 -2.40
C THR B 93 -12.67 7.06 -1.79
N TYR B 94 -11.90 7.30 -0.73
CA TYR B 94 -11.95 8.54 0.02
C TYR B 94 -11.52 9.79 -0.77
N ASN B 95 -10.49 9.63 -1.61
CA ASN B 95 -10.00 10.72 -2.45
C ASN B 95 -11.01 11.07 -3.54
N ALA B 96 -11.22 10.15 -4.47
CA ALA B 96 -12.18 10.31 -5.56
C ALA B 96 -13.55 10.74 -5.06
N GLU B 97 -13.83 10.43 -3.79
CA GLU B 97 -15.02 10.94 -3.11
C GLU B 97 -14.84 12.44 -2.86
N LEU B 98 -13.85 12.79 -2.04
CA LEU B 98 -13.62 14.16 -1.60
C LEU B 98 -13.30 15.16 -2.71
N LEU B 99 -12.58 14.72 -3.73
CA LEU B 99 -12.21 15.59 -4.84
C LEU B 99 -13.43 15.96 -5.69
N VAL B 100 -14.37 15.03 -5.82
CA VAL B 100 -15.60 15.26 -6.58
C VAL B 100 -16.46 16.33 -5.93
N LEU B 101 -16.82 16.09 -4.67
CA LEU B 101 -17.70 16.99 -3.91
C LEU B 101 -17.05 18.35 -3.69
N LEU B 102 -15.72 18.35 -3.57
CA LEU B 102 -14.95 19.59 -3.45
C LEU B 102 -14.82 20.28 -4.82
N GLU B 103 -14.80 19.48 -5.89
CA GLU B 103 -14.73 19.99 -7.26
C GLU B 103 -16.09 20.25 -7.89
N ASN B 104 -17.15 19.81 -7.21
CA ASN B 104 -18.51 20.19 -7.56
C ASN B 104 -18.78 21.60 -7.02
N GLU B 105 -17.98 22.01 -6.05
CA GLU B 105 -18.06 23.35 -5.47
C GLU B 105 -17.37 24.38 -6.35
N ARG B 106 -16.40 23.91 -7.14
CA ARG B 106 -15.74 24.76 -8.12
C ARG B 106 -16.71 25.01 -9.27
N THR B 107 -17.06 23.95 -9.99
CA THR B 107 -17.95 24.02 -11.15
C THR B 107 -19.24 24.84 -10.91
N LEU B 108 -19.79 24.76 -9.70
CA LEU B 108 -20.97 25.56 -9.33
C LEU B 108 -20.64 27.03 -9.07
N ASP B 109 -19.58 27.29 -8.32
CA ASP B 109 -19.12 28.66 -8.11
C ASP B 109 -18.39 29.22 -9.34
N PHE B 110 -18.09 28.33 -10.29
CA PHE B 110 -17.51 28.75 -11.55
C PHE B 110 -18.54 29.55 -12.35
N HIS B 111 -19.77 29.05 -12.38
CA HIS B 111 -20.87 29.74 -13.04
C HIS B 111 -21.31 30.91 -12.23
N ASP B 112 -21.21 30.77 -10.91
CA ASP B 112 -21.68 31.78 -9.96
C ASP B 112 -20.91 33.10 -10.10
N SER B 113 -19.66 33.01 -10.53
CA SER B 113 -18.89 34.21 -10.88
C SER B 113 -19.02 34.52 -12.37
N ASN B 114 -18.99 33.47 -13.20
CA ASN B 114 -19.09 33.63 -14.66
C ASN B 114 -20.35 34.37 -15.12
N VAL B 115 -21.47 34.11 -14.46
CA VAL B 115 -22.71 34.85 -14.71
C VAL B 115 -22.60 36.28 -14.17
N LYS B 116 -22.07 36.40 -12.95
CA LYS B 116 -21.85 37.71 -12.30
C LYS B 116 -20.97 38.64 -13.14
N ASN B 117 -20.08 38.05 -13.94
CA ASN B 117 -19.30 38.79 -14.92
C ASN B 117 -20.21 39.58 -15.86
N LEU B 118 -21.25 38.93 -16.35
CA LEU B 118 -22.13 39.49 -17.37
C LEU B 118 -23.10 40.54 -16.82
N TYR B 119 -23.54 40.35 -15.58
CA TYR B 119 -24.34 41.35 -14.86
C TYR B 119 -23.51 42.58 -14.54
N GLU B 120 -22.23 42.37 -14.25
CA GLU B 120 -21.29 43.47 -14.04
C GLU B 120 -20.57 43.90 -15.33
N LYS B 121 -20.92 43.24 -16.44
CA LYS B 121 -20.44 43.63 -17.77
C LYS B 121 -21.40 44.63 -18.40
N VAL B 122 -22.58 44.78 -17.79
CA VAL B 122 -23.58 45.73 -18.26
C VAL B 122 -23.41 47.09 -17.56
N LYS B 123 -23.04 47.04 -16.28
CA LYS B 123 -22.83 48.25 -15.48
C LYS B 123 -21.54 48.99 -15.86
N SER B 124 -20.48 48.24 -16.12
CA SER B 124 -19.12 48.77 -16.21
C SER B 124 -18.80 49.73 -17.36
N GLN B 125 -19.78 49.99 -18.23
CA GLN B 125 -19.57 50.93 -19.35
C GLN B 125 -20.62 52.04 -19.43
N LEU B 126 -21.90 51.65 -19.34
CA LEU B 126 -23.02 52.56 -19.61
C LEU B 126 -23.53 53.32 -18.39
N LYS B 127 -23.09 52.91 -17.20
CA LYS B 127 -23.49 53.55 -15.94
C LYS B 127 -25.00 53.80 -15.80
N ASN B 128 -25.36 54.80 -15.01
CA ASN B 128 -26.75 55.06 -14.66
C ASN B 128 -27.55 55.94 -15.63
N ASN B 129 -27.73 55.41 -16.85
CA ASN B 129 -28.81 55.82 -17.74
C ASN B 129 -29.79 54.65 -17.82
N ALA B 130 -29.74 53.82 -16.78
CA ALA B 130 -30.62 52.67 -16.62
C ALA B 130 -30.90 52.52 -15.12
N LYS B 131 -32.11 52.08 -14.79
CA LYS B 131 -32.51 51.88 -13.40
C LYS B 131 -31.91 50.57 -12.89
N GLU B 132 -31.20 50.67 -11.77
CA GLU B 132 -30.45 49.54 -11.22
C GLU B 132 -31.21 48.81 -10.11
N ILE B 133 -31.78 47.66 -10.45
CA ILE B 133 -32.53 46.83 -9.50
C ILE B 133 -31.90 45.44 -9.27
N GLY B 134 -32.55 44.62 -8.46
CA GLY B 134 -32.00 43.35 -8.00
C GLY B 134 -32.05 42.18 -8.96
N ASN B 135 -33.18 42.03 -9.67
CA ASN B 135 -33.45 40.88 -10.55
C ASN B 135 -32.35 40.51 -11.56
N GLY B 136 -31.58 41.50 -11.99
CA GLY B 136 -30.54 41.27 -13.00
C GLY B 136 -31.00 41.69 -14.38
N CYS B 137 -31.96 42.61 -14.41
CA CYS B 137 -32.51 43.13 -15.64
C CYS B 137 -32.72 44.64 -15.50
N PHE B 138 -32.12 45.40 -16.40
CA PHE B 138 -32.21 46.86 -16.37
C PHE B 138 -32.96 47.43 -17.56
N GLU B 139 -33.78 48.44 -17.31
CA GLU B 139 -34.50 49.17 -18.36
C GLU B 139 -33.59 50.17 -19.05
N PHE B 140 -34.03 50.71 -20.18
CA PHE B 140 -33.23 51.70 -20.91
C PHE B 140 -34.01 52.90 -21.44
N TYR B 141 -33.58 54.09 -21.02
CA TYR B 141 -34.23 55.35 -21.37
C TYR B 141 -34.34 55.51 -22.89
N HIS B 142 -33.21 55.68 -23.56
CA HIS B 142 -33.19 55.66 -25.02
C HIS B 142 -33.21 54.22 -25.45
N LYS B 143 -34.32 53.83 -26.07
CA LYS B 143 -34.61 52.44 -26.38
C LYS B 143 -33.92 51.98 -27.66
N CYS B 144 -33.13 50.92 -27.57
CA CYS B 144 -32.29 50.48 -28.68
C CYS B 144 -32.70 49.11 -29.24
N ASN B 145 -32.74 49.03 -30.57
CA ASN B 145 -33.32 47.88 -31.28
C ASN B 145 -32.34 46.77 -31.66
N ASP B 146 -32.84 45.81 -32.45
CA ASP B 146 -32.12 44.57 -32.82
C ASP B 146 -30.67 44.75 -33.28
N GLU B 147 -30.35 45.93 -33.81
CA GLU B 147 -28.98 46.25 -34.21
C GLU B 147 -28.12 46.55 -32.98
N CYS B 148 -28.62 47.40 -32.09
CA CYS B 148 -27.85 47.90 -30.97
C CYS B 148 -28.20 47.23 -29.62
N MET B 149 -29.27 46.45 -29.65
CA MET B 149 -29.54 45.48 -28.58
C MET B 149 -28.60 44.29 -28.81
N GLU B 150 -28.21 44.08 -30.07
CA GLU B 150 -27.12 43.18 -30.43
C GLU B 150 -25.76 43.81 -30.08
N SER B 151 -25.74 45.13 -29.89
CA SER B 151 -24.51 45.82 -29.49
C SER B 151 -24.31 45.81 -27.98
N VAL B 152 -25.17 45.10 -27.27
CA VAL B 152 -24.99 44.80 -25.84
C VAL B 152 -24.00 43.62 -25.70
N LYS B 153 -24.11 42.66 -26.62
CA LYS B 153 -23.30 41.44 -26.63
C LYS B 153 -21.80 41.70 -26.46
N ASN B 154 -21.30 42.68 -27.19
CA ASN B 154 -19.88 43.05 -27.15
C ASN B 154 -19.59 44.27 -26.27
N GLY B 155 -20.60 45.10 -26.06
CA GLY B 155 -20.48 46.26 -25.18
C GLY B 155 -20.18 47.56 -25.90
N THR B 156 -20.77 47.73 -27.09
CA THR B 156 -20.59 48.95 -27.89
C THR B 156 -21.79 49.90 -27.75
N TYR B 157 -21.59 50.98 -26.99
CA TYR B 157 -22.64 51.96 -26.74
C TYR B 157 -22.18 53.41 -26.77
N ASP B 158 -23.14 54.31 -27.04
CA ASP B 158 -22.89 55.73 -27.28
C ASP B 158 -22.26 56.48 -26.10
N TYR B 159 -23.01 56.64 -25.02
CA TYR B 159 -22.57 57.44 -23.88
C TYR B 159 -22.97 56.80 -22.53
N PRO B 160 -22.41 57.29 -21.41
CA PRO B 160 -22.82 56.86 -20.08
C PRO B 160 -24.28 57.20 -19.78
N ASP C 5 -28.94 57.40 12.08
CA ASP C 5 -29.56 56.61 10.96
C ASP C 5 -28.51 55.96 10.07
N THR C 6 -27.82 54.97 10.64
CA THR C 6 -26.69 54.32 9.98
C THR C 6 -26.95 52.84 9.65
N ILE C 7 -26.13 52.30 8.75
CA ILE C 7 -26.18 50.89 8.38
C ILE C 7 -24.79 50.27 8.52
N CYS C 8 -24.52 49.67 9.68
CA CYS C 8 -23.26 48.96 9.89
C CYS C 8 -23.45 47.49 10.23
N ILE C 9 -23.10 46.64 9.26
CA ILE C 9 -23.34 45.20 9.29
C ILE C 9 -22.01 44.43 9.29
N GLY C 10 -21.98 43.30 10.01
CA GLY C 10 -20.75 42.52 10.13
C GLY C 10 -20.90 41.04 10.46
N TYR C 11 -19.88 40.50 11.14
CA TYR C 11 -19.78 39.06 11.39
C TYR C 11 -19.18 38.74 12.76
N HIS C 12 -19.42 37.51 13.22
CA HIS C 12 -19.15 37.05 14.60
C HIS C 12 -17.75 37.23 15.14
N ALA C 13 -17.64 37.31 16.46
CA ALA C 13 -16.35 37.40 17.17
C ALA C 13 -16.46 37.01 18.65
N ASN C 14 -16.67 35.72 18.91
CA ASN C 14 -16.91 35.24 20.27
C ASN C 14 -15.65 35.06 21.14
N ASN C 15 -15.84 34.39 22.27
CA ASN C 15 -14.83 34.21 23.32
C ASN C 15 -13.58 33.40 22.92
N SER C 16 -13.74 32.49 21.96
CA SER C 16 -12.69 31.52 21.61
C SER C 16 -11.35 32.12 21.18
N THR C 17 -10.31 31.76 21.93
CA THR C 17 -8.93 32.13 21.61
C THR C 17 -8.26 31.01 20.80
N ASP C 18 -9.10 30.17 20.18
CA ASP C 18 -8.66 28.98 19.45
C ASP C 18 -7.99 29.34 18.12
N THR C 19 -7.10 28.47 17.65
CA THR C 19 -6.26 28.74 16.48
C THR C 19 -6.32 27.64 15.42
N VAL C 20 -5.94 27.98 14.19
CA VAL C 20 -5.91 27.04 13.05
C VAL C 20 -4.90 27.49 11.99
N ASP C 21 -4.28 26.53 11.30
CA ASP C 21 -3.34 26.82 10.21
C ASP C 21 -3.93 26.52 8.85
N THR C 22 -3.65 27.40 7.89
CA THR C 22 -4.11 27.24 6.50
C THR C 22 -2.96 27.36 5.50
N VAL C 23 -3.27 27.12 4.23
CA VAL C 23 -2.28 27.18 3.15
C VAL C 23 -1.75 28.60 2.92
N LEU C 24 -2.65 29.58 2.95
CA LEU C 24 -2.29 30.97 2.65
C LEU C 24 -1.81 31.77 3.87
N GLU C 25 -2.18 31.32 5.06
CA GLU C 25 -1.60 31.85 6.30
C GLU C 25 -1.80 30.91 7.48
N LYS C 26 -1.02 31.16 8.54
CA LYS C 26 -1.04 30.31 9.73
C LYS C 26 -1.62 31.06 10.93
N ASN C 27 -1.76 30.35 12.06
CA ASN C 27 -2.17 30.92 13.34
C ASN C 27 -3.53 31.64 13.34
N VAL C 28 -4.38 31.30 12.38
CA VAL C 28 -5.70 31.93 12.22
C VAL C 28 -6.59 31.67 13.44
N THR C 29 -6.86 32.72 14.20
CA THR C 29 -7.76 32.63 15.34
C THR C 29 -9.20 32.46 14.84
N VAL C 30 -9.86 31.43 15.33
CA VAL C 30 -11.19 31.02 14.84
C VAL C 30 -12.28 31.29 15.88
N THR C 31 -13.53 31.06 15.49
CA THR C 31 -14.68 31.22 16.38
C THR C 31 -15.10 29.91 17.06
N HIS C 32 -15.09 28.81 16.31
CA HIS C 32 -15.48 27.49 16.84
C HIS C 32 -14.86 26.34 16.09
N SER C 33 -13.68 25.90 16.56
CA SER C 33 -12.90 24.86 15.88
C SER C 33 -13.29 23.44 16.32
N VAL C 34 -13.18 22.49 15.39
CA VAL C 34 -13.49 21.08 15.64
C VAL C 34 -12.33 20.18 15.22
N ASN C 35 -11.90 19.30 16.12
CA ASN C 35 -10.81 18.37 15.85
C ASN C 35 -11.26 17.24 14.93
N LEU C 36 -10.42 16.93 13.95
CA LEU C 36 -10.68 15.89 12.96
C LEU C 36 -9.85 14.63 13.25
N LEU C 37 -9.05 14.71 14.32
CA LEU C 37 -8.11 13.66 14.68
C LEU C 37 -8.29 13.18 16.13
N GLU C 38 -8.61 11.90 16.27
CA GLU C 38 -8.70 11.27 17.59
C GLU C 38 -7.30 11.04 18.17
N ASP C 39 -7.02 11.74 19.27
CA ASP C 39 -5.75 11.59 19.97
C ASP C 39 -5.90 10.79 21.26
N SER C 40 -7.12 10.31 21.50
CA SER C 40 -7.53 9.83 22.81
C SER C 40 -7.65 8.31 22.96
N HIS C 41 -6.68 7.70 23.64
CA HIS C 41 -6.77 6.29 24.00
C HIS C 41 -7.05 6.10 25.47
N ASN C 42 -8.10 5.36 25.77
CA ASN C 42 -8.59 5.22 27.15
C ASN C 42 -7.65 4.45 28.10
N GLY C 43 -6.43 4.17 27.63
CA GLY C 43 -5.43 3.42 28.42
C GLY C 43 -6.02 2.23 29.15
N LYS C 44 -6.80 1.44 28.42
CA LYS C 44 -7.53 0.32 29.00
C LYS C 44 -7.89 -0.67 27.90
N LEU C 45 -7.83 -1.95 28.24
CA LEU C 45 -8.22 -2.99 27.30
C LEU C 45 -9.74 -3.15 27.29
N CYS C 46 -10.28 -3.54 26.13
CA CYS C 46 -11.72 -3.57 25.92
C CYS C 46 -12.22 -4.84 25.25
N LEU C 47 -13.54 -4.98 25.20
CA LEU C 47 -14.19 -5.97 24.36
C LEU C 47 -14.25 -5.37 22.96
N LEU C 48 -14.13 -6.22 21.95
CA LEU C 48 -14.06 -5.76 20.56
C LEU C 48 -14.99 -6.58 19.66
N LYS C 49 -15.69 -5.89 18.76
CA LYS C 49 -16.70 -6.49 17.87
C LYS C 49 -17.77 -7.27 18.64
N GLY C 50 -18.30 -6.64 19.69
CA GLY C 50 -19.34 -7.23 20.53
C GLY C 50 -18.83 -8.32 21.47
N ILE C 51 -17.80 -9.04 21.05
CA ILE C 51 -17.30 -10.22 21.77
C ILE C 51 -16.06 -9.91 22.60
N ALA C 52 -16.04 -10.45 23.82
CA ALA C 52 -14.89 -10.38 24.72
C ALA C 52 -13.63 -11.00 24.11
N PRO C 53 -12.44 -10.60 24.62
CA PRO C 53 -11.19 -11.25 24.23
C PRO C 53 -10.72 -12.31 25.23
N LEU C 54 -9.58 -12.95 24.92
CA LEU C 54 -9.05 -14.06 25.71
C LEU C 54 -8.20 -13.56 26.89
N GLN C 55 -7.75 -14.51 27.71
CA GLN C 55 -6.83 -14.26 28.82
C GLN C 55 -5.68 -15.26 28.81
N LEU C 56 -4.53 -14.82 29.32
CA LEU C 56 -3.33 -15.66 29.38
C LEU C 56 -2.52 -15.39 30.63
N GLY C 57 -2.37 -14.11 30.98
CA GLY C 57 -1.53 -13.69 32.10
C GLY C 57 -0.08 -13.51 31.68
N ASN C 58 0.84 -14.16 32.40
CA ASN C 58 2.24 -14.19 32.01
C ASN C 58 2.40 -15.00 30.74
N CYS C 59 1.62 -16.08 30.66
CA CYS C 59 1.67 -17.05 29.57
C CYS C 59 1.44 -16.43 28.19
N SER C 60 2.26 -16.85 27.22
CA SER C 60 2.12 -16.39 25.84
C SER C 60 1.96 -17.58 24.90
N VAL C 61 0.76 -17.73 24.35
CA VAL C 61 0.38 -18.85 23.47
C VAL C 61 0.80 -20.22 24.02
N ALA C 62 2.10 -20.55 23.93
CA ALA C 62 2.65 -21.82 24.43
C ALA C 62 2.08 -22.23 25.78
N GLY C 63 1.86 -21.25 26.66
CA GLY C 63 1.16 -21.46 27.92
C GLY C 63 -0.36 -21.39 27.75
N TRP C 64 -0.86 -22.04 26.70
CA TRP C 64 -2.29 -22.26 26.53
C TRP C 64 -2.53 -23.50 25.73
N ILE C 65 -2.14 -23.45 24.45
CA ILE C 65 -2.31 -24.57 23.49
C ILE C 65 -1.58 -25.83 23.93
N LEU C 66 -0.45 -25.64 24.62
CA LEU C 66 0.31 -26.74 25.19
C LEU C 66 -0.07 -26.93 26.65
N GLY C 67 -0.57 -25.85 27.26
CA GLY C 67 -1.02 -25.90 28.65
C GLY C 67 0.13 -26.08 29.62
N ASN C 68 1.03 -25.10 29.66
CA ASN C 68 2.09 -25.05 30.65
C ASN C 68 1.49 -24.90 32.05
N PRO C 69 1.82 -25.83 32.97
CA PRO C 69 1.26 -25.81 34.31
C PRO C 69 1.82 -24.70 35.22
N GLU C 70 1.91 -23.48 34.68
CA GLU C 70 2.34 -22.32 35.48
C GLU C 70 1.25 -21.25 35.59
N CYS C 71 0.29 -21.28 34.66
CA CYS C 71 -0.88 -20.42 34.75
C CYS C 71 -2.17 -21.23 34.91
N GLU C 72 -2.44 -21.63 36.15
CA GLU C 72 -3.67 -22.32 36.54
C GLU C 72 -4.90 -21.51 36.14
N LEU C 73 -4.64 -20.25 35.80
CA LEU C 73 -5.61 -19.27 35.31
C LEU C 73 -6.66 -19.86 34.36
N LEU C 74 -6.20 -20.66 33.39
CA LEU C 74 -7.04 -21.02 32.24
C LEU C 74 -7.62 -22.43 32.33
N ILE C 75 -8.93 -22.47 32.60
CA ILE C 75 -9.67 -23.72 32.79
C ILE C 75 -10.81 -23.82 31.77
N SER C 76 -11.64 -22.78 31.71
CA SER C 76 -12.79 -22.76 30.81
C SER C 76 -12.87 -21.42 30.06
N LYS C 77 -12.74 -21.48 28.74
CA LYS C 77 -12.77 -20.29 27.89
C LYS C 77 -13.68 -20.46 26.68
N GLU C 78 -14.53 -19.45 26.45
CA GLU C 78 -15.63 -19.54 25.49
C GLU C 78 -15.20 -19.11 24.07
N SER C 79 -15.21 -17.80 23.81
CA SER C 79 -14.88 -17.26 22.49
C SER C 79 -14.27 -15.87 22.57
N TRP C 80 -13.27 -15.62 21.73
CA TRP C 80 -12.65 -14.30 21.66
C TRP C 80 -12.55 -13.78 20.26
N SER C 81 -12.64 -12.44 20.14
CA SER C 81 -12.47 -11.75 18.87
C SER C 81 -10.99 -11.57 18.57
N TYR C 82 -10.19 -11.37 19.61
CA TYR C 82 -8.75 -11.18 19.50
C TYR C 82 -8.06 -11.61 20.79
N ILE C 83 -6.73 -11.64 20.79
CA ILE C 83 -5.98 -12.11 21.95
C ILE C 83 -5.22 -11.00 22.67
N VAL C 84 -5.35 -10.99 24.00
CA VAL C 84 -4.51 -10.16 24.87
C VAL C 84 -3.32 -11.00 25.33
N GLU C 85 -2.27 -10.34 25.84
CA GLU C 85 -1.11 -11.02 26.41
C GLU C 85 -0.30 -10.05 27.28
N LYS C 86 0.88 -10.50 27.70
CA LYS C 86 1.81 -9.65 28.42
C LYS C 86 3.20 -9.74 27.76
N PRO C 87 3.89 -8.61 27.60
CA PRO C 87 5.27 -8.61 27.13
C PRO C 87 6.27 -8.82 28.28
N ASN C 88 5.93 -9.74 29.18
CA ASN C 88 6.74 -10.02 30.37
C ASN C 88 7.06 -11.51 30.60
N PRO C 89 6.54 -12.42 29.74
CA PRO C 89 6.46 -13.84 30.11
C PRO C 89 7.78 -14.41 30.66
N GLU C 90 7.73 -14.87 31.90
CA GLU C 90 8.86 -15.56 32.53
C GLU C 90 8.62 -17.07 32.50
N ASN C 91 7.35 -17.46 32.50
CA ASN C 91 6.96 -18.86 32.35
C ASN C 91 5.83 -19.06 31.33
N GLY C 92 6.20 -19.60 30.17
CA GLY C 92 5.27 -19.88 29.08
C GLY C 92 5.52 -21.21 28.40
N THR C 93 6.77 -21.68 28.48
CA THR C 93 7.17 -22.96 27.90
C THR C 93 7.93 -23.76 28.95
N CYS C 94 7.45 -24.97 29.23
CA CYS C 94 8.06 -25.85 30.22
C CYS C 94 9.44 -26.35 29.78
N TYR C 95 9.43 -27.44 29.02
CA TYR C 95 10.64 -28.10 28.58
C TYR C 95 11.17 -27.34 27.35
N PRO C 96 12.43 -26.87 27.42
CA PRO C 96 13.03 -26.11 26.33
C PRO C 96 12.84 -26.81 24.99
N GLY C 97 12.59 -26.01 23.96
CA GLY C 97 12.37 -26.54 22.62
C GLY C 97 11.96 -25.46 21.65
N HIS C 98 12.09 -25.76 20.35
CA HIS C 98 11.67 -24.85 19.32
C HIS C 98 10.26 -25.16 18.89
N PHE C 99 9.49 -24.09 18.70
CA PHE C 99 8.11 -24.22 18.27
C PHE C 99 8.04 -23.89 16.77
N ALA C 100 7.87 -24.93 15.96
CA ALA C 100 7.77 -24.79 14.52
C ALA C 100 6.62 -23.86 14.15
N ASP C 101 6.89 -22.92 13.26
CA ASP C 101 5.92 -21.93 12.78
C ASP C 101 5.17 -21.22 13.93
N TYR C 102 5.93 -20.68 14.89
CA TYR C 102 5.34 -19.94 16.02
C TYR C 102 5.10 -18.47 15.70
N GLU C 103 4.20 -18.24 14.75
CA GLU C 103 3.67 -16.92 14.44
C GLU C 103 2.48 -17.14 13.52
N GLU C 104 2.61 -18.16 12.68
CA GLU C 104 1.58 -18.56 11.75
C GLU C 104 0.31 -19.02 12.47
N LEU C 105 0.46 -19.86 13.49
CA LEU C 105 -0.67 -20.25 14.33
C LEU C 105 -1.12 -19.10 15.22
N ARG C 106 -0.17 -18.26 15.62
CA ARG C 106 -0.47 -17.03 16.34
C ARG C 106 -1.34 -16.10 15.50
N GLU C 107 -1.34 -16.34 14.18
CA GLU C 107 -2.20 -15.60 13.28
C GLU C 107 -3.56 -16.30 13.15
N GLN C 108 -3.58 -17.60 13.39
CA GLN C 108 -4.80 -18.41 13.27
C GLN C 108 -5.59 -18.62 14.57
N LEU C 109 -5.01 -18.25 15.71
CA LEU C 109 -5.72 -18.34 16.99
C LEU C 109 -6.30 -16.99 17.41
N SER C 110 -6.22 -16.00 16.52
CA SER C 110 -6.64 -14.63 16.82
C SER C 110 -8.15 -14.45 16.85
N SER C 111 -8.83 -14.78 15.75
CA SER C 111 -10.29 -14.72 15.68
C SER C 111 -10.88 -16.12 15.52
N VAL C 112 -11.58 -16.55 16.57
CA VAL C 112 -12.12 -17.93 16.65
C VAL C 112 -13.46 -17.95 17.37
N SER C 113 -14.42 -18.65 16.78
CA SER C 113 -15.78 -18.73 17.32
C SER C 113 -15.91 -19.72 18.49
N SER C 114 -15.22 -20.86 18.40
CA SER C 114 -15.37 -21.91 19.42
C SER C 114 -14.06 -22.67 19.66
N PHE C 115 -13.87 -23.12 20.90
CA PHE C 115 -12.72 -23.96 21.28
C PHE C 115 -13.07 -24.88 22.44
N GLU C 116 -12.61 -26.13 22.36
CA GLU C 116 -12.92 -27.13 23.38
C GLU C 116 -11.72 -28.03 23.65
N ARG C 117 -11.41 -28.23 24.93
CA ARG C 117 -10.43 -29.24 25.33
C ARG C 117 -11.11 -30.61 25.38
N PHE C 118 -10.64 -31.54 24.55
CA PHE C 118 -11.16 -32.91 24.59
C PHE C 118 -10.07 -33.97 24.39
N GLU C 119 -10.11 -34.99 25.25
CA GLU C 119 -9.18 -36.12 25.19
C GLU C 119 -9.30 -36.86 23.85
N MET C 120 -8.47 -36.44 22.90
CA MET C 120 -8.37 -37.05 21.57
C MET C 120 -8.18 -38.57 21.67
N PHE C 121 -7.12 -38.98 22.36
CA PHE C 121 -6.93 -40.37 22.72
C PHE C 121 -6.98 -40.44 24.24
N PRO C 122 -8.05 -41.03 24.80
CA PRO C 122 -8.26 -41.10 26.25
C PRO C 122 -7.05 -41.65 27.01
N LYS C 123 -6.55 -40.87 27.97
CA LYS C 123 -5.39 -41.24 28.80
C LYS C 123 -5.49 -42.66 29.34
N GLU C 124 -6.70 -43.05 29.73
CA GLU C 124 -7.01 -44.42 30.09
C GLU C 124 -6.90 -45.36 28.87
N SER C 125 -5.97 -46.31 28.95
CA SER C 125 -5.78 -47.37 27.95
C SER C 125 -5.90 -46.97 26.46
N SER C 126 -5.43 -45.77 26.12
CA SER C 126 -5.18 -45.44 24.72
C SER C 126 -3.80 -45.94 24.34
N TRP C 127 -2.87 -45.90 25.29
CA TRP C 127 -1.53 -46.44 25.09
C TRP C 127 -1.19 -47.56 26.03
N PRO C 128 -1.57 -48.80 25.64
CA PRO C 128 -0.83 -49.94 26.17
C PRO C 128 0.55 -49.92 25.51
N ASN C 129 1.35 -50.95 25.73
CA ASN C 129 2.71 -51.02 25.18
C ASN C 129 3.50 -49.70 25.23
N HIS C 130 3.15 -48.85 26.20
CA HIS C 130 3.82 -47.56 26.44
C HIS C 130 3.71 -47.13 27.87
N THR C 131 4.80 -46.61 28.42
CA THR C 131 4.84 -46.12 29.79
C THR C 131 4.76 -44.59 29.80
N VAL C 132 3.76 -44.07 30.51
CA VAL C 132 3.60 -42.63 30.67
C VAL C 132 4.64 -42.15 31.69
N THR C 133 4.20 -41.97 32.95
CA THR C 133 5.06 -41.57 34.07
C THR C 133 5.91 -40.30 33.85
N GLY C 134 6.00 -39.85 32.61
CA GLY C 134 6.92 -38.79 32.21
C GLY C 134 6.59 -37.40 32.73
N VAL C 135 7.46 -36.90 33.60
CA VAL C 135 7.40 -35.53 34.12
C VAL C 135 8.80 -34.90 34.08
N SER C 136 8.87 -33.58 34.29
CA SER C 136 10.16 -32.88 34.29
C SER C 136 10.24 -31.76 35.34
N ALA C 137 11.46 -31.48 35.80
CA ALA C 137 11.72 -30.45 36.79
C ALA C 137 11.63 -29.04 36.20
N SER C 138 11.66 -28.95 34.88
CA SER C 138 11.58 -27.67 34.17
C SER C 138 10.21 -27.00 34.34
N CYS C 139 9.20 -27.80 34.67
CA CYS C 139 7.84 -27.34 34.89
C CYS C 139 7.16 -28.07 36.04
N SER C 140 7.44 -27.61 37.26
CA SER C 140 6.82 -28.16 38.46
C SER C 140 5.96 -27.09 39.12
N HIS C 141 4.69 -27.42 39.37
CA HIS C 141 3.76 -26.46 39.98
C HIS C 141 3.77 -26.56 41.48
N ASN C 142 4.67 -25.80 42.09
CA ASN C 142 4.83 -25.72 43.55
C ASN C 142 5.05 -27.09 44.24
N GLY C 143 6.30 -27.42 44.48
CA GLY C 143 6.65 -28.70 45.12
C GLY C 143 7.02 -29.76 44.10
N LYS C 144 6.33 -30.91 44.18
CA LYS C 144 6.64 -32.05 43.31
C LYS C 144 6.23 -31.86 41.84
N SER C 145 7.00 -32.51 40.95
CA SER C 145 7.06 -32.15 39.53
C SER C 145 5.85 -32.49 38.66
N SER C 146 5.89 -31.98 37.43
CA SER C 146 4.77 -32.03 36.50
C SER C 146 5.24 -31.92 35.04
N PHE C 147 4.28 -32.07 34.12
CA PHE C 147 4.49 -31.74 32.71
C PHE C 147 3.24 -31.01 32.22
N TYR C 148 3.12 -30.80 30.91
CA TYR C 148 2.04 -29.99 30.32
C TYR C 148 0.62 -30.46 30.68
N LYS C 149 -0.35 -29.56 30.48
CA LYS C 149 -1.77 -29.86 30.70
C LYS C 149 -2.42 -30.43 29.44
N ASN C 150 -1.76 -30.30 28.29
CA ASN C 150 -2.36 -30.69 27.01
C ASN C 150 -1.69 -31.85 26.27
N LEU C 151 -0.55 -32.30 26.78
CA LEU C 151 0.17 -33.42 26.15
C LEU C 151 0.69 -34.47 27.14
N LEU C 152 1.35 -35.49 26.59
CA LEU C 152 1.80 -36.66 27.34
C LEU C 152 3.32 -36.87 27.25
N TRP C 153 3.79 -37.99 27.80
CA TRP C 153 5.15 -38.45 27.57
C TRP C 153 5.18 -39.93 27.28
N LEU C 154 5.09 -40.27 25.99
CA LEU C 154 5.14 -41.67 25.55
C LEU C 154 6.57 -42.23 25.63
N THR C 155 7.01 -42.45 26.86
CA THR C 155 8.30 -43.05 27.15
C THR C 155 8.21 -44.55 26.89
N GLY C 156 9.34 -45.18 26.56
CA GLY C 156 9.40 -46.62 26.31
C GLY C 156 9.05 -47.46 27.52
N LYS C 157 8.33 -48.55 27.28
CA LYS C 157 7.78 -49.39 28.35
C LYS C 157 8.66 -50.60 28.71
N ASN C 158 8.78 -50.85 30.00
CA ASN C 158 9.54 -51.99 30.54
C ASN C 158 10.91 -52.18 29.86
N GLY C 159 10.98 -53.10 28.91
CA GLY C 159 12.21 -53.39 28.19
C GLY C 159 11.99 -53.53 26.69
N LEU C 160 11.07 -52.72 26.17
CA LEU C 160 10.73 -52.73 24.74
C LEU C 160 10.38 -51.33 24.23
N TYR C 161 10.17 -51.24 22.92
CA TYR C 161 9.43 -50.14 22.29
C TYR C 161 8.87 -50.69 20.97
N PRO C 162 7.63 -51.20 21.00
CA PRO C 162 7.08 -51.96 19.87
C PRO C 162 6.52 -51.08 18.75
N ASN C 163 6.26 -51.69 17.59
CA ASN C 163 5.68 -51.00 16.45
C ASN C 163 4.16 -50.89 16.57
N LEU C 164 3.66 -49.69 16.31
CA LEU C 164 2.26 -49.35 16.57
C LEU C 164 1.80 -48.16 15.74
N SER C 165 0.48 -47.98 15.69
CA SER C 165 -0.14 -46.82 15.07
C SER C 165 -1.49 -46.53 15.75
N LYS C 166 -1.87 -45.25 15.79
CA LYS C 166 -3.13 -44.85 16.41
C LYS C 166 -3.73 -43.64 15.70
N SER C 167 -5.03 -43.73 15.39
CA SER C 167 -5.69 -42.76 14.51
C SER C 167 -6.66 -41.83 15.22
N TYR C 168 -7.01 -40.73 14.54
CA TYR C 168 -8.12 -39.87 14.96
C TYR C 168 -8.92 -39.43 13.73
N ALA C 169 -10.17 -39.85 13.68
CA ALA C 169 -11.05 -39.54 12.56
C ALA C 169 -11.57 -38.11 12.64
N ASN C 170 -12.04 -37.59 11.51
CA ASN C 170 -12.62 -36.24 11.43
C ASN C 170 -13.96 -36.14 12.17
N ASN C 171 -13.91 -36.24 13.49
CA ASN C 171 -15.12 -36.33 14.31
C ASN C 171 -15.97 -35.06 14.32
N LYS C 172 -15.52 -34.06 15.10
CA LYS C 172 -16.32 -32.87 15.39
C LYS C 172 -16.58 -31.91 14.22
N GLU C 173 -17.18 -32.44 13.16
CA GLU C 173 -17.63 -31.67 11.99
C GLU C 173 -16.66 -30.58 11.55
N LYS C 174 -16.75 -29.41 12.20
CA LYS C 174 -15.81 -28.30 11.98
C LYS C 174 -14.37 -28.61 12.46
N GLU C 175 -13.49 -27.61 12.37
CA GLU C 175 -12.04 -27.84 12.51
C GLU C 175 -11.57 -28.20 13.92
N VAL C 176 -10.43 -28.91 13.98
CA VAL C 176 -9.79 -29.32 15.22
C VAL C 176 -8.28 -29.05 15.16
N LEU C 177 -7.73 -28.54 16.26
CA LEU C 177 -6.30 -28.19 16.32
C LEU C 177 -5.42 -29.40 16.65
N VAL C 178 -4.84 -29.99 15.61
CA VAL C 178 -4.00 -31.18 15.75
C VAL C 178 -2.50 -30.84 15.82
N LEU C 179 -1.92 -31.09 17.00
CA LEU C 179 -0.49 -30.88 17.22
C LEU C 179 0.18 -32.24 17.45
N TRP C 180 1.50 -32.22 17.64
CA TRP C 180 2.27 -33.40 18.01
C TRP C 180 3.73 -33.06 18.12
N GLY C 181 4.38 -33.63 19.13
CA GLY C 181 5.81 -33.39 19.36
C GLY C 181 6.72 -34.44 18.77
N VAL C 182 8.02 -34.23 18.95
CA VAL C 182 9.06 -35.18 18.53
C VAL C 182 10.16 -35.12 19.59
N HIS C 183 10.49 -36.27 20.17
CA HIS C 183 11.44 -36.30 21.30
C HIS C 183 12.85 -36.44 20.89
N HIS C 184 13.66 -35.43 21.23
CA HIS C 184 15.07 -35.41 20.92
C HIS C 184 15.85 -35.62 22.20
N PRO C 185 16.43 -36.82 22.37
CA PRO C 185 17.06 -37.24 23.64
C PRO C 185 18.43 -36.61 23.90
N PRO C 186 18.81 -36.48 25.19
CA PRO C 186 20.10 -35.87 25.57
C PRO C 186 21.32 -36.75 25.34
N ASN C 187 21.40 -37.88 26.04
CA ASN C 187 22.53 -38.81 25.91
C ASN C 187 22.15 -39.98 24.99
N ILE C 188 23.16 -40.56 24.33
CA ILE C 188 22.97 -41.78 23.55
C ILE C 188 22.38 -42.87 24.44
N GLY C 189 22.80 -42.87 25.71
CA GLY C 189 22.30 -43.78 26.73
C GLY C 189 20.95 -43.39 27.29
N ASP C 190 20.69 -42.08 27.37
CA ASP C 190 19.40 -41.56 27.81
C ASP C 190 18.33 -41.79 26.74
N GLN C 191 18.78 -41.88 25.49
CA GLN C 191 17.94 -42.29 24.36
C GLN C 191 17.47 -43.73 24.52
N ARG C 192 18.43 -44.62 24.81
CA ARG C 192 18.17 -46.04 24.93
C ARG C 192 17.45 -46.37 26.23
N ALA C 193 17.66 -45.53 27.24
CA ALA C 193 17.03 -45.70 28.55
C ALA C 193 15.52 -45.62 28.44
N LEU C 194 15.04 -44.91 27.42
CA LEU C 194 13.63 -44.64 27.24
C LEU C 194 13.07 -45.27 25.96
N TYR C 195 13.60 -44.85 24.81
CA TYR C 195 12.97 -45.13 23.52
C TYR C 195 13.53 -46.32 22.73
N HIS C 196 14.50 -47.02 23.34
CA HIS C 196 15.04 -48.28 22.80
C HIS C 196 15.54 -48.21 21.38
N THR C 197 14.77 -48.78 20.44
CA THR C 197 15.16 -48.85 19.02
C THR C 197 15.85 -47.58 18.51
N GLU C 198 17.15 -47.72 18.21
CA GLU C 198 18.03 -46.58 17.90
C GLU C 198 17.97 -46.18 16.43
N ASN C 199 18.32 -44.93 16.15
CA ASN C 199 18.29 -44.36 14.79
C ASN C 199 16.94 -44.50 14.09
N ALA C 200 15.91 -44.81 14.87
CA ALA C 200 14.59 -45.15 14.35
C ALA C 200 13.80 -43.92 13.90
N TYR C 201 12.98 -44.11 12.86
CA TYR C 201 12.25 -43.01 12.22
C TYR C 201 11.01 -42.59 12.99
N VAL C 202 10.55 -41.36 12.72
CA VAL C 202 9.31 -40.84 13.27
C VAL C 202 8.54 -40.09 12.18
N SER C 203 7.28 -40.47 11.96
CA SER C 203 6.43 -39.81 10.97
C SER C 203 4.99 -39.64 11.46
N VAL C 204 4.34 -38.59 10.98
CA VAL C 204 2.93 -38.33 11.27
C VAL C 204 2.23 -37.90 9.98
N VAL C 205 1.15 -38.60 9.64
CA VAL C 205 0.49 -38.42 8.33
C VAL C 205 -0.96 -37.92 8.46
N SER C 206 -1.32 -36.99 7.57
CA SER C 206 -2.71 -36.62 7.33
C SER C 206 -3.03 -36.90 5.86
N SER C 207 -4.28 -36.65 5.45
CA SER C 207 -4.77 -36.98 4.10
C SER C 207 -3.70 -37.02 3.00
N HIS C 208 -3.01 -35.91 2.79
CA HIS C 208 -1.80 -35.90 1.97
C HIS C 208 -0.64 -35.39 2.79
N TYR C 209 0.54 -35.36 2.18
CA TYR C 209 1.80 -34.92 2.80
C TYR C 209 2.07 -35.48 4.21
N SER C 210 3.07 -36.36 4.28
CA SER C 210 3.57 -36.88 5.55
C SER C 210 4.87 -36.18 5.85
N ARG C 211 4.89 -35.41 6.93
CA ARG C 211 6.09 -34.67 7.32
C ARG C 211 7.13 -35.61 7.90
N LYS C 212 8.28 -35.66 7.24
CA LYS C 212 9.40 -36.48 7.69
C LYS C 212 10.22 -35.68 8.70
N PHE C 213 10.27 -36.17 9.94
CA PHE C 213 11.08 -35.52 10.98
C PHE C 213 12.01 -36.50 11.68
N THR C 214 13.24 -36.05 11.90
CA THR C 214 14.32 -36.89 12.38
C THR C 214 14.84 -36.44 13.76
N PRO C 215 15.03 -37.40 14.68
CA PRO C 215 15.59 -37.09 16.00
C PRO C 215 17.09 -36.85 15.94
N GLU C 216 17.51 -35.64 16.30
CA GLU C 216 18.92 -35.32 16.44
C GLU C 216 19.31 -35.71 17.87
N ILE C 217 20.25 -36.65 18.00
CA ILE C 217 20.82 -36.94 19.32
C ILE C 217 21.74 -35.79 19.71
N ALA C 218 21.28 -34.99 20.67
CA ALA C 218 21.91 -33.71 20.99
C ALA C 218 22.36 -33.61 22.44
N LYS C 219 23.64 -33.27 22.61
CA LYS C 219 24.21 -33.00 23.93
C LYS C 219 24.27 -31.48 24.14
N ARG C 220 23.26 -30.79 23.61
CA ARG C 220 23.23 -29.33 23.52
C ARG C 220 23.20 -28.58 24.86
N PRO C 221 23.48 -27.25 24.84
CA PRO C 221 23.65 -26.38 26.02
C PRO C 221 22.54 -26.45 27.07
N LYS C 222 22.82 -25.87 28.24
CA LYS C 222 21.91 -25.91 29.37
C LYS C 222 21.20 -24.58 29.60
N VAL C 223 19.87 -24.64 29.59
CA VAL C 223 19.02 -23.54 30.06
C VAL C 223 17.63 -24.07 30.47
N ARG C 224 17.50 -24.31 31.78
CA ARG C 224 16.23 -24.67 32.46
C ARG C 224 15.93 -26.18 32.59
N ASP C 225 16.85 -26.90 33.24
CA ASP C 225 16.61 -28.27 33.74
C ASP C 225 16.25 -29.33 32.69
N GLN C 226 17.09 -30.38 32.60
CA GLN C 226 16.98 -31.44 31.58
C GLN C 226 16.95 -30.89 30.16
N GLU C 227 18.13 -30.88 29.53
CA GLU C 227 18.34 -30.17 28.27
C GLU C 227 18.56 -31.08 27.07
N GLY C 228 17.84 -32.20 27.05
CA GLY C 228 17.76 -33.04 25.86
C GLY C 228 16.91 -32.34 24.82
N ARG C 229 15.91 -31.59 25.30
CA ARG C 229 14.98 -30.83 24.47
C ARG C 229 13.99 -31.67 23.66
N ILE C 230 12.99 -31.00 23.11
CA ILE C 230 11.93 -31.62 22.32
C ILE C 230 11.40 -30.64 21.27
N ASN C 231 10.85 -31.17 20.20
CA ASN C 231 10.39 -30.34 19.09
C ASN C 231 8.88 -30.37 18.95
N TYR C 232 8.27 -29.18 18.98
CA TYR C 232 6.82 -29.06 18.89
C TYR C 232 6.37 -28.77 17.46
N TYR C 233 5.42 -29.56 16.97
CA TYR C 233 4.80 -29.35 15.66
C TYR C 233 3.28 -29.31 15.79
N TRP C 234 2.62 -28.82 14.75
CA TRP C 234 1.19 -28.52 14.78
C TRP C 234 0.60 -28.55 13.40
N THR C 235 -0.74 -28.57 13.34
CA THR C 235 -1.49 -28.36 12.10
C THR C 235 -2.98 -28.13 12.47
N LEU C 236 -3.84 -27.99 11.45
CA LEU C 236 -5.27 -27.86 11.67
C LEU C 236 -6.03 -28.87 10.83
N LEU C 237 -6.78 -29.74 11.49
CA LEU C 237 -7.56 -30.75 10.78
C LEU C 237 -8.95 -30.22 10.43
N GLU C 238 -9.28 -30.29 9.15
CA GLU C 238 -10.59 -29.90 8.63
C GLU C 238 -11.61 -31.04 8.79
N PRO C 239 -12.84 -30.86 8.25
CA PRO C 239 -13.64 -32.02 7.86
C PRO C 239 -13.13 -32.62 6.54
N GLY C 240 -13.48 -33.88 6.28
CA GLY C 240 -13.06 -34.58 5.06
C GLY C 240 -11.59 -34.98 5.06
N ASP C 241 -11.19 -35.69 6.12
CA ASP C 241 -9.79 -36.11 6.30
C ASP C 241 -9.60 -37.02 7.51
N THR C 242 -8.33 -37.26 7.89
CA THR C 242 -7.97 -37.95 9.13
C THR C 242 -6.54 -37.61 9.55
N ILE C 243 -6.18 -37.98 10.78
CA ILE C 243 -4.80 -37.88 11.24
C ILE C 243 -4.28 -39.26 11.69
N ILE C 244 -3.02 -39.55 11.42
CA ILE C 244 -2.40 -40.81 11.83
C ILE C 244 -1.05 -40.60 12.53
N PHE C 245 -0.74 -41.51 13.45
CA PHE C 245 0.51 -41.49 14.19
C PHE C 245 1.28 -42.78 13.97
N GLU C 246 2.61 -42.69 14.09
CA GLU C 246 3.51 -43.85 14.04
C GLU C 246 4.83 -43.49 14.70
N ALA C 247 5.45 -44.47 15.36
CA ALA C 247 6.72 -44.26 16.05
C ALA C 247 7.45 -45.56 16.35
N ASN C 248 8.78 -45.51 16.18
CA ASN C 248 9.68 -46.53 16.73
C ASN C 248 10.42 -45.92 17.92
N GLY C 249 9.91 -44.78 18.38
CA GLY C 249 10.52 -44.03 19.48
C GLY C 249 10.36 -42.53 19.30
N ASN C 250 10.96 -41.77 20.21
CA ASN C 250 11.09 -40.32 20.12
C ASN C 250 9.83 -39.56 19.70
N LEU C 251 8.68 -39.91 20.28
CA LEU C 251 7.41 -39.27 19.91
C LEU C 251 6.59 -38.79 21.10
N ILE C 252 6.10 -37.55 20.99
CA ILE C 252 5.11 -37.02 21.91
C ILE C 252 3.79 -36.80 21.16
N ALA C 253 2.74 -37.43 21.66
CA ALA C 253 1.38 -37.15 21.20
C ALA C 253 0.74 -36.13 22.16
N PRO C 254 -0.37 -35.49 21.75
CA PRO C 254 -1.08 -34.70 22.73
C PRO C 254 -2.12 -35.52 23.49
N ARG C 255 -2.63 -34.97 24.59
CA ARG C 255 -3.71 -35.60 25.35
C ARG C 255 -4.98 -34.76 25.23
N TYR C 256 -4.85 -33.59 24.61
CA TYR C 256 -5.98 -32.68 24.40
C TYR C 256 -6.00 -32.12 22.97
N ALA C 257 -7.16 -32.25 22.31
CA ALA C 257 -7.39 -31.64 20.99
C ALA C 257 -8.35 -30.47 21.11
N PHE C 258 -8.41 -29.63 20.08
CA PHE C 258 -9.11 -28.33 20.17
C PHE C 258 -10.04 -28.02 18.99
N ALA C 259 -11.35 -28.23 19.19
CA ALA C 259 -12.35 -27.99 18.15
C ALA C 259 -12.60 -26.50 17.89
N LEU C 260 -12.46 -26.07 16.63
CA LEU C 260 -12.55 -24.65 16.28
C LEU C 260 -13.35 -24.30 15.01
N SER C 261 -13.58 -23.00 14.82
CA SER C 261 -14.26 -22.46 13.64
C SER C 261 -13.78 -21.02 13.38
N ARG C 262 -13.11 -20.81 12.25
CA ARG C 262 -12.58 -19.48 11.90
C ARG C 262 -12.39 -19.26 10.40
N GLY C 263 -12.31 -17.99 10.01
CA GLY C 263 -12.06 -17.61 8.62
C GLY C 263 -11.25 -16.32 8.47
N PHE C 264 -11.52 -15.35 9.35
CA PHE C 264 -10.89 -14.04 9.28
C PHE C 264 -9.75 -13.87 10.28
N GLY C 265 -8.65 -13.27 9.80
CA GLY C 265 -7.44 -13.12 10.61
C GLY C 265 -7.27 -11.75 11.22
N SER C 266 -7.15 -11.73 12.55
CA SER C 266 -6.97 -10.48 13.29
C SER C 266 -5.49 -10.24 13.57
N GLY C 267 -5.07 -10.49 14.80
CA GLY C 267 -3.70 -10.28 15.24
C GLY C 267 -3.54 -10.33 16.74
N ILE C 268 -2.33 -10.00 17.20
CA ILE C 268 -1.98 -10.07 18.62
C ILE C 268 -1.80 -8.66 19.21
N ILE C 269 -2.26 -8.50 20.45
CA ILE C 269 -1.98 -7.29 21.22
C ILE C 269 -1.19 -7.65 22.46
N ASN C 270 0.00 -7.06 22.61
CA ASN C 270 0.83 -7.23 23.79
C ASN C 270 0.69 -6.00 24.71
N SER C 271 -0.24 -6.10 25.65
CA SER C 271 -0.56 -4.97 26.52
C SER C 271 -0.80 -5.39 27.97
N ASN C 272 -0.28 -4.58 28.88
CA ASN C 272 -0.37 -4.82 30.32
C ASN C 272 -1.56 -4.14 30.99
N ALA C 273 -2.13 -3.14 30.31
CA ALA C 273 -3.29 -2.40 30.80
C ALA C 273 -4.40 -3.34 31.28
N PRO C 274 -5.10 -2.97 32.38
CA PRO C 274 -6.16 -3.81 32.91
C PRO C 274 -7.35 -3.93 31.94
N MET C 275 -8.19 -4.94 32.18
CA MET C 275 -9.24 -5.33 31.24
C MET C 275 -10.63 -4.87 31.68
N ASP C 276 -11.39 -4.28 30.76
CA ASP C 276 -12.74 -3.79 31.08
C ASP C 276 -13.83 -4.18 30.07
N GLU C 277 -15.08 -3.88 30.42
CA GLU C 277 -16.27 -4.33 29.68
C GLU C 277 -16.73 -3.37 28.59
N CYS C 278 -15.85 -2.45 28.19
CA CYS C 278 -16.21 -1.41 27.20
C CYS C 278 -16.51 -2.03 25.85
N ASP C 279 -17.36 -1.36 25.08
CA ASP C 279 -17.73 -1.80 23.74
C ASP C 279 -17.27 -0.75 22.73
N ALA C 280 -15.95 -0.61 22.60
CA ALA C 280 -15.36 0.38 21.70
C ALA C 280 -14.98 -0.25 20.37
N LYS C 281 -15.08 0.56 19.32
CA LYS C 281 -14.99 0.08 17.94
C LYS C 281 -13.56 0.02 17.40
N CYS C 282 -12.61 0.55 18.17
CA CYS C 282 -11.18 0.51 17.80
C CYS C 282 -10.29 0.22 19.00
N GLN C 283 -9.39 -0.75 18.82
CA GLN C 283 -8.48 -1.17 19.89
C GLN C 283 -7.01 -1.11 19.48
N THR C 284 -6.23 -0.36 20.26
CA THR C 284 -4.79 -0.23 20.02
C THR C 284 -4.00 -0.71 21.24
N PRO C 285 -2.75 -1.19 21.02
CA PRO C 285 -1.79 -1.46 22.10
C PRO C 285 -1.33 -0.18 22.81
N GLN C 286 -2.29 0.69 23.08
CA GLN C 286 -2.10 1.91 23.86
C GLN C 286 -3.35 2.07 24.74
N GLY C 287 -4.51 1.87 24.11
CA GLY C 287 -5.81 1.95 24.78
C GLY C 287 -6.91 1.77 23.74
N ALA C 288 -8.15 2.04 24.14
CA ALA C 288 -9.30 2.01 23.23
C ALA C 288 -9.60 3.40 22.67
N ILE C 289 -10.29 3.43 21.53
CA ILE C 289 -10.46 4.65 20.75
C ILE C 289 -11.92 4.89 20.37
N ASN C 290 -12.31 6.17 20.28
CA ASN C 290 -13.58 6.57 19.70
C ASN C 290 -13.43 6.67 18.18
N SER C 291 -13.93 5.65 17.49
CA SER C 291 -13.65 5.40 16.07
C SER C 291 -14.31 6.34 15.07
N SER C 292 -14.80 7.49 15.55
CA SER C 292 -15.54 8.42 14.70
C SER C 292 -14.62 9.18 13.76
N LEU C 293 -13.72 9.97 14.35
CA LEU C 293 -12.76 10.77 13.59
C LEU C 293 -11.93 9.86 12.67
N PRO C 294 -11.94 10.15 11.36
CA PRO C 294 -11.47 9.26 10.29
C PRO C 294 -9.98 8.91 10.36
N PHE C 295 -9.18 9.74 11.02
CA PHE C 295 -7.75 9.48 11.15
C PHE C 295 -7.34 9.50 12.62
N GLN C 296 -6.47 8.54 12.98
CA GLN C 296 -6.04 8.35 14.36
C GLN C 296 -4.52 8.44 14.51
N ASN C 297 -4.06 8.95 15.65
CA ASN C 297 -2.62 9.07 15.92
C ASN C 297 -2.16 8.37 17.20
N VAL C 298 -3.06 7.58 17.79
CA VAL C 298 -2.82 6.89 19.07
C VAL C 298 -1.61 5.95 19.03
N HIS C 299 -1.63 5.04 18.06
CA HIS C 299 -0.58 4.02 17.88
C HIS C 299 -0.67 3.46 16.49
N PRO C 300 0.48 3.16 15.86
CA PRO C 300 0.51 2.64 14.48
C PRO C 300 -0.26 1.33 14.30
N VAL C 301 0.02 0.34 15.15
CA VAL C 301 -0.59 -0.98 15.03
C VAL C 301 -1.99 -0.97 15.63
N THR C 302 -2.98 -1.31 14.80
CA THR C 302 -4.39 -1.17 15.17
C THR C 302 -5.22 -2.42 14.90
N ILE C 303 -5.85 -2.95 15.95
CA ILE C 303 -6.76 -4.07 15.81
C ILE C 303 -8.20 -3.58 15.94
N GLY C 304 -9.01 -3.89 14.93
CA GLY C 304 -10.38 -3.41 14.86
C GLY C 304 -10.56 -2.42 13.75
N GLU C 305 -11.82 -2.24 13.32
CA GLU C 305 -12.15 -1.28 12.28
C GLU C 305 -11.85 0.13 12.77
N CYS C 306 -10.69 0.62 12.37
CA CYS C 306 -10.10 1.82 12.97
C CYS C 306 -9.86 2.97 12.00
N PRO C 307 -9.78 4.20 12.53
CA PRO C 307 -9.32 5.36 11.78
C PRO C 307 -7.89 5.14 11.24
N LYS C 308 -7.45 5.99 10.31
CA LYS C 308 -6.16 5.82 9.68
C LYS C 308 -5.04 6.54 10.42
N TYR C 309 -3.90 5.88 10.56
CA TYR C 309 -2.79 6.42 11.36
C TYR C 309 -2.05 7.59 10.71
N VAL C 310 -1.70 8.58 11.52
CA VAL C 310 -1.01 9.79 11.04
C VAL C 310 0.04 10.34 12.03
N ARG C 311 1.07 10.98 11.50
CA ARG C 311 2.14 11.56 12.30
C ARG C 311 1.86 13.02 12.67
N SER C 312 0.62 13.45 12.46
CA SER C 312 0.23 14.86 12.67
C SER C 312 0.20 15.31 14.13
N ALA C 313 0.54 16.58 14.33
CA ALA C 313 0.38 17.25 15.62
C ALA C 313 -1.10 17.29 16.00
N LYS C 314 -1.91 17.87 15.13
CA LYS C 314 -3.36 17.86 15.23
C LYS C 314 -4.00 18.03 13.85
N LEU C 315 -5.33 17.93 13.79
CA LEU C 315 -6.08 18.21 12.57
C LEU C 315 -7.31 19.06 12.92
N ARG C 316 -7.05 20.31 13.32
CA ARG C 316 -8.11 21.20 13.80
C ARG C 316 -8.82 21.89 12.65
N MET C 317 -10.04 21.43 12.37
CA MET C 317 -10.85 21.93 11.25
C MET C 317 -11.79 23.06 11.65
N VAL C 318 -12.05 23.96 10.71
CA VAL C 318 -12.84 25.17 10.94
C VAL C 318 -14.31 24.98 10.57
N THR C 319 -15.20 25.48 11.44
CA THR C 319 -16.63 25.48 11.18
C THR C 319 -17.15 26.92 11.02
N GLY C 320 -16.36 27.88 11.50
CA GLY C 320 -16.79 29.27 11.57
C GLY C 320 -15.91 30.30 10.93
N LEU C 321 -16.26 31.56 11.15
CA LEU C 321 -15.56 32.70 10.56
C LEU C 321 -14.36 33.16 11.41
N ARG C 322 -13.70 34.22 10.92
CA ARG C 322 -12.49 34.74 11.54
C ARG C 322 -12.82 35.60 12.75
N ASN C 323 -12.09 35.39 13.84
CA ASN C 323 -12.37 36.04 15.12
C ASN C 323 -11.52 37.28 15.34
N ILE C 324 -12.12 38.44 15.14
CA ILE C 324 -11.43 39.74 15.33
C ILE C 324 -12.24 40.62 16.28
N PRO C 325 -12.12 40.36 17.60
CA PRO C 325 -12.86 41.14 18.59
C PRO C 325 -12.25 42.52 18.87
N SER C 326 -12.44 43.01 20.09
CA SER C 326 -12.28 44.43 20.45
C SER C 326 -13.63 45.09 20.18
N ILE C 327 -14.51 45.01 21.19
CA ILE C 327 -15.93 45.37 21.04
C ILE C 327 -16.14 46.77 20.45
N GLY D 1 -10.26 37.49 1.72
CA GLY D 1 -10.34 36.05 1.31
C GLY D 1 -10.13 35.85 -0.17
N LEU D 2 -10.76 34.80 -0.70
CA LEU D 2 -10.68 34.47 -2.12
C LEU D 2 -11.47 35.47 -2.96
N PHE D 3 -12.35 36.22 -2.29
CA PHE D 3 -13.17 37.26 -2.91
C PHE D 3 -13.07 38.56 -2.12
N GLY D 4 -12.40 38.49 -0.96
CA GLY D 4 -12.01 39.67 -0.18
C GLY D 4 -13.11 40.58 0.34
N ALA D 5 -13.76 40.14 1.41
CA ALA D 5 -14.77 40.95 2.11
C ALA D 5 -14.50 40.98 3.61
N ILE D 6 -14.37 39.80 4.22
CA ILE D 6 -13.91 39.68 5.61
C ILE D 6 -12.42 40.07 5.62
N ALA D 7 -12.13 41.16 6.33
CA ALA D 7 -10.80 41.79 6.30
C ALA D 7 -10.35 42.10 4.87
N GLY D 8 -11.27 42.67 4.09
CA GLY D 8 -11.06 43.00 2.69
C GLY D 8 -11.96 44.14 2.25
N PHE D 9 -13.26 44.00 2.55
CA PHE D 9 -14.21 45.09 2.42
C PHE D 9 -14.64 45.54 3.81
N ILE D 10 -14.98 44.57 4.66
CA ILE D 10 -15.25 44.81 6.08
C ILE D 10 -14.03 44.36 6.87
N GLU D 11 -13.30 45.31 7.42
CA GLU D 11 -12.06 45.03 8.15
C GLU D 11 -12.31 44.78 9.65
N GLY D 12 -13.46 44.18 9.97
CA GLY D 12 -13.89 44.04 11.35
C GLY D 12 -14.02 42.62 11.86
N GLY D 13 -15.00 42.42 12.74
CA GLY D 13 -15.21 41.17 13.46
C GLY D 13 -16.06 41.49 14.68
N TRP D 14 -17.36 41.65 14.45
CA TRP D 14 -18.29 42.16 15.46
C TRP D 14 -18.88 41.02 16.24
N THR D 15 -19.64 41.34 17.29
CA THR D 15 -20.05 40.33 18.28
C THR D 15 -21.38 39.62 17.97
N GLY D 16 -21.87 39.78 16.75
CA GLY D 16 -23.19 39.25 16.37
C GLY D 16 -23.27 37.74 16.16
N MET D 17 -24.16 37.34 15.25
CA MET D 17 -24.38 35.93 14.89
C MET D 17 -24.63 34.96 16.06
N VAL D 18 -23.58 34.26 16.50
CA VAL D 18 -23.68 33.06 17.37
C VAL D 18 -24.47 31.98 16.63
N ASP D 19 -23.76 31.00 16.08
CA ASP D 19 -24.31 30.09 15.07
C ASP D 19 -24.75 30.90 13.84
N GLY D 20 -25.39 30.24 12.88
CA GLY D 20 -25.93 30.88 11.67
C GLY D 20 -25.24 32.15 11.21
N TRP D 21 -24.23 32.00 10.35
CA TRP D 21 -23.27 33.07 10.06
C TRP D 21 -23.43 33.73 8.71
N TYR D 22 -24.42 33.32 7.93
CA TYR D 22 -24.52 33.77 6.54
C TYR D 22 -25.80 34.52 6.19
N GLY D 23 -26.91 34.15 6.82
CA GLY D 23 -28.23 34.74 6.54
C GLY D 23 -28.21 36.24 6.35
N TYR D 24 -28.98 36.71 5.37
CA TYR D 24 -28.98 38.11 4.92
C TYR D 24 -29.13 39.19 6.01
N HIS D 25 -30.18 40.01 5.93
CA HIS D 25 -30.32 41.22 6.75
C HIS D 25 -29.70 42.42 6.07
N HIS D 26 -30.08 43.62 6.52
CA HIS D 26 -29.58 44.87 5.94
C HIS D 26 -29.09 45.89 6.94
N GLN D 27 -29.88 46.15 7.98
CA GLN D 27 -29.55 47.07 9.09
C GLN D 27 -30.51 48.26 9.24
N ASN D 28 -30.80 48.93 8.12
CA ASN D 28 -31.69 50.10 8.08
C ASN D 28 -31.43 51.16 9.18
N GLU D 29 -32.16 51.08 10.29
CA GLU D 29 -31.97 52.02 11.41
C GLU D 29 -32.65 51.63 12.74
N GLN D 30 -33.38 50.50 12.74
CA GLN D 30 -34.17 50.08 13.91
C GLN D 30 -33.37 50.13 15.22
N GLY D 31 -32.05 50.02 15.10
CA GLY D 31 -31.14 50.03 16.23
C GLY D 31 -29.77 49.59 15.73
N SER D 32 -29.34 48.40 16.16
CA SER D 32 -28.07 47.82 15.73
C SER D 32 -28.19 46.30 15.59
N GLY D 33 -27.16 45.69 15.00
CA GLY D 33 -27.09 44.24 14.90
C GLY D 33 -27.65 43.67 13.62
N TYR D 34 -27.48 42.36 13.46
CA TYR D 34 -27.88 41.63 12.26
C TYR D 34 -28.51 40.29 12.60
N ALA D 35 -29.16 39.69 11.61
CA ALA D 35 -29.85 38.42 11.80
C ALA D 35 -29.70 37.50 10.59
N ALA D 36 -30.19 36.27 10.75
CA ALA D 36 -30.15 35.26 9.70
C ALA D 36 -31.45 35.26 8.90
N ASP D 37 -31.48 34.44 7.85
CA ASP D 37 -32.70 34.20 7.09
C ASP D 37 -33.32 32.87 7.48
N GLN D 38 -32.57 32.10 8.28
CA GLN D 38 -32.97 30.76 8.75
C GLN D 38 -32.92 29.70 7.64
N LYS D 39 -32.53 30.13 6.44
CA LYS D 39 -32.30 29.23 5.30
C LYS D 39 -30.82 29.21 4.91
N SER D 40 -30.24 30.40 4.71
CA SER D 40 -28.82 30.55 4.41
C SER D 40 -27.94 30.05 5.58
N THR D 41 -28.60 29.80 6.71
CA THR D 41 -27.94 29.29 7.91
C THR D 41 -28.24 27.81 8.13
N GLN D 42 -29.21 27.29 7.36
CA GLN D 42 -29.34 25.85 7.17
C GLN D 42 -28.28 25.45 6.14
N ASN D 43 -27.88 26.41 5.31
CA ASN D 43 -26.71 26.26 4.45
C ASN D 43 -25.43 26.23 5.28
N ALA D 44 -25.57 26.55 6.56
CA ALA D 44 -24.49 26.39 7.54
C ALA D 44 -24.54 24.98 8.13
N ILE D 45 -25.75 24.42 8.26
CA ILE D 45 -25.90 23.04 8.71
C ILE D 45 -25.59 22.08 7.56
N ASN D 46 -25.73 22.55 6.32
CA ASN D 46 -25.27 21.81 5.15
C ASN D 46 -23.81 22.13 4.87
N GLY D 47 -23.55 23.34 4.39
CA GLY D 47 -22.21 23.82 4.07
C GLY D 47 -21.14 23.24 4.99
N ILE D 48 -21.26 23.53 6.28
CA ILE D 48 -20.27 23.10 7.27
C ILE D 48 -20.37 21.62 7.67
N THR D 49 -21.48 21.22 8.31
CA THR D 49 -21.57 19.90 8.92
C THR D 49 -21.37 18.74 7.93
N ASN D 50 -21.82 18.94 6.69
CA ASN D 50 -21.61 17.92 5.66
C ASN D 50 -20.30 18.10 4.88
N LYS D 51 -19.63 19.22 5.10
CA LYS D 51 -18.21 19.32 4.76
C LYS D 51 -17.47 18.44 5.76
N VAL D 52 -17.80 18.62 7.04
CA VAL D 52 -17.21 17.82 8.11
C VAL D 52 -17.58 16.34 7.94
N ASN D 53 -18.88 16.05 7.94
CA ASN D 53 -19.37 14.66 7.81
C ASN D 53 -18.81 13.92 6.60
N SER D 54 -18.65 14.63 5.49
CA SER D 54 -18.07 14.05 4.29
C SER D 54 -16.61 13.68 4.56
N VAL D 55 -15.89 14.59 5.20
CA VAL D 55 -14.50 14.35 5.59
C VAL D 55 -14.42 13.31 6.73
N ILE D 56 -15.54 13.10 7.44
CA ILE D 56 -15.57 12.14 8.55
C ILE D 56 -16.16 10.77 8.19
N GLU D 57 -17.49 10.71 8.00
CA GLU D 57 -18.18 9.42 7.85
C GLU D 57 -18.11 8.80 6.45
N LYS D 58 -17.66 9.56 5.47
CA LYS D 58 -17.41 8.99 4.14
C LYS D 58 -16.27 7.99 4.20
N MET D 59 -15.32 8.25 5.11
CA MET D 59 -14.26 7.31 5.44
C MET D 59 -14.84 6.11 6.21
N ASN D 60 -14.89 4.97 5.53
CA ASN D 60 -15.16 3.70 6.20
C ASN D 60 -14.02 2.73 5.92
N THR D 61 -13.73 1.88 6.90
CA THR D 61 -12.63 0.94 6.79
C THR D 61 -13.10 -0.51 6.99
N GLN D 62 -12.16 -1.45 6.84
CA GLN D 62 -12.46 -2.87 7.00
C GLN D 62 -11.82 -3.39 8.29
N PHE D 63 -12.10 -4.65 8.62
CA PHE D 63 -11.51 -5.28 9.79
C PHE D 63 -10.10 -5.77 9.45
N THR D 64 -9.10 -5.25 10.16
CA THR D 64 -7.71 -5.73 10.03
C THR D 64 -6.80 -5.30 11.18
N ALA D 65 -5.59 -5.85 11.18
CA ALA D 65 -4.53 -5.48 12.09
C ALA D 65 -3.21 -5.48 11.32
N VAL D 66 -2.47 -4.39 11.40
CA VAL D 66 -1.19 -4.29 10.66
C VAL D 66 -0.15 -5.23 11.27
N GLY D 67 -0.38 -5.61 12.53
CA GLY D 67 0.47 -6.56 13.24
C GLY D 67 0.62 -7.85 12.46
N LYS D 68 1.86 -8.32 12.34
CA LYS D 68 2.21 -9.48 11.53
C LYS D 68 3.02 -10.55 12.29
N GLU D 69 4.19 -10.14 12.79
CA GLU D 69 5.14 -11.03 13.46
C GLU D 69 5.90 -11.93 12.48
N PHE D 70 7.22 -11.82 12.52
CA PHE D 70 8.10 -12.57 11.64
C PHE D 70 9.33 -13.07 12.40
N ASN D 71 9.78 -14.28 12.09
CA ASN D 71 10.98 -14.86 12.71
C ASN D 71 12.29 -14.23 12.21
N LYS D 72 13.39 -14.95 12.37
CA LYS D 72 14.71 -14.47 12.00
C LYS D 72 15.02 -14.58 10.51
N LEU D 73 14.45 -15.59 9.84
CA LEU D 73 14.62 -15.79 8.40
C LEU D 73 13.47 -15.15 7.60
N GLU D 74 12.97 -14.01 8.09
CA GLU D 74 11.84 -13.34 7.46
C GLU D 74 12.00 -11.80 7.39
N ARG D 75 13.24 -11.35 7.46
CA ARG D 75 13.59 -9.93 7.38
C ARG D 75 13.30 -9.31 6.01
N ARG D 76 12.96 -10.16 5.04
CA ARG D 76 12.55 -9.72 3.70
C ARG D 76 11.09 -9.30 3.74
N MET D 77 10.26 -10.15 4.33
CA MET D 77 8.81 -9.90 4.44
C MET D 77 8.50 -8.81 5.47
N GLU D 78 9.31 -8.75 6.53
CA GLU D 78 9.14 -7.72 7.56
C GLU D 78 9.40 -6.33 6.98
N ASN D 79 10.56 -6.16 6.34
CA ASN D 79 10.85 -4.99 5.50
C ASN D 79 9.67 -4.61 4.63
N LEU D 80 9.05 -5.61 4.00
CA LEU D 80 7.95 -5.41 3.07
C LEU D 80 6.68 -4.95 3.80
N ASN D 81 6.26 -5.70 4.82
CA ASN D 81 5.12 -5.35 5.64
C ASN D 81 5.23 -3.93 6.18
N LYS D 82 6.30 -3.67 6.93
CA LYS D 82 6.52 -2.37 7.57
C LYS D 82 6.86 -1.28 6.56
N LYS D 83 7.15 -1.68 5.33
CA LYS D 83 7.24 -0.72 4.22
C LYS D 83 5.84 -0.26 3.82
N VAL D 84 4.92 -1.21 3.64
CA VAL D 84 3.51 -0.94 3.31
C VAL D 84 2.89 0.00 4.34
N ASP D 85 3.11 -0.30 5.62
CA ASP D 85 2.64 0.54 6.73
C ASP D 85 3.15 1.97 6.63
N ASP D 86 4.48 2.11 6.57
CA ASP D 86 5.14 3.41 6.43
C ASP D 86 4.54 4.20 5.27
N GLY D 87 4.44 3.56 4.10
CA GLY D 87 3.77 4.14 2.94
C GLY D 87 2.46 4.81 3.31
N PHE D 88 1.48 4.02 3.72
CA PHE D 88 0.14 4.50 4.06
C PHE D 88 0.09 5.58 5.14
N ILE D 89 1.01 5.51 6.10
CA ILE D 89 1.12 6.55 7.12
C ILE D 89 1.43 7.88 6.42
N ASP D 90 2.58 7.94 5.75
CA ASP D 90 3.00 9.05 4.90
C ASP D 90 1.87 9.59 4.01
N ILE D 91 1.28 8.70 3.21
CA ILE D 91 0.20 9.05 2.30
C ILE D 91 -0.95 9.77 3.00
N TRP D 92 -1.48 9.18 4.07
CA TRP D 92 -2.59 9.77 4.79
C TRP D 92 -2.20 11.03 5.50
N THR D 93 -1.06 11.02 6.19
CA THR D 93 -0.61 12.21 6.94
C THR D 93 -0.59 13.43 6.00
N TYR D 94 0.08 13.28 4.86
CA TYR D 94 0.20 14.35 3.88
C TYR D 94 -1.19 14.83 3.43
N ASN D 95 -2.01 13.88 2.96
CA ASN D 95 -3.33 14.19 2.43
C ASN D 95 -4.26 14.85 3.45
N ALA D 96 -4.17 14.42 4.71
CA ALA D 96 -4.98 14.98 5.78
C ALA D 96 -4.58 16.42 6.12
N GLU D 97 -3.29 16.59 6.44
CA GLU D 97 -2.71 17.91 6.68
C GLU D 97 -3.05 18.87 5.54
N LEU D 98 -2.98 18.37 4.31
CA LEU D 98 -3.39 19.16 3.14
C LEU D 98 -4.84 19.65 3.23
N LEU D 99 -5.79 18.73 3.32
CA LEU D 99 -7.21 19.05 3.40
C LEU D 99 -7.54 20.04 4.52
N VAL D 100 -6.92 19.83 5.69
CA VAL D 100 -7.05 20.73 6.84
C VAL D 100 -6.42 22.11 6.57
N LEU D 101 -5.43 22.13 5.69
CA LEU D 101 -4.81 23.37 5.25
C LEU D 101 -5.60 24.03 4.12
N LEU D 102 -6.10 23.21 3.19
CA LEU D 102 -6.82 23.71 2.03
C LEU D 102 -8.23 24.20 2.36
N GLU D 103 -9.11 23.25 2.74
CA GLU D 103 -10.52 23.54 3.00
C GLU D 103 -10.76 24.65 4.02
N ASN D 104 -9.85 24.79 4.99
CA ASN D 104 -9.99 25.83 6.02
C ASN D 104 -9.75 27.24 5.50
N GLU D 105 -8.81 27.38 4.56
CA GLU D 105 -8.71 28.59 3.77
C GLU D 105 -10.03 28.80 3.03
N ARG D 106 -10.49 27.77 2.33
CA ARG D 106 -11.76 27.78 1.61
C ARG D 106 -12.99 28.17 2.46
N THR D 107 -13.03 27.70 3.70
CA THR D 107 -14.16 27.96 4.58
C THR D 107 -13.99 29.22 5.44
N LEU D 108 -12.76 29.70 5.55
CA LEU D 108 -12.50 31.02 6.12
C LEU D 108 -12.83 32.05 5.05
N ASP D 109 -12.95 31.55 3.81
CA ASP D 109 -13.42 32.32 2.67
C ASP D 109 -14.91 32.10 2.45
N PHE D 110 -15.37 30.88 2.71
CA PHE D 110 -16.79 30.56 2.55
C PHE D 110 -17.65 31.54 3.32
N HIS D 111 -17.18 31.95 4.50
CA HIS D 111 -17.83 32.99 5.30
C HIS D 111 -17.67 34.35 4.67
N ASP D 112 -16.53 34.57 4.02
CA ASP D 112 -16.20 35.85 3.37
C ASP D 112 -17.26 36.33 2.37
N SER D 113 -17.72 35.44 1.50
CA SER D 113 -18.60 35.84 0.40
C SER D 113 -20.08 35.91 0.75
N ASN D 114 -20.62 34.86 1.38
CA ASN D 114 -22.05 34.82 1.71
C ASN D 114 -22.52 35.85 2.74
N VAL D 115 -21.60 36.35 3.55
CA VAL D 115 -21.87 37.46 4.46
C VAL D 115 -21.66 38.80 3.74
N LYS D 116 -20.90 38.77 2.65
CA LYS D 116 -20.62 39.95 1.84
C LYS D 116 -21.89 40.42 1.13
N ASN D 117 -22.61 39.48 0.53
CA ASN D 117 -23.81 39.78 -0.28
C ASN D 117 -24.82 40.66 0.43
N LEU D 118 -24.86 40.58 1.77
CA LEU D 118 -25.68 41.44 2.62
C LEU D 118 -25.51 42.91 2.25
N TYR D 119 -24.29 43.25 1.82
CA TYR D 119 -23.94 44.58 1.37
C TYR D 119 -24.50 44.83 -0.04
N GLU D 120 -24.31 43.83 -0.91
CA GLU D 120 -24.76 43.92 -2.31
C GLU D 120 -26.29 43.88 -2.43
N LYS D 121 -26.95 43.37 -1.39
CA LYS D 121 -28.40 43.35 -1.30
C LYS D 121 -28.95 44.76 -1.10
N VAL D 122 -28.42 45.47 -0.12
CA VAL D 122 -28.83 46.86 0.14
C VAL D 122 -28.46 47.82 -1.00
N LYS D 123 -27.28 47.65 -1.57
CA LYS D 123 -26.85 48.45 -2.72
C LYS D 123 -27.81 48.31 -3.89
N SER D 124 -28.38 47.11 -4.03
CA SER D 124 -29.34 46.80 -5.10
C SER D 124 -30.66 47.56 -4.98
N GLN D 125 -30.91 48.13 -3.79
CA GLN D 125 -32.11 48.94 -3.54
C GLN D 125 -31.73 50.35 -3.12
N LEU D 126 -31.01 50.45 -1.99
CA LEU D 126 -30.68 51.73 -1.36
C LEU D 126 -29.73 52.60 -2.19
N LYS D 127 -28.76 51.97 -2.85
CA LYS D 127 -27.85 52.65 -3.77
C LYS D 127 -27.32 53.96 -3.21
N ASN D 128 -27.95 55.07 -3.62
CA ASN D 128 -27.52 56.41 -3.25
C ASN D 128 -28.46 57.07 -2.24
N ASN D 129 -29.58 56.40 -1.95
CA ASN D 129 -30.49 56.82 -0.88
C ASN D 129 -29.79 56.80 0.48
N ALA D 130 -28.64 56.13 0.54
CA ALA D 130 -27.83 56.06 1.74
C ALA D 130 -26.37 56.40 1.43
N LYS D 131 -25.85 57.44 2.08
CA LYS D 131 -24.47 57.88 1.85
C LYS D 131 -23.44 56.88 2.40
N GLU D 132 -22.31 56.77 1.72
CA GLU D 132 -21.34 55.72 2.00
C GLU D 132 -20.36 56.08 3.13
N ILE D 133 -20.15 55.12 4.03
CA ILE D 133 -19.11 55.19 5.06
C ILE D 133 -18.35 53.85 5.04
N GLY D 134 -17.02 53.92 5.06
CA GLY D 134 -16.14 52.77 4.78
C GLY D 134 -16.15 51.56 5.70
N ASN D 135 -16.84 51.66 6.83
CA ASN D 135 -16.90 50.57 7.81
C ASN D 135 -17.80 49.42 7.39
N GLY D 136 -18.39 49.54 6.20
CA GLY D 136 -19.50 48.69 5.79
C GLY D 136 -20.79 49.41 6.13
N CYS D 137 -20.68 50.74 6.25
CA CYS D 137 -21.75 51.59 6.74
C CYS D 137 -22.42 52.40 5.64
N PHE D 138 -23.76 52.33 5.61
CA PHE D 138 -24.56 53.23 4.80
C PHE D 138 -25.22 54.24 5.74
N GLU D 139 -25.54 55.43 5.23
CA GLU D 139 -26.27 56.41 6.01
C GLU D 139 -27.35 57.08 5.16
N PHE D 140 -28.57 56.57 5.30
CA PHE D 140 -29.72 57.08 4.54
C PHE D 140 -30.26 58.39 5.11
N TYR D 141 -30.50 59.35 4.22
CA TYR D 141 -30.96 60.68 4.59
C TYR D 141 -32.30 60.64 5.31
N HIS D 142 -33.30 60.01 4.68
CA HIS D 142 -34.67 59.96 5.18
C HIS D 142 -34.79 59.25 6.51
N LYS D 143 -35.95 59.41 7.16
CA LYS D 143 -36.16 58.90 8.51
C LYS D 143 -37.20 57.79 8.59
N CYS D 144 -36.76 56.59 8.98
CA CYS D 144 -37.66 55.47 9.26
C CYS D 144 -37.62 55.12 10.76
N ASN D 145 -38.63 54.37 11.21
CA ASN D 145 -38.75 53.99 12.62
C ASN D 145 -38.15 52.61 12.93
N ASP D 146 -38.39 52.10 14.14
CA ASP D 146 -37.89 50.80 14.57
C ASP D 146 -38.56 49.62 13.83
N GLU D 147 -39.22 49.92 12.71
CA GLU D 147 -39.85 48.91 11.86
C GLU D 147 -39.39 49.07 10.41
N CYS D 148 -38.12 48.79 10.19
CA CYS D 148 -37.49 48.88 8.86
C CYS D 148 -36.46 47.77 8.64
N MET D 149 -35.91 47.24 9.74
CA MET D 149 -34.95 46.16 9.69
C MET D 149 -35.62 44.82 9.37
N GLU D 150 -36.94 44.79 9.48
CA GLU D 150 -37.73 43.65 9.00
C GLU D 150 -38.50 44.07 7.76
N SER D 151 -37.79 44.61 6.78
CA SER D 151 -38.40 45.10 5.54
C SER D 151 -37.59 44.74 4.30
N VAL D 152 -36.35 45.23 4.23
CA VAL D 152 -35.47 44.94 3.09
C VAL D 152 -34.69 43.62 3.26
N LYS D 153 -34.68 43.11 4.48
CA LYS D 153 -34.20 41.76 4.78
C LYS D 153 -35.05 40.79 3.96
N ASN D 154 -36.35 41.09 3.91
CA ASN D 154 -37.29 40.36 3.07
C ASN D 154 -37.02 40.62 1.59
N GLY D 155 -36.60 41.84 1.26
CA GLY D 155 -36.22 42.22 -0.10
C GLY D 155 -36.91 43.46 -0.64
N THR D 156 -38.08 43.77 -0.08
CA THR D 156 -38.91 44.86 -0.58
C THR D 156 -38.59 46.20 0.08
N TYR D 157 -38.30 47.21 -0.75
CA TYR D 157 -38.13 48.57 -0.26
C TYR D 157 -38.73 49.63 -1.20
N ASP D 158 -38.98 50.82 -0.64
CA ASP D 158 -39.92 51.79 -1.23
C ASP D 158 -39.40 52.59 -2.42
N TYR D 159 -38.37 53.40 -2.21
CA TYR D 159 -37.87 54.33 -3.24
C TYR D 159 -36.38 54.17 -3.57
N PRO D 160 -36.05 53.21 -4.46
CA PRO D 160 -34.69 53.06 -4.97
C PRO D 160 -34.37 54.13 -6.03
N ASP E 5 -6.73 64.01 -16.01
CA ASP E 5 -6.19 63.40 -14.76
C ASP E 5 -6.83 62.06 -14.44
N THR E 6 -6.02 60.99 -14.45
CA THR E 6 -6.50 59.64 -14.13
C THR E 6 -5.56 58.91 -13.16
N ILE E 7 -6.06 57.81 -12.59
CA ILE E 7 -5.25 56.93 -11.73
C ILE E 7 -5.62 55.46 -11.95
N CYS E 8 -4.68 54.70 -12.51
CA CYS E 8 -4.94 53.30 -12.89
C CYS E 8 -4.08 52.31 -12.12
N ILE E 9 -4.66 51.16 -11.82
CA ILE E 9 -3.98 50.11 -11.07
C ILE E 9 -3.85 48.82 -11.89
N GLY E 10 -2.64 48.26 -11.88
CA GLY E 10 -2.32 47.07 -12.67
C GLY E 10 -1.28 46.20 -11.99
N TYR E 11 -0.90 45.12 -12.67
CA TYR E 11 -0.05 44.08 -12.08
C TYR E 11 1.32 43.95 -12.75
N HIS E 12 2.09 42.93 -12.32
CA HIS E 12 3.45 42.70 -12.83
C HIS E 12 3.45 41.87 -14.08
N ALA E 13 4.44 42.11 -14.94
CA ALA E 13 4.59 41.39 -16.21
C ALA E 13 6.04 41.37 -16.69
N ASN E 14 6.78 40.32 -16.34
CA ASN E 14 8.21 40.24 -16.66
C ASN E 14 8.54 39.64 -18.03
N ASN E 15 9.80 39.25 -18.22
CA ASN E 15 10.23 38.62 -19.47
C ASN E 15 10.31 37.09 -19.36
N SER E 16 9.32 36.51 -18.69
CA SER E 16 9.24 35.06 -18.55
C SER E 16 8.73 34.41 -19.84
N THR E 17 9.21 33.20 -20.08
CA THR E 17 8.66 32.31 -21.10
C THR E 17 8.13 31.06 -20.39
N ASP E 18 8.60 30.89 -19.15
CA ASP E 18 8.38 29.69 -18.34
C ASP E 18 6.91 29.47 -17.97
N THR E 19 6.29 28.49 -18.62
CA THR E 19 4.85 28.22 -18.51
C THR E 19 4.50 27.15 -17.48
N VAL E 20 3.23 27.13 -17.09
CA VAL E 20 2.66 26.10 -16.21
C VAL E 20 1.22 25.81 -16.68
N ASP E 21 0.70 24.63 -16.31
CA ASP E 21 -0.69 24.28 -16.59
C ASP E 21 -1.56 24.44 -15.34
N THR E 22 -2.87 24.58 -15.57
CA THR E 22 -3.87 24.59 -14.50
C THR E 22 -5.00 23.62 -14.87
N VAL E 23 -6.04 23.55 -14.04
CA VAL E 23 -7.13 22.60 -14.25
C VAL E 23 -7.95 23.00 -15.47
N LEU E 24 -8.42 24.24 -15.47
CA LEU E 24 -9.32 24.75 -16.50
C LEU E 24 -8.55 25.32 -17.68
N GLU E 25 -7.25 25.53 -17.49
CA GLU E 25 -6.43 26.14 -18.52
C GLU E 25 -5.04 25.53 -18.55
N LYS E 26 -4.62 25.07 -19.72
CA LYS E 26 -3.32 24.41 -19.90
C LYS E 26 -2.35 25.38 -20.56
N ASN E 27 -1.05 25.14 -20.36
CA ASN E 27 0.02 25.93 -20.98
C ASN E 27 -0.04 27.43 -20.69
N VAL E 28 -0.71 27.79 -19.59
CA VAL E 28 -0.83 29.18 -19.13
C VAL E 28 0.58 29.78 -19.00
N THR E 29 0.75 30.99 -19.53
CA THR E 29 2.04 31.67 -19.45
C THR E 29 2.16 32.40 -18.12
N VAL E 30 3.27 32.14 -17.43
CA VAL E 30 3.44 32.48 -16.02
C VAL E 30 4.67 33.36 -15.79
N THR E 31 4.71 34.06 -14.65
CA THR E 31 5.84 34.90 -14.23
C THR E 31 6.79 34.20 -13.25
N HIS E 32 6.25 33.75 -12.11
CA HIS E 32 7.09 33.23 -11.02
C HIS E 32 6.70 31.85 -10.62
N SER E 33 7.64 30.91 -10.71
CA SER E 33 7.33 29.49 -10.56
C SER E 33 8.35 28.74 -9.68
N VAL E 34 7.94 27.56 -9.20
CA VAL E 34 8.79 26.70 -8.36
C VAL E 34 8.56 25.22 -8.68
N ASN E 35 9.65 24.51 -8.97
CA ASN E 35 9.60 23.08 -9.32
C ASN E 35 9.53 22.19 -8.08
N LEU E 36 8.36 21.60 -7.85
CA LEU E 36 8.12 20.80 -6.65
C LEU E 36 8.50 19.32 -6.76
N LEU E 37 8.78 18.84 -7.97
CA LEU E 37 9.36 17.50 -8.14
C LEU E 37 10.85 17.57 -8.52
N GLU E 38 11.63 16.64 -7.98
CA GLU E 38 13.09 16.65 -8.15
C GLU E 38 13.57 15.59 -9.14
N ASP E 39 14.06 16.04 -10.29
CA ASP E 39 14.43 15.15 -11.40
C ASP E 39 15.91 14.82 -11.49
N SER E 40 16.74 15.59 -10.78
CA SER E 40 18.17 15.57 -10.99
C SER E 40 18.96 14.97 -9.82
N HIS E 41 19.66 13.88 -10.12
CA HIS E 41 20.59 13.23 -9.18
C HIS E 41 22.02 13.51 -9.56
N ASN E 42 22.88 13.68 -8.56
CA ASN E 42 24.27 14.11 -8.78
C ASN E 42 25.20 13.13 -9.48
N GLY E 43 24.66 12.04 -10.03
CA GLY E 43 25.44 11.08 -10.78
C GLY E 43 26.29 10.16 -9.92
N LYS E 44 26.83 10.71 -8.83
CA LYS E 44 27.61 9.96 -7.87
C LYS E 44 26.73 9.31 -6.80
N LEU E 45 27.39 8.66 -5.84
CA LEU E 45 26.72 8.05 -4.69
C LEU E 45 27.67 8.00 -3.51
N CYS E 46 27.31 8.67 -2.41
CA CYS E 46 28.15 8.72 -1.22
C CYS E 46 27.45 8.21 0.03
N LEU E 47 27.80 8.79 1.18
CA LEU E 47 27.38 8.31 2.49
C LEU E 47 25.92 8.63 2.79
N LEU E 48 25.33 7.87 3.70
CA LEU E 48 23.90 7.98 4.03
C LEU E 48 23.71 8.21 5.52
N LYS E 49 23.12 9.36 5.87
CA LYS E 49 22.98 9.83 7.26
C LYS E 49 24.33 9.91 8.00
N GLY E 50 25.37 10.29 7.26
CA GLY E 50 26.73 10.32 7.79
C GLY E 50 27.43 8.98 7.65
N ILE E 51 26.71 7.89 7.95
CA ILE E 51 27.29 6.54 7.96
C ILE E 51 27.61 6.02 6.55
N ALA E 52 28.89 5.68 6.36
CA ALA E 52 29.45 5.30 5.07
C ALA E 52 28.99 3.92 4.61
N PRO E 53 28.82 3.73 3.29
CA PRO E 53 28.39 2.43 2.77
C PRO E 53 29.52 1.39 2.79
N LEU E 54 29.21 0.19 2.30
CA LEU E 54 30.20 -0.88 2.22
C LEU E 54 30.69 -1.04 0.79
N GLN E 55 31.91 -0.58 0.52
CA GLN E 55 32.52 -0.74 -0.79
C GLN E 55 33.05 -2.15 -0.97
N LEU E 56 32.91 -2.67 -2.19
CA LEU E 56 33.44 -3.98 -2.56
C LEU E 56 34.04 -3.96 -3.96
N GLY E 57 33.26 -3.47 -4.93
CA GLY E 57 33.69 -3.42 -6.32
C GLY E 57 33.38 -4.73 -7.04
N ASN E 58 34.39 -5.27 -7.71
CA ASN E 58 34.28 -6.54 -8.44
C ASN E 58 33.94 -7.75 -7.56
N CYS E 59 34.20 -7.61 -6.25
CA CYS E 59 33.83 -8.62 -5.27
C CYS E 59 32.33 -8.65 -5.01
N SER E 60 31.88 -9.71 -4.35
CA SER E 60 30.47 -9.91 -4.05
C SER E 60 30.25 -10.11 -2.54
N VAL E 61 28.99 -10.35 -2.18
CA VAL E 61 28.63 -10.64 -0.79
C VAL E 61 28.92 -12.10 -0.42
N ALA E 62 29.05 -12.95 -1.44
CA ALA E 62 29.41 -14.35 -1.22
C ALA E 62 30.83 -14.47 -0.68
N GLY E 63 31.80 -14.02 -1.47
CA GLY E 63 33.21 -14.16 -1.14
C GLY E 63 33.71 -13.22 -0.05
N TRP E 64 32.99 -12.13 0.17
CA TRP E 64 33.30 -11.22 1.27
C TRP E 64 33.08 -11.90 2.60
N ILE E 65 32.00 -12.68 2.70
CA ILE E 65 31.70 -13.42 3.92
C ILE E 65 32.41 -14.76 3.94
N LEU E 66 32.40 -15.46 2.81
CA LEU E 66 33.00 -16.79 2.68
C LEU E 66 34.52 -16.78 2.65
N GLY E 67 35.10 -15.73 2.06
CA GLY E 67 36.55 -15.61 1.91
C GLY E 67 37.02 -16.04 0.53
N ASN E 68 36.53 -15.34 -0.50
CA ASN E 68 36.95 -15.58 -1.88
C ASN E 68 38.38 -15.07 -2.12
N PRO E 69 39.19 -15.83 -2.86
CA PRO E 69 40.49 -15.44 -3.37
C PRO E 69 40.62 -13.97 -3.80
N GLU E 70 39.63 -13.46 -4.54
CA GLU E 70 39.63 -12.07 -4.97
C GLU E 70 39.32 -11.11 -3.82
N CYS E 71 38.49 -11.56 -2.89
CA CYS E 71 38.01 -10.72 -1.78
C CYS E 71 39.01 -10.56 -0.63
N GLU E 72 40.28 -10.35 -0.99
CA GLU E 72 41.33 -10.04 -0.02
C GLU E 72 41.31 -8.55 0.34
N LEU E 73 40.80 -7.74 -0.59
CA LEU E 73 40.79 -6.28 -0.50
C LEU E 73 40.19 -5.73 0.81
N LEU E 74 39.04 -6.28 1.18
CA LEU E 74 38.28 -5.79 2.33
C LEU E 74 38.73 -6.48 3.61
N ILE E 75 39.29 -5.69 4.52
CA ILE E 75 39.76 -6.21 5.81
C ILE E 75 39.18 -5.44 6.99
N SER E 76 39.51 -4.15 7.11
CA SER E 76 39.16 -3.38 8.30
C SER E 76 38.52 -2.01 8.02
N LYS E 77 37.24 -2.03 7.64
CA LYS E 77 36.40 -0.84 7.63
C LYS E 77 35.29 -1.04 8.67
N GLU E 78 34.90 0.05 9.34
CA GLU E 78 34.08 -0.01 10.55
C GLU E 78 32.66 -0.54 10.35
N SER E 79 31.88 0.12 9.50
CA SER E 79 30.48 -0.24 9.27
C SER E 79 29.96 0.25 7.91
N TRP E 80 28.64 0.27 7.78
CA TRP E 80 27.95 0.72 6.56
C TRP E 80 26.51 1.03 6.81
N SER E 81 25.92 1.82 5.90
CA SER E 81 24.48 2.11 5.92
C SER E 81 23.73 1.26 4.89
N TYR E 82 24.41 0.99 3.77
CA TYR E 82 23.95 0.06 2.73
C TYR E 82 25.17 -0.46 1.97
N ILE E 83 24.99 -1.49 1.15
CA ILE E 83 26.14 -2.14 0.49
C ILE E 83 26.32 -1.68 -0.95
N VAL E 84 27.58 -1.46 -1.34
CA VAL E 84 27.94 -1.12 -2.71
C VAL E 84 28.41 -2.37 -3.46
N GLU E 85 27.61 -2.80 -4.43
CA GLU E 85 27.95 -3.97 -5.26
C GLU E 85 27.69 -3.72 -6.74
N LYS E 86 28.56 -4.27 -7.59
CA LYS E 86 28.41 -4.15 -9.03
C LYS E 86 27.49 -5.27 -9.55
N PRO E 87 26.67 -4.98 -10.57
CA PRO E 87 25.71 -5.98 -11.06
C PRO E 87 26.33 -7.13 -11.88
N ASN E 88 27.47 -6.86 -12.50
CA ASN E 88 28.01 -7.74 -13.56
C ASN E 88 29.12 -8.74 -13.22
N PRO E 89 30.03 -8.42 -12.29
CA PRO E 89 31.37 -9.04 -12.20
C PRO E 89 31.45 -10.58 -12.15
N GLU E 90 30.30 -11.25 -12.09
CA GLU E 90 30.20 -12.72 -12.16
C GLU E 90 30.89 -13.47 -11.02
N ASN E 91 31.89 -12.84 -10.41
CA ASN E 91 32.61 -13.41 -9.28
C ASN E 91 31.69 -13.56 -8.06
N GLY E 92 31.00 -14.71 -8.00
CA GLY E 92 30.08 -15.00 -6.91
C GLY E 92 30.44 -16.31 -6.21
N THR E 93 29.67 -17.35 -6.52
CA THR E 93 29.94 -18.68 -5.99
C THR E 93 31.15 -19.27 -6.72
N CYS E 94 32.28 -19.27 -6.02
CA CYS E 94 33.55 -19.72 -6.58
C CYS E 94 33.49 -21.19 -7.01
N TYR E 95 33.74 -22.10 -6.07
CA TYR E 95 33.47 -23.52 -6.32
C TYR E 95 31.97 -23.65 -6.32
N PRO E 96 31.39 -24.12 -7.46
CA PRO E 96 29.95 -24.12 -7.71
C PRO E 96 29.14 -24.65 -6.53
N GLY E 97 27.93 -24.14 -6.39
CA GLY E 97 27.06 -24.53 -5.29
C GLY E 97 26.08 -23.46 -4.88
N HIS E 98 24.94 -23.87 -4.35
CA HIS E 98 23.90 -22.96 -3.94
C HIS E 98 24.20 -22.45 -2.55
N PHE E 99 24.39 -21.13 -2.45
CA PHE E 99 24.45 -20.45 -1.16
C PHE E 99 23.04 -20.54 -0.60
N ALA E 100 22.92 -20.63 0.72
CA ALA E 100 21.66 -20.85 1.42
C ALA E 100 20.52 -19.90 1.04
N ASP E 101 19.58 -19.74 1.95
CA ASP E 101 18.43 -18.84 1.82
C ASP E 101 18.84 -17.41 1.45
N TYR E 102 20.13 -17.24 1.17
CA TYR E 102 20.75 -15.94 0.90
C TYR E 102 20.10 -15.10 -0.20
N GLU E 103 19.19 -14.25 0.26
CA GLU E 103 18.92 -12.94 -0.28
C GLU E 103 18.44 -12.27 1.00
N GLU E 104 17.96 -13.12 1.90
CA GLU E 104 17.64 -12.78 3.28
C GLU E 104 18.86 -12.25 4.02
N LEU E 105 19.97 -12.98 3.93
CA LEU E 105 21.21 -12.57 4.59
C LEU E 105 21.83 -11.31 3.99
N ARG E 106 21.54 -11.06 2.71
CA ARG E 106 21.90 -9.79 2.07
C ARG E 106 21.18 -8.64 2.79
N GLU E 107 19.93 -8.91 3.18
CA GLU E 107 19.05 -7.96 3.86
C GLU E 107 19.48 -7.65 5.29
N GLN E 108 19.87 -8.67 6.05
CA GLN E 108 20.24 -8.47 7.44
C GLN E 108 21.65 -7.92 7.60
N LEU E 109 22.47 -8.07 6.55
CA LEU E 109 23.80 -7.49 6.53
C LEU E 109 23.79 -6.14 5.82
N SER E 110 22.62 -5.69 5.37
CA SER E 110 22.52 -4.43 4.63
C SER E 110 22.56 -3.21 5.55
N SER E 111 22.16 -3.40 6.81
CA SER E 111 22.37 -2.39 7.84
C SER E 111 22.83 -3.09 9.12
N VAL E 112 24.09 -2.85 9.48
CA VAL E 112 24.72 -3.46 10.65
C VAL E 112 25.61 -2.42 11.33
N SER E 113 25.47 -2.31 12.64
CA SER E 113 26.21 -1.32 13.43
C SER E 113 27.64 -1.75 13.78
N SER E 114 27.78 -2.66 14.75
CA SER E 114 29.09 -3.09 15.24
C SER E 114 29.61 -4.30 14.46
N PHE E 115 30.71 -4.12 13.74
CA PHE E 115 31.25 -5.17 12.88
C PHE E 115 32.77 -5.27 12.98
N GLU E 116 33.24 -6.28 13.70
CA GLU E 116 34.68 -6.53 13.86
C GLU E 116 34.99 -7.99 13.56
N ARG E 117 35.94 -8.21 12.65
CA ARG E 117 36.33 -9.55 12.22
C ARG E 117 37.20 -10.28 13.27
N PHE E 118 36.79 -11.50 13.60
CA PHE E 118 37.57 -12.37 14.49
C PHE E 118 37.60 -13.79 13.95
N GLU E 119 38.62 -14.56 14.34
CA GLU E 119 38.74 -15.95 13.89
C GLU E 119 37.96 -16.91 14.78
N MET E 120 36.91 -17.50 14.19
CA MET E 120 36.03 -18.48 14.86
C MET E 120 36.81 -19.68 15.39
N PHE E 121 37.23 -20.56 14.49
CA PHE E 121 38.07 -21.70 14.84
C PHE E 121 39.33 -21.74 13.97
N PRO E 122 40.50 -21.53 14.58
CA PRO E 122 41.78 -21.64 13.87
C PRO E 122 41.88 -22.96 13.11
N LYS E 123 42.34 -22.90 11.86
CA LYS E 123 42.48 -24.08 11.01
C LYS E 123 43.61 -24.98 11.48
N GLU E 124 44.60 -24.38 12.15
CA GLU E 124 45.75 -25.12 12.68
C GLU E 124 45.55 -25.45 14.15
N SER E 125 45.86 -26.69 14.51
CA SER E 125 45.98 -27.15 15.91
C SER E 125 44.77 -26.88 16.85
N SER E 126 43.60 -26.60 16.28
CA SER E 126 42.40 -26.42 17.11
C SER E 126 41.49 -27.65 17.10
N TRP E 127 41.70 -28.53 16.13
CA TRP E 127 40.98 -29.79 16.04
C TRP E 127 41.91 -30.94 16.29
N PRO E 128 41.68 -31.69 17.39
CA PRO E 128 42.49 -32.87 17.65
C PRO E 128 42.06 -34.05 16.79
N ASN E 129 43.04 -34.79 16.26
CA ASN E 129 42.82 -35.97 15.43
C ASN E 129 42.17 -35.68 14.07
N HIS E 130 42.40 -34.48 13.54
CA HIS E 130 41.72 -34.07 12.32
C HIS E 130 42.61 -33.51 11.23
N THR E 131 42.00 -32.80 10.27
CA THR E 131 42.64 -32.49 8.99
C THR E 131 42.89 -31.00 8.71
N VAL E 132 43.92 -30.74 7.91
CA VAL E 132 44.37 -29.39 7.56
C VAL E 132 44.08 -29.02 6.10
N THR E 133 44.93 -28.13 5.54
CA THR E 133 44.80 -27.55 4.20
C THR E 133 43.65 -28.08 3.34
N GLY E 134 43.92 -29.11 2.54
CA GLY E 134 42.94 -29.65 1.60
C GLY E 134 42.69 -28.76 0.40
N VAL E 135 43.37 -27.61 0.38
CA VAL E 135 43.26 -26.62 -0.70
C VAL E 135 43.54 -27.24 -2.07
N SER E 136 42.62 -26.99 -3.02
CA SER E 136 42.74 -27.52 -4.38
C SER E 136 41.95 -26.69 -5.41
N ALA E 137 40.76 -26.27 -5.02
CA ALA E 137 39.72 -25.75 -5.91
C ALA E 137 40.15 -24.76 -6.99
N SER E 138 39.36 -24.68 -8.05
CA SER E 138 39.53 -23.73 -9.14
C SER E 138 39.41 -22.27 -8.68
N CYS E 139 39.57 -22.09 -7.38
CA CYS E 139 39.53 -20.78 -6.75
C CYS E 139 40.95 -20.28 -6.58
N SER E 140 41.30 -19.23 -7.34
CA SER E 140 42.68 -18.77 -7.45
C SER E 140 42.85 -17.26 -7.32
N HIS E 141 44.01 -16.85 -6.79
CA HIS E 141 44.43 -15.46 -6.81
C HIS E 141 45.94 -15.33 -6.81
N ASN E 142 46.45 -14.66 -7.83
CA ASN E 142 47.89 -14.46 -8.05
C ASN E 142 48.67 -15.75 -8.37
N GLY E 143 48.35 -16.35 -9.51
CA GLY E 143 49.08 -17.50 -10.03
C GLY E 143 48.70 -18.86 -9.45
N LYS E 144 48.47 -18.90 -8.14
CA LYS E 144 48.22 -20.15 -7.43
C LYS E 144 46.74 -20.32 -7.07
N SER E 145 46.32 -21.58 -6.88
CA SER E 145 44.93 -21.92 -6.56
C SER E 145 44.75 -22.13 -5.06
N SER E 146 43.94 -21.27 -4.44
CA SER E 146 43.76 -21.25 -3.00
C SER E 146 42.32 -21.55 -2.56
N PHE E 147 42.19 -22.21 -1.42
CA PHE E 147 40.90 -22.44 -0.77
C PHE E 147 40.45 -21.16 -0.05
N TYR E 148 39.20 -21.13 0.41
CA TYR E 148 38.67 -20.00 1.19
C TYR E 148 39.56 -19.64 2.39
N LYS E 149 39.31 -18.48 2.98
CA LYS E 149 40.05 -18.03 4.15
C LYS E 149 39.17 -17.99 5.39
N ASN E 150 37.89 -17.69 5.20
CA ASN E 150 36.93 -17.60 6.31
C ASN E 150 36.29 -18.95 6.63
N LEU E 151 36.45 -19.89 5.71
CA LEU E 151 35.98 -21.27 5.88
C LEU E 151 37.20 -22.17 6.07
N LEU E 152 37.02 -23.36 6.64
CA LEU E 152 38.11 -24.33 6.75
C LEU E 152 37.76 -25.75 6.25
N TRP E 153 38.54 -26.23 5.29
CA TRP E 153 38.33 -27.53 4.65
C TRP E 153 39.01 -28.62 5.42
N LEU E 154 38.22 -29.62 5.84
CA LEU E 154 38.74 -30.76 6.58
C LEU E 154 38.55 -32.03 5.73
N THR E 155 39.64 -32.46 5.10
CA THR E 155 39.63 -33.67 4.27
C THR E 155 39.96 -34.89 5.12
N GLY E 156 40.72 -35.83 4.54
CA GLY E 156 41.16 -37.02 5.27
C GLY E 156 42.62 -36.95 5.71
N LYS E 157 42.91 -37.61 6.83
CA LYS E 157 44.27 -37.69 7.37
C LYS E 157 44.71 -39.14 7.56
N ASN E 158 45.59 -39.57 6.66
CA ASN E 158 46.25 -40.90 6.70
C ASN E 158 45.30 -42.11 6.63
N GLY E 159 44.70 -42.47 7.76
CA GLY E 159 43.89 -43.69 7.86
C GLY E 159 42.39 -43.51 7.96
N LEU E 160 41.93 -42.81 9.00
CA LEU E 160 40.50 -42.66 9.27
C LEU E 160 39.95 -41.26 9.02
N TYR E 161 38.67 -41.11 9.31
CA TYR E 161 38.04 -39.81 9.53
C TYR E 161 37.08 -39.97 10.71
N PRO E 162 37.48 -39.47 11.89
CA PRO E 162 36.67 -39.60 13.10
C PRO E 162 35.41 -38.75 13.09
N ASN E 163 34.37 -39.25 13.76
CA ASN E 163 33.16 -38.48 14.02
C ASN E 163 33.36 -37.58 15.24
N LEU E 164 32.77 -36.38 15.22
CA LEU E 164 33.05 -35.36 16.23
C LEU E 164 31.84 -34.53 16.66
N SER E 165 32.07 -33.64 17.62
CA SER E 165 31.08 -32.69 18.11
C SER E 165 31.80 -31.47 18.69
N LYS E 166 31.42 -30.28 18.22
CA LYS E 166 32.03 -29.03 18.68
C LYS E 166 31.08 -27.86 18.51
N SER E 167 31.33 -26.78 19.24
CA SER E 167 30.41 -25.64 19.32
C SER E 167 31.12 -24.32 19.59
N TYR E 168 30.38 -23.21 19.47
CA TYR E 168 30.91 -21.88 19.80
C TYR E 168 29.94 -21.06 20.65
N ALA E 169 30.34 -20.84 21.91
CA ALA E 169 29.60 -20.02 22.87
C ALA E 169 29.39 -18.58 22.38
N ASN E 170 28.28 -17.99 22.78
CA ASN E 170 27.98 -16.59 22.47
C ASN E 170 28.12 -15.69 23.71
N ASN E 171 29.37 -15.45 24.10
CA ASN E 171 29.69 -14.54 25.20
C ASN E 171 30.19 -13.20 24.65
N LYS E 172 29.25 -12.37 24.21
CA LYS E 172 29.58 -11.15 23.47
C LYS E 172 28.69 -9.97 23.83
N GLU E 173 27.38 -10.20 23.78
CA GLU E 173 26.34 -9.15 23.82
C GLU E 173 26.14 -8.51 22.43
N LYS E 174 26.74 -9.14 21.42
CA LYS E 174 26.42 -8.89 20.01
C LYS E 174 26.34 -10.21 19.22
N GLU E 175 25.50 -10.22 18.20
CA GLU E 175 25.10 -11.47 17.53
C GLU E 175 26.09 -11.94 16.46
N VAL E 176 26.28 -13.25 16.35
CA VAL E 176 27.33 -13.84 15.54
C VAL E 176 26.81 -14.74 14.41
N LEU E 177 27.17 -14.42 13.16
CA LEU E 177 26.82 -15.28 12.03
C LEU E 177 27.91 -16.29 11.72
N VAL E 178 27.48 -17.53 11.50
CA VAL E 178 28.37 -18.63 11.17
C VAL E 178 27.99 -19.23 9.82
N LEU E 179 28.96 -19.31 8.93
CA LEU E 179 28.79 -19.98 7.64
C LEU E 179 29.37 -21.38 7.72
N TRP E 180 28.70 -22.33 7.05
CA TRP E 180 29.21 -23.68 6.87
C TRP E 180 28.73 -24.24 5.56
N GLY E 181 29.63 -24.91 4.85
CA GLY E 181 29.31 -25.50 3.54
C GLY E 181 29.41 -27.02 3.55
N VAL E 182 28.75 -27.65 2.57
CA VAL E 182 28.76 -29.11 2.45
C VAL E 182 29.01 -29.53 0.99
N HIS E 183 30.01 -30.37 0.79
CA HIS E 183 30.50 -30.73 -0.55
C HIS E 183 29.78 -31.91 -1.16
N HIS E 184 29.33 -31.73 -2.39
CA HIS E 184 28.62 -32.77 -3.14
C HIS E 184 29.43 -33.20 -4.34
N PRO E 185 30.16 -34.33 -4.23
CA PRO E 185 31.05 -34.76 -5.30
C PRO E 185 30.34 -35.35 -6.52
N PRO E 186 30.84 -35.07 -7.73
CA PRO E 186 30.39 -35.73 -8.95
C PRO E 186 30.82 -37.19 -8.97
N ASN E 187 32.13 -37.40 -9.01
CA ASN E 187 32.75 -38.72 -8.89
C ASN E 187 32.29 -39.42 -7.61
N ILE E 188 31.82 -40.65 -7.76
CA ILE E 188 31.33 -41.45 -6.63
C ILE E 188 32.48 -42.01 -5.78
N GLY E 189 33.67 -42.08 -6.38
CA GLY E 189 34.88 -42.48 -5.68
C GLY E 189 35.74 -41.30 -5.24
N ASP E 190 35.12 -40.13 -5.16
CA ASP E 190 35.80 -38.91 -4.73
C ASP E 190 35.66 -38.72 -3.21
N GLN E 191 34.53 -39.19 -2.66
CA GLN E 191 34.27 -39.13 -1.23
C GLN E 191 35.32 -39.89 -0.44
N ARG E 192 35.54 -41.15 -0.79
CA ARG E 192 36.50 -42.00 -0.07
C ARG E 192 37.94 -41.56 -0.32
N ALA E 193 38.14 -40.78 -1.38
CA ALA E 193 39.43 -40.18 -1.69
C ALA E 193 39.79 -39.08 -0.70
N LEU E 194 38.78 -38.54 -0.01
CA LEU E 194 39.00 -37.49 0.99
C LEU E 194 38.29 -37.80 2.31
N TYR E 195 36.96 -37.94 2.26
CA TYR E 195 36.13 -37.98 3.46
C TYR E 195 35.86 -39.38 4.01
N HIS E 196 36.21 -40.40 3.23
CA HIS E 196 36.12 -41.82 3.63
C HIS E 196 34.77 -42.46 3.40
N THR E 197 33.95 -42.54 4.45
CA THR E 197 32.77 -43.43 4.50
C THR E 197 31.73 -43.27 3.38
N GLU E 198 30.66 -44.06 3.52
CA GLU E 198 29.64 -44.21 2.48
C GLU E 198 28.51 -43.18 2.55
N ASN E 199 28.26 -42.66 3.76
CA ASN E 199 27.14 -41.76 3.98
C ASN E 199 27.49 -40.41 4.62
N ALA E 200 26.45 -39.72 5.08
CA ALA E 200 26.55 -38.33 5.53
C ALA E 200 27.02 -38.16 6.97
N TYR E 201 26.03 -37.99 7.86
CA TYR E 201 26.25 -37.54 9.24
C TYR E 201 26.86 -36.13 9.24
N VAL E 202 26.14 -35.19 8.63
CA VAL E 202 26.43 -33.76 8.77
C VAL E 202 25.27 -33.16 9.54
N SER E 203 25.52 -32.75 10.78
CA SER E 203 24.45 -32.24 11.63
C SER E 203 24.76 -30.88 12.24
N VAL E 204 23.79 -29.99 12.16
CA VAL E 204 23.90 -28.67 12.77
C VAL E 204 22.71 -28.42 13.69
N VAL E 205 23.00 -27.89 14.87
CA VAL E 205 21.97 -27.68 15.89
C VAL E 205 22.29 -26.52 16.84
N SER E 206 21.42 -25.52 16.84
CA SER E 206 21.48 -24.44 17.82
C SER E 206 20.48 -24.73 18.93
N SER E 207 20.25 -23.76 19.83
CA SER E 207 19.26 -23.93 20.89
C SER E 207 17.84 -23.83 20.35
N HIS E 208 17.72 -23.76 19.02
CA HIS E 208 16.44 -23.78 18.31
C HIS E 208 16.61 -24.33 16.91
N TYR E 209 17.53 -23.74 16.15
CA TYR E 209 17.79 -24.09 14.75
C TYR E 209 18.29 -25.53 14.63
N SER E 210 17.60 -26.33 13.83
CA SER E 210 17.95 -27.75 13.68
C SER E 210 17.72 -28.28 12.27
N ARG E 211 18.81 -28.80 11.69
CA ARG E 211 18.82 -29.36 10.35
C ARG E 211 19.90 -30.44 10.28
N LYS E 212 19.58 -31.53 9.58
CA LYS E 212 20.53 -32.63 9.39
C LYS E 212 20.82 -32.73 7.89
N PHE E 213 22.05 -32.40 7.52
CA PHE E 213 22.44 -32.35 6.12
C PHE E 213 23.00 -33.67 5.62
N THR E 214 22.76 -33.93 4.34
CA THR E 214 23.25 -35.14 3.67
C THR E 214 23.85 -34.78 2.31
N PRO E 215 25.04 -35.31 2.01
CA PRO E 215 25.52 -35.20 0.64
C PRO E 215 24.78 -36.18 -0.27
N GLU E 216 23.72 -35.68 -0.90
CA GLU E 216 23.04 -36.40 -1.98
C GLU E 216 23.93 -36.32 -3.19
N ILE E 217 24.46 -37.47 -3.62
CA ILE E 217 25.63 -37.50 -4.51
C ILE E 217 25.36 -38.06 -5.90
N ALA E 218 25.69 -37.24 -6.91
CA ALA E 218 25.68 -37.63 -8.33
C ALA E 218 26.62 -36.73 -9.13
N LYS E 219 26.92 -37.12 -10.37
CA LYS E 219 27.76 -36.31 -11.26
C LYS E 219 27.07 -35.01 -11.68
N ARG E 220 27.85 -33.93 -11.71
CA ARG E 220 27.33 -32.57 -11.85
C ARG E 220 27.93 -31.84 -13.06
N PRO E 221 27.32 -30.72 -13.49
CA PRO E 221 27.89 -29.90 -14.58
C PRO E 221 29.27 -29.34 -14.26
N LYS E 222 30.15 -29.33 -15.27
CA LYS E 222 31.53 -28.88 -15.07
C LYS E 222 31.71 -27.40 -15.41
N VAL E 223 32.34 -26.68 -14.48
CA VAL E 223 32.67 -25.26 -14.69
C VAL E 223 34.19 -25.15 -14.89
N ARG E 224 34.86 -24.39 -14.02
CA ARG E 224 36.29 -24.11 -14.16
C ARG E 224 37.17 -25.21 -13.58
N ASP E 225 36.89 -26.44 -13.99
CA ASP E 225 37.62 -27.65 -13.55
C ASP E 225 37.18 -28.15 -12.16
N GLN E 226 35.97 -27.77 -11.77
CA GLN E 226 35.32 -28.31 -10.56
C GLN E 226 33.83 -28.52 -10.84
N GLU E 227 33.43 -29.78 -10.95
CA GLU E 227 32.06 -30.16 -11.30
C GLU E 227 31.05 -29.82 -10.20
N GLY E 228 31.13 -30.57 -9.10
CA GLY E 228 30.10 -30.59 -8.06
C GLY E 228 29.72 -29.27 -7.39
N ARG E 229 28.87 -29.39 -6.37
CA ARG E 229 28.35 -28.22 -5.68
C ARG E 229 28.80 -28.18 -4.23
N ILE E 230 28.95 -26.96 -3.70
CA ILE E 230 29.09 -26.74 -2.26
C ILE E 230 27.93 -25.87 -1.81
N ASN E 231 27.18 -26.35 -0.81
CA ASN E 231 26.06 -25.59 -0.28
C ASN E 231 26.40 -24.90 1.03
N TYR E 232 26.62 -23.59 0.95
CA TYR E 232 26.99 -22.77 2.09
C TYR E 232 25.74 -22.33 2.82
N TYR E 233 25.76 -22.43 4.14
CA TYR E 233 24.61 -22.12 4.98
C TYR E 233 25.01 -21.18 6.11
N TRP E 234 24.02 -20.57 6.74
CA TRP E 234 24.26 -19.55 7.75
C TRP E 234 23.20 -19.48 8.80
N THR E 235 23.59 -19.04 9.99
CA THR E 235 22.64 -18.72 11.06
C THR E 235 23.22 -17.59 11.93
N LEU E 236 22.33 -16.74 12.45
CA LEU E 236 22.76 -15.67 13.34
C LEU E 236 22.50 -16.00 14.80
N LEU E 237 23.57 -16.03 15.59
CA LEU E 237 23.52 -16.48 16.99
C LEU E 237 23.06 -15.37 17.92
N GLU E 238 21.86 -15.53 18.48
CA GLU E 238 21.35 -14.65 19.52
C GLU E 238 22.01 -15.09 20.84
N PRO E 239 22.12 -14.19 21.84
CA PRO E 239 22.99 -14.53 22.98
C PRO E 239 22.56 -15.82 23.68
N GLY E 240 23.55 -16.57 24.16
CA GLY E 240 23.29 -17.83 24.85
C GLY E 240 23.20 -19.00 23.88
N ASP E 241 22.56 -18.78 22.73
CA ASP E 241 22.39 -19.80 21.71
C ASP E 241 23.72 -20.24 21.08
N THR E 242 24.05 -21.52 21.24
CA THR E 242 25.30 -22.07 20.73
C THR E 242 25.09 -23.17 19.67
N ILE E 243 25.56 -22.88 18.47
CA ILE E 243 25.49 -23.80 17.33
C ILE E 243 26.45 -24.99 17.47
N ILE E 244 25.91 -26.20 17.41
CA ILE E 244 26.70 -27.43 17.54
C ILE E 244 26.87 -28.09 16.17
N PHE E 245 28.08 -28.61 15.91
CA PHE E 245 28.40 -29.22 14.62
C PHE E 245 28.86 -30.66 14.79
N GLU E 246 28.20 -31.57 14.12
CA GLU E 246 28.60 -32.98 14.13
C GLU E 246 28.81 -33.49 12.72
N ALA E 247 30.02 -33.97 12.45
CA ALA E 247 30.38 -34.47 11.13
C ALA E 247 31.07 -35.83 11.18
N ASN E 248 30.58 -36.76 10.38
CA ASN E 248 31.36 -37.93 9.99
C ASN E 248 32.10 -37.62 8.69
N GLY E 249 31.80 -36.44 8.14
CA GLY E 249 32.45 -35.95 6.94
C GLY E 249 31.70 -34.82 6.26
N ASN E 250 32.31 -34.31 5.18
CA ASN E 250 31.70 -33.34 4.26
C ASN E 250 31.30 -31.96 4.80
N LEU E 251 31.34 -31.80 6.13
CA LEU E 251 31.16 -30.48 6.71
C LEU E 251 32.41 -29.66 6.49
N ILE E 252 32.26 -28.53 5.81
CA ILE E 252 33.33 -27.55 5.75
C ILE E 252 33.09 -26.60 6.92
N ALA E 253 33.89 -26.77 7.96
CA ALA E 253 33.67 -26.09 9.24
C ALA E 253 34.04 -24.61 9.22
N PRO E 254 33.25 -23.77 9.93
CA PRO E 254 33.54 -22.37 10.21
C PRO E 254 34.98 -22.12 10.70
N ARG E 255 35.59 -21.06 10.19
CA ARG E 255 36.96 -20.68 10.54
C ARG E 255 37.00 -19.24 11.06
N TYR E 256 36.31 -18.34 10.36
CA TYR E 256 36.12 -16.96 10.79
C TYR E 256 34.66 -16.69 11.06
N ALA E 257 34.38 -15.87 12.08
CA ALA E 257 33.01 -15.46 12.39
C ALA E 257 32.90 -13.95 12.59
N PHE E 258 31.67 -13.45 12.57
CA PHE E 258 31.39 -12.02 12.64
C PHE E 258 30.47 -11.72 13.81
N ALA E 259 30.82 -10.71 14.60
CA ALA E 259 29.98 -10.26 15.72
C ALA E 259 29.33 -8.93 15.36
N LEU E 260 28.00 -8.90 15.30
CA LEU E 260 27.27 -7.74 14.74
C LEU E 260 26.42 -6.89 15.70
N SER E 261 25.12 -7.17 15.75
CA SER E 261 24.10 -6.32 16.42
C SER E 261 23.34 -5.50 15.36
N ARG E 262 22.11 -5.93 15.08
CA ARG E 262 21.26 -5.31 14.06
C ARG E 262 19.79 -5.71 14.26
N GLY E 263 18.89 -4.76 14.06
CA GLY E 263 17.45 -5.01 14.13
C GLY E 263 16.72 -4.59 12.86
N PHE E 264 16.99 -3.37 12.42
CA PHE E 264 16.37 -2.80 11.22
C PHE E 264 17.09 -3.22 9.94
N GLY E 265 16.42 -3.03 8.80
CA GLY E 265 16.96 -3.45 7.51
C GLY E 265 17.36 -2.31 6.59
N SER E 266 17.92 -2.67 5.43
CA SER E 266 18.36 -1.71 4.42
C SER E 266 18.37 -2.39 3.04
N GLY E 267 19.40 -2.13 2.24
CA GLY E 267 19.49 -2.73 0.90
C GLY E 267 20.86 -2.67 0.25
N ILE E 268 20.94 -3.20 -0.97
CA ILE E 268 22.12 -3.07 -1.83
C ILE E 268 21.75 -2.17 -3.02
N ILE E 269 22.76 -1.68 -3.73
CA ILE E 269 22.54 -0.88 -4.94
C ILE E 269 23.31 -1.43 -6.14
N ASN E 270 22.59 -1.68 -7.24
CA ASN E 270 23.20 -2.23 -8.45
C ASN E 270 23.35 -1.22 -9.58
N SER E 271 24.31 -0.32 -9.40
CA SER E 271 24.72 0.62 -10.45
C SER E 271 26.23 0.71 -10.49
N ASN E 272 26.75 1.20 -11.61
CA ASN E 272 28.18 1.27 -11.86
C ASN E 272 28.77 2.61 -11.43
N ALA E 273 27.91 3.49 -10.91
CA ALA E 273 28.25 4.86 -10.52
C ALA E 273 29.45 4.99 -9.56
N PRO E 274 30.19 6.12 -9.64
CA PRO E 274 31.42 6.32 -8.86
C PRO E 274 31.22 6.66 -7.38
N MET E 275 32.21 6.29 -6.56
CA MET E 275 32.25 6.63 -5.14
C MET E 275 32.95 7.96 -4.93
N ASP E 276 32.28 8.86 -4.20
CA ASP E 276 32.83 10.18 -3.85
C ASP E 276 32.26 10.70 -2.53
N GLU E 277 33.10 11.40 -1.77
CA GLU E 277 32.76 11.79 -0.39
C GLU E 277 31.77 12.94 -0.30
N CYS E 278 30.66 12.68 0.40
CA CYS E 278 29.63 13.69 0.69
C CYS E 278 28.59 13.16 1.67
N ASP E 279 27.58 13.97 1.93
CA ASP E 279 26.36 13.52 2.59
C ASP E 279 25.22 13.39 1.59
N ALA E 280 24.14 12.77 2.03
CA ALA E 280 22.94 12.61 1.24
C ALA E 280 21.79 12.27 2.17
N LYS E 281 20.57 12.53 1.74
CA LYS E 281 19.39 12.18 2.52
C LYS E 281 18.77 10.90 2.00
N CYS E 282 19.11 10.56 0.76
CA CYS E 282 18.59 9.37 0.11
C CYS E 282 19.53 8.84 -0.97
N GLN E 283 19.08 7.83 -1.73
CA GLN E 283 19.95 7.18 -2.72
C GLN E 283 19.23 6.43 -3.83
N THR E 284 19.74 6.59 -5.05
CA THR E 284 19.27 5.84 -6.22
C THR E 284 20.46 5.17 -6.92
N PRO E 285 20.19 4.10 -7.70
CA PRO E 285 21.23 3.52 -8.55
C PRO E 285 21.83 4.57 -9.49
N GLN E 286 20.97 5.37 -10.10
CA GLN E 286 21.38 6.45 -11.00
C GLN E 286 22.30 7.50 -10.33
N GLY E 287 21.89 8.00 -9.17
CA GLY E 287 22.69 8.98 -8.42
C GLY E 287 22.24 9.09 -6.98
N ALA E 288 22.61 10.20 -6.32
CA ALA E 288 22.18 10.44 -4.94
C ALA E 288 21.04 11.47 -4.91
N ILE E 289 20.21 11.36 -3.88
CA ILE E 289 18.99 12.19 -3.76
C ILE E 289 19.02 13.08 -2.51
N ASN E 290 18.22 14.15 -2.56
CA ASN E 290 18.02 15.04 -1.42
C ASN E 290 16.54 15.09 -1.09
N SER E 291 16.23 14.91 0.20
CA SER E 291 14.85 14.81 0.68
C SER E 291 14.04 16.12 0.58
N SER E 292 14.67 17.15 0.02
CA SER E 292 14.12 18.50 -0.13
C SER E 292 12.64 18.52 -0.50
N LEU E 293 12.38 18.40 -1.80
CA LEU E 293 11.05 18.54 -2.38
C LEU E 293 10.12 17.39 -1.96
N PRO E 294 8.79 17.58 -2.14
CA PRO E 294 7.84 16.56 -1.67
C PRO E 294 7.85 15.29 -2.51
N PHE E 295 8.31 15.42 -3.76
CA PHE E 295 8.36 14.31 -4.71
C PHE E 295 9.63 14.37 -5.56
N GLN E 296 9.95 13.24 -6.20
CA GLN E 296 11.13 13.15 -7.05
C GLN E 296 10.89 12.37 -8.35
N ASN E 297 11.42 12.91 -9.44
CA ASN E 297 11.16 12.41 -10.80
C ASN E 297 11.99 11.19 -11.22
N VAL E 298 13.17 11.03 -10.64
CA VAL E 298 14.20 10.12 -11.16
C VAL E 298 13.88 8.60 -11.19
N HIS E 299 13.96 7.92 -10.05
CA HIS E 299 13.97 6.45 -10.05
C HIS E 299 13.11 5.83 -8.97
N PRO E 300 12.31 4.80 -9.34
CA PRO E 300 11.32 4.14 -8.46
C PRO E 300 11.91 3.42 -7.26
N VAL E 301 13.21 3.16 -7.28
CA VAL E 301 13.91 2.54 -6.16
C VAL E 301 14.82 3.57 -5.51
N THR E 302 14.87 3.52 -4.17
CA THR E 302 15.60 4.49 -3.33
C THR E 302 16.02 3.84 -2.01
N ILE E 303 16.77 4.59 -1.19
CA ILE E 303 17.18 4.17 0.15
C ILE E 303 17.21 5.39 1.09
N GLY E 304 16.53 5.28 2.24
CA GLY E 304 16.51 6.34 3.23
C GLY E 304 15.29 7.25 3.19
N GLU E 305 15.53 8.55 3.40
CA GLU E 305 14.50 9.57 3.56
C GLU E 305 13.96 10.19 2.27
N CYS E 306 13.87 9.42 1.19
CA CYS E 306 13.48 9.96 -0.11
C CYS E 306 12.17 10.70 -0.16
N PRO E 307 12.06 11.66 -1.10
CA PRO E 307 10.75 12.10 -1.54
C PRO E 307 10.10 10.93 -2.26
N LYS E 308 8.77 10.87 -2.23
CA LYS E 308 8.06 9.76 -2.85
C LYS E 308 8.16 9.85 -4.37
N TYR E 309 8.77 8.82 -4.98
CA TYR E 309 9.01 8.80 -6.43
C TYR E 309 7.72 8.92 -7.22
N VAL E 310 7.79 9.66 -8.32
CA VAL E 310 6.69 9.77 -9.27
C VAL E 310 7.17 9.59 -10.71
N ARG E 311 6.33 8.94 -11.53
CA ARG E 311 6.65 8.67 -12.92
C ARG E 311 6.15 9.80 -13.82
N SER E 312 5.67 10.87 -13.18
CA SER E 312 5.10 12.03 -13.87
C SER E 312 6.17 12.89 -14.53
N ALA E 313 5.71 13.93 -15.24
CA ALA E 313 6.61 14.85 -15.91
C ALA E 313 6.59 16.20 -15.22
N LYS E 314 5.46 16.90 -15.33
CA LYS E 314 5.34 18.26 -14.86
C LYS E 314 4.74 18.32 -13.47
N LEU E 315 5.49 18.93 -12.55
CA LEU E 315 5.04 19.19 -11.19
C LEU E 315 5.68 20.46 -10.63
N ARG E 316 5.39 21.59 -11.27
CA ARG E 316 5.82 22.89 -10.76
C ARG E 316 4.64 23.81 -10.46
N MET E 317 4.75 24.54 -9.34
CA MET E 317 3.67 25.40 -8.86
C MET E 317 3.84 26.84 -9.36
N VAL E 318 2.79 27.65 -9.19
CA VAL E 318 2.84 29.05 -9.57
C VAL E 318 2.77 29.98 -8.35
N THR E 319 3.79 30.82 -8.24
CA THR E 319 3.87 31.81 -7.19
C THR E 319 3.45 33.16 -7.78
N GLY E 320 3.67 33.32 -9.08
CA GLY E 320 3.39 34.57 -9.78
C GLY E 320 2.03 34.70 -10.40
N LEU E 321 1.96 35.49 -11.47
CA LEU E 321 0.69 35.93 -12.04
C LEU E 321 0.55 35.54 -13.52
N ARG E 322 -0.69 35.47 -13.99
CA ARG E 322 -0.97 35.26 -15.40
C ARG E 322 -0.68 36.57 -16.16
N ASN E 323 0.41 36.56 -16.91
CA ASN E 323 1.10 37.79 -17.27
C ASN E 323 1.06 38.25 -18.72
N ILE E 324 0.88 39.55 -18.90
CA ILE E 324 0.94 40.21 -20.21
C ILE E 324 1.50 41.63 -19.99
N PRO E 325 2.48 42.06 -20.81
CA PRO E 325 2.97 43.44 -20.72
C PRO E 325 2.01 44.49 -21.30
N SER E 326 1.25 44.13 -22.34
CA SER E 326 0.36 45.04 -23.06
C SER E 326 1.11 46.19 -23.74
N ILE E 327 2.44 46.17 -23.67
CA ILE E 327 3.30 47.22 -24.20
C ILE E 327 3.08 47.47 -25.70
N GLY F 1 -10.54 35.53 -16.43
CA GLY F 1 -10.88 34.16 -15.96
C GLY F 1 -12.08 34.16 -15.02
N LEU F 2 -11.88 34.70 -13.82
CA LEU F 2 -12.93 34.75 -12.80
C LEU F 2 -13.35 36.17 -12.40
N PHE F 3 -12.54 36.80 -11.53
CA PHE F 3 -12.91 38.05 -10.87
C PHE F 3 -12.85 39.29 -11.78
N GLY F 4 -12.71 39.06 -13.07
CA GLY F 4 -12.77 40.13 -14.07
C GLY F 4 -11.44 40.80 -14.36
N ALA F 5 -10.69 41.11 -13.30
CA ALA F 5 -9.49 41.96 -13.40
C ALA F 5 -8.35 41.36 -14.24
N ILE F 6 -7.52 40.52 -13.61
CA ILE F 6 -6.29 40.02 -14.24
C ILE F 6 -6.59 39.27 -15.53
N ALA F 7 -5.92 39.69 -16.61
CA ALA F 7 -6.09 39.14 -17.95
C ALA F 7 -7.55 39.15 -18.42
N GLY F 8 -8.28 40.19 -18.04
CA GLY F 8 -9.68 40.34 -18.42
C GLY F 8 -10.07 41.80 -18.53
N PHE F 9 -10.03 42.50 -17.39
CA PHE F 9 -10.37 43.92 -17.34
C PHE F 9 -9.13 44.72 -17.68
N ILE F 10 -8.16 44.75 -16.77
CA ILE F 10 -6.83 45.26 -17.07
C ILE F 10 -6.26 44.27 -18.07
N GLU F 11 -6.04 44.74 -19.30
CA GLU F 11 -5.60 43.89 -20.39
C GLU F 11 -4.26 43.23 -20.07
N GLY F 12 -3.21 44.03 -19.95
CA GLY F 12 -1.91 43.51 -19.53
C GLY F 12 -1.40 44.19 -18.27
N GLY F 13 -0.44 43.53 -17.62
CA GLY F 13 0.28 44.12 -16.48
C GLY F 13 1.45 44.95 -16.97
N TRP F 14 2.23 45.49 -16.02
CA TRP F 14 3.31 46.39 -16.38
C TRP F 14 4.67 45.82 -16.15
N THR F 15 5.52 45.97 -17.15
CA THR F 15 6.92 45.57 -17.08
C THR F 15 7.73 46.66 -16.38
N GLY F 16 7.11 47.83 -16.23
CA GLY F 16 7.69 48.93 -15.46
C GLY F 16 7.72 48.63 -13.98
N MET F 17 6.81 47.76 -13.55
CA MET F 17 6.71 47.33 -12.15
C MET F 17 7.96 46.58 -11.69
N VAL F 18 8.48 46.98 -10.54
CA VAL F 18 9.73 46.41 -9.98
C VAL F 18 9.52 46.07 -8.51
N ASP F 19 8.96 47.03 -7.77
CA ASP F 19 8.82 46.94 -6.32
C ASP F 19 7.71 46.01 -5.84
N GLY F 20 6.97 45.42 -6.77
CA GLY F 20 5.87 44.51 -6.42
C GLY F 20 5.02 44.00 -7.56
N TRP F 21 3.99 43.21 -7.23
CA TRP F 21 3.08 42.65 -8.22
C TRP F 21 1.88 43.52 -8.44
N TYR F 22 1.39 44.14 -7.37
CA TYR F 22 0.21 45.01 -7.44
C TYR F 22 0.54 46.42 -7.00
N GLY F 23 -0.33 47.38 -7.34
CA GLY F 23 -0.17 48.76 -6.92
C GLY F 23 -0.64 49.77 -7.96
N TYR F 24 -0.18 51.00 -7.81
CA TYR F 24 -0.64 52.11 -8.64
C TYR F 24 0.52 52.75 -9.41
N HIS F 25 0.25 53.18 -10.65
CA HIS F 25 1.12 54.19 -11.29
C HIS F 25 0.55 55.55 -10.98
N HIS F 26 0.81 56.53 -11.83
CA HIS F 26 0.17 57.84 -11.70
C HIS F 26 0.11 58.64 -12.98
N GLN F 27 -1.09 58.82 -13.51
CA GLN F 27 -1.30 59.74 -14.61
C GLN F 27 -1.54 61.12 -14.00
N ASN F 28 -0.43 61.74 -13.60
CA ASN F 28 -0.44 62.98 -12.84
C ASN F 28 0.44 64.03 -13.53
N GLU F 29 0.49 65.22 -12.95
CA GLU F 29 1.45 66.24 -13.33
C GLU F 29 2.83 65.85 -12.78
N GLN F 30 3.80 66.75 -12.89
CA GLN F 30 5.17 66.51 -12.42
C GLN F 30 5.87 65.47 -13.30
N GLY F 31 6.02 64.25 -12.79
CA GLY F 31 6.75 63.21 -13.51
C GLY F 31 6.21 61.80 -13.31
N SER F 32 6.99 60.82 -13.77
CA SER F 32 6.59 59.42 -13.71
C SER F 32 7.53 58.60 -12.83
N GLY F 33 6.94 57.66 -12.09
CA GLY F 33 7.69 56.78 -11.18
C GLY F 33 6.85 55.57 -10.80
N TYR F 34 7.21 54.41 -11.37
CA TYR F 34 6.46 53.18 -11.17
C TYR F 34 6.40 52.73 -9.71
N ALA F 35 5.20 52.79 -9.14
CA ALA F 35 5.00 52.47 -7.72
C ALA F 35 4.19 51.19 -7.52
N ALA F 36 4.29 50.64 -6.31
CA ALA F 36 3.55 49.44 -5.91
C ALA F 36 3.19 49.54 -4.44
N ASP F 37 1.97 49.10 -4.09
CA ASP F 37 1.57 49.03 -2.69
C ASP F 37 2.28 47.87 -2.01
N GLN F 38 3.30 48.20 -1.23
CA GLN F 38 4.19 47.20 -0.63
C GLN F 38 3.48 46.25 0.33
N LYS F 39 2.40 46.72 0.95
CA LYS F 39 1.68 45.90 1.93
C LYS F 39 1.02 44.68 1.29
N SER F 40 0.15 44.91 0.30
CA SER F 40 -0.57 43.82 -0.37
C SER F 40 0.37 42.90 -1.15
N THR F 41 1.52 43.46 -1.54
CA THR F 41 2.54 42.69 -2.24
C THR F 41 3.29 41.81 -1.24
N GLN F 42 3.70 42.40 -0.12
CA GLN F 42 4.35 41.65 0.97
C GLN F 42 3.38 40.76 1.74
N ASN F 43 2.08 40.90 1.46
CA ASN F 43 1.07 40.04 2.07
C ASN F 43 0.82 38.79 1.22
N ALA F 44 0.64 39.00 -0.09
CA ALA F 44 0.39 37.92 -1.02
C ALA F 44 1.52 36.89 -1.01
N ILE F 45 2.76 37.38 -1.07
CA ILE F 45 3.95 36.53 -1.07
C ILE F 45 4.03 35.66 0.19
N ASN F 46 3.63 36.23 1.33
CA ASN F 46 3.57 35.47 2.59
C ASN F 46 2.66 34.24 2.47
N GLY F 47 1.45 34.45 1.94
CA GLY F 47 0.54 33.37 1.59
C GLY F 47 1.17 32.39 0.61
N ILE F 48 1.76 32.94 -0.45
CA ILE F 48 2.45 32.15 -1.47
C ILE F 48 3.55 31.27 -0.89
N THR F 49 4.38 31.83 -0.02
CA THR F 49 5.51 31.12 0.57
C THR F 49 5.06 30.10 1.62
N ASN F 50 3.98 30.41 2.34
CA ASN F 50 3.33 29.43 3.19
C ASN F 50 2.83 28.29 2.31
N LYS F 51 2.10 28.64 1.26
CA LYS F 51 1.58 27.71 0.27
C LYS F 51 2.66 26.80 -0.31
N VAL F 52 3.78 27.40 -0.72
CA VAL F 52 4.86 26.63 -1.33
C VAL F 52 5.45 25.65 -0.31
N ASN F 53 5.95 26.18 0.80
CA ASN F 53 6.58 25.37 1.83
C ASN F 53 5.61 24.43 2.58
N SER F 54 4.33 24.77 2.58
CA SER F 54 3.29 23.88 3.14
C SER F 54 3.11 22.62 2.29
N VAL F 55 3.21 22.77 0.97
CA VAL F 55 3.20 21.62 0.07
C VAL F 55 4.41 20.74 0.40
N ILE F 56 5.61 21.33 0.34
CA ILE F 56 6.85 20.63 0.66
C ILE F 56 6.85 20.02 2.07
N GLU F 57 7.13 20.84 3.07
CA GLU F 57 7.59 20.38 4.40
C GLU F 57 6.63 19.50 5.20
N LYS F 58 5.34 19.59 4.88
CA LYS F 58 4.33 18.81 5.59
C LYS F 58 4.51 17.34 5.24
N MET F 59 5.08 17.10 4.06
CA MET F 59 5.53 15.79 3.62
C MET F 59 6.75 15.34 4.43
N ASN F 60 6.65 14.16 5.03
CA ASN F 60 7.76 13.53 5.73
C ASN F 60 7.70 12.03 5.51
N THR F 61 8.77 11.32 5.85
CA THR F 61 8.80 9.87 5.77
C THR F 61 9.53 9.26 6.97
N GLN F 62 10.02 8.04 6.77
CA GLN F 62 10.99 7.41 7.65
C GLN F 62 11.82 6.45 6.80
N PHE F 63 13.09 6.27 7.16
CA PHE F 63 13.98 5.35 6.46
C PHE F 63 13.22 4.21 5.79
N THR F 64 13.10 4.27 4.46
CA THR F 64 12.46 3.22 3.67
C THR F 64 13.45 2.61 2.67
N ALA F 65 13.69 1.31 2.83
CA ALA F 65 14.45 0.53 1.85
C ALA F 65 13.46 -0.14 0.90
N VAL F 66 13.65 0.05 -0.40
CA VAL F 66 12.67 -0.39 -1.40
C VAL F 66 13.15 -1.53 -2.30
N GLY F 67 14.42 -1.91 -2.15
CA GLY F 67 14.96 -3.10 -2.81
C GLY F 67 14.53 -4.33 -2.03
N LYS F 68 14.22 -5.41 -2.74
CA LYS F 68 13.62 -6.57 -2.10
C LYS F 68 14.34 -7.92 -2.30
N GLU F 69 14.79 -8.17 -3.53
CA GLU F 69 15.57 -9.36 -3.89
C GLU F 69 14.87 -10.68 -3.57
N PHE F 70 14.14 -11.21 -4.55
CA PHE F 70 13.44 -12.48 -4.42
C PHE F 70 13.96 -13.48 -5.44
N ASN F 71 13.97 -14.77 -5.06
CA ASN F 71 14.47 -15.82 -5.95
C ASN F 71 13.37 -16.56 -6.70
N LYS F 72 13.76 -17.62 -7.41
CA LYS F 72 12.89 -18.25 -8.39
C LYS F 72 11.68 -19.02 -7.82
N LEU F 73 11.66 -19.25 -6.52
CA LEU F 73 10.47 -19.79 -5.84
C LEU F 73 9.59 -18.66 -5.31
N GLU F 74 10.21 -17.51 -5.03
CA GLU F 74 9.50 -16.37 -4.44
C GLU F 74 8.73 -15.50 -5.45
N ARG F 75 8.55 -16.03 -6.67
CA ARG F 75 7.87 -15.36 -7.79
C ARG F 75 6.49 -14.76 -7.49
N ARG F 76 5.73 -15.39 -6.60
CA ARG F 76 4.43 -14.85 -6.18
C ARG F 76 4.59 -13.57 -5.38
N MET F 77 5.26 -13.65 -4.23
CA MET F 77 5.48 -12.48 -3.36
C MET F 77 6.57 -11.54 -3.90
N GLU F 78 7.09 -11.87 -5.09
CA GLU F 78 8.00 -11.01 -5.84
C GLU F 78 7.20 -9.95 -6.59
N ASN F 79 6.05 -10.35 -7.12
CA ASN F 79 5.15 -9.44 -7.81
C ASN F 79 3.99 -8.99 -6.92
N LEU F 80 3.91 -9.57 -5.73
CA LEU F 80 3.09 -9.02 -4.65
C LEU F 80 3.75 -7.71 -4.23
N ASN F 81 5.08 -7.73 -4.13
CA ASN F 81 5.86 -6.52 -3.91
C ASN F 81 5.60 -5.46 -4.98
N LYS F 82 5.46 -5.92 -6.22
CA LYS F 82 5.15 -5.03 -7.34
C LYS F 82 3.87 -4.25 -7.07
N LYS F 83 2.85 -4.95 -6.56
CA LYS F 83 1.57 -4.34 -6.18
C LYS F 83 1.75 -3.24 -5.14
N VAL F 84 2.76 -3.40 -4.29
CA VAL F 84 3.11 -2.41 -3.27
C VAL F 84 3.73 -1.17 -3.92
N ASP F 85 4.88 -1.37 -4.56
CA ASP F 85 5.60 -0.29 -5.24
C ASP F 85 4.74 0.47 -6.25
N ASP F 86 4.12 -0.25 -7.19
CA ASP F 86 3.30 0.38 -8.21
C ASP F 86 2.11 1.16 -7.63
N GLY F 87 1.41 0.55 -6.69
CA GLY F 87 0.34 1.23 -5.96
C GLY F 87 0.80 2.58 -5.47
N PHE F 88 1.85 2.59 -4.65
CA PHE F 88 2.43 3.83 -4.11
C PHE F 88 2.89 4.82 -5.19
N ILE F 89 3.46 4.32 -6.29
CA ILE F 89 3.87 5.17 -7.41
C ILE F 89 2.65 5.86 -8.03
N ASP F 90 1.68 5.05 -8.47
CA ASP F 90 0.43 5.54 -9.04
C ASP F 90 -0.32 6.51 -8.11
N ILE F 91 -0.37 6.17 -6.82
CA ILE F 91 -0.97 7.04 -5.81
C ILE F 91 -0.36 8.43 -5.86
N TRP F 92 0.95 8.51 -5.63
CA TRP F 92 1.65 9.79 -5.54
C TRP F 92 1.66 10.57 -6.83
N THR F 93 1.73 9.88 -7.95
CA THR F 93 1.58 10.51 -9.25
C THR F 93 0.25 11.27 -9.30
N TYR F 94 -0.86 10.53 -9.24
CA TYR F 94 -2.20 11.13 -9.32
C TYR F 94 -2.41 12.26 -8.31
N ASN F 95 -2.15 11.98 -7.04
CA ASN F 95 -2.39 12.92 -5.94
C ASN F 95 -1.71 14.26 -6.12
N ALA F 96 -0.42 14.21 -6.47
CA ALA F 96 0.38 15.40 -6.74
C ALA F 96 -0.05 16.09 -8.02
N GLU F 97 -0.45 15.29 -9.02
CA GLU F 97 -0.79 15.81 -10.34
C GLU F 97 -2.01 16.72 -10.27
N LEU F 98 -2.93 16.39 -9.37
CA LEU F 98 -4.13 17.19 -9.14
C LEU F 98 -3.88 18.31 -8.12
N LEU F 99 -2.92 18.09 -7.23
CA LEU F 99 -2.53 19.09 -6.25
C LEU F 99 -2.02 20.36 -6.92
N VAL F 100 -1.22 20.19 -7.97
CA VAL F 100 -0.70 21.32 -8.75
C VAL F 100 -1.84 22.05 -9.48
N LEU F 101 -2.39 21.45 -10.54
CA LEU F 101 -3.45 22.09 -11.33
C LEU F 101 -4.44 22.88 -10.47
N LEU F 102 -4.96 22.21 -9.43
CA LEU F 102 -5.91 22.81 -8.49
C LEU F 102 -5.40 24.07 -7.79
N GLU F 103 -4.31 23.93 -7.03
CA GLU F 103 -3.76 25.06 -6.28
C GLU F 103 -3.02 26.09 -7.15
N ASN F 104 -2.80 25.75 -8.41
CA ASN F 104 -2.29 26.72 -9.38
C ASN F 104 -3.41 27.60 -9.93
N GLU F 105 -4.61 27.03 -10.02
CA GLU F 105 -5.82 27.77 -10.37
C GLU F 105 -6.26 28.63 -9.20
N ARG F 106 -6.12 28.10 -7.99
CA ARG F 106 -6.42 28.84 -6.77
C ARG F 106 -5.48 30.02 -6.59
N THR F 107 -4.21 29.84 -6.96
CA THR F 107 -3.20 30.90 -6.92
C THR F 107 -3.71 32.15 -7.63
N LEU F 108 -4.07 32.00 -8.90
CA LEU F 108 -4.42 33.12 -9.77
C LEU F 108 -5.74 33.79 -9.40
N ASP F 109 -6.74 32.99 -9.07
CA ASP F 109 -8.03 33.52 -8.62
C ASP F 109 -7.93 34.19 -7.25
N PHE F 110 -6.85 33.91 -6.52
CA PHE F 110 -6.48 34.63 -5.31
C PHE F 110 -5.78 35.95 -5.66
N HIS F 111 -5.04 35.95 -6.77
CA HIS F 111 -4.44 37.17 -7.30
C HIS F 111 -5.50 38.06 -7.89
N ASP F 112 -6.33 37.49 -8.75
CA ASP F 112 -7.45 38.21 -9.39
C ASP F 112 -8.36 38.89 -8.35
N SER F 113 -8.33 38.36 -7.13
CA SER F 113 -9.01 38.97 -6.00
C SER F 113 -8.18 40.12 -5.42
N ASN F 114 -6.88 39.88 -5.25
CA ASN F 114 -5.96 40.86 -4.67
C ASN F 114 -5.85 42.18 -5.45
N VAL F 115 -5.99 42.10 -6.77
CA VAL F 115 -6.08 43.30 -7.61
C VAL F 115 -7.49 43.89 -7.49
N LYS F 116 -8.50 43.03 -7.46
CA LYS F 116 -9.90 43.44 -7.43
C LYS F 116 -10.25 44.20 -6.15
N ASN F 117 -9.88 43.65 -5.00
CA ASN F 117 -10.07 44.33 -3.72
C ASN F 117 -9.53 45.76 -3.80
N LEU F 118 -8.32 45.89 -4.34
CA LEU F 118 -7.66 47.18 -4.53
C LEU F 118 -8.47 48.14 -5.40
N TYR F 119 -9.14 47.59 -6.41
CA TYR F 119 -10.00 48.38 -7.31
C TYR F 119 -11.21 48.95 -6.58
N GLU F 120 -11.95 48.08 -5.90
CA GLU F 120 -13.12 48.48 -5.13
C GLU F 120 -12.72 49.25 -3.86
N LYS F 121 -11.47 49.06 -3.42
CA LYS F 121 -10.88 49.83 -2.33
C LYS F 121 -10.71 51.31 -2.72
N VAL F 122 -10.33 51.55 -3.96
CA VAL F 122 -10.23 52.91 -4.50
C VAL F 122 -11.63 53.42 -4.84
N LYS F 123 -12.46 52.54 -5.41
CA LYS F 123 -13.83 52.90 -5.78
C LYS F 123 -14.72 53.11 -4.54
N SER F 124 -14.20 52.72 -3.37
CA SER F 124 -14.89 53.00 -2.11
C SER F 124 -14.56 54.40 -1.62
N GLN F 125 -13.27 54.72 -1.56
CA GLN F 125 -12.77 55.95 -0.94
C GLN F 125 -13.34 57.22 -1.55
N LEU F 126 -12.86 57.57 -2.75
CA LEU F 126 -13.19 58.84 -3.41
C LEU F 126 -14.68 59.03 -3.73
N LYS F 127 -15.42 57.93 -3.76
CA LYS F 127 -16.85 57.91 -4.12
C LYS F 127 -17.12 58.56 -5.50
N ASN F 128 -17.62 59.79 -5.49
CA ASN F 128 -17.97 60.49 -6.73
C ASN F 128 -17.07 61.68 -7.07
N ASN F 129 -15.82 61.62 -6.61
CA ASN F 129 -14.79 62.52 -7.08
C ASN F 129 -14.43 62.20 -8.53
N ALA F 130 -14.63 60.94 -8.91
CA ALA F 130 -14.13 60.41 -10.17
C ALA F 130 -15.13 59.63 -11.02
N LYS F 131 -14.86 59.60 -12.33
CA LYS F 131 -15.59 58.79 -13.29
C LYS F 131 -14.83 57.47 -13.49
N GLU F 132 -15.48 56.49 -14.14
CA GLU F 132 -14.93 55.15 -14.26
C GLU F 132 -14.74 54.73 -15.72
N ILE F 133 -13.48 54.60 -16.14
CA ILE F 133 -13.17 53.97 -17.43
C ILE F 133 -12.31 52.72 -17.24
N GLY F 134 -12.80 51.60 -17.79
CA GLY F 134 -12.29 50.25 -17.49
C GLY F 134 -10.83 49.93 -17.76
N ASN F 135 -10.03 49.99 -16.69
CA ASN F 135 -8.62 49.56 -16.67
C ASN F 135 -8.07 49.68 -15.25
N GLY F 136 -8.94 50.03 -14.32
CA GLY F 136 -8.54 50.46 -12.98
C GLY F 136 -8.38 51.97 -12.96
N CYS F 137 -8.52 52.58 -14.14
CA CYS F 137 -8.35 54.02 -14.34
C CYS F 137 -9.51 54.82 -13.74
N PHE F 138 -9.15 55.84 -12.97
CA PHE F 138 -10.14 56.72 -12.36
C PHE F 138 -9.97 58.18 -12.81
N GLU F 139 -10.69 58.53 -13.87
CA GLU F 139 -10.78 59.90 -14.34
C GLU F 139 -11.64 60.71 -13.39
N PHE F 140 -11.09 61.80 -12.85
CA PHE F 140 -11.83 62.65 -11.93
C PHE F 140 -12.15 64.05 -12.46
N TYR F 141 -13.17 64.67 -11.87
CA TYR F 141 -13.48 66.08 -12.09
C TYR F 141 -12.64 66.92 -11.11
N HIS F 142 -11.92 66.23 -10.24
CA HIS F 142 -11.03 66.84 -9.26
C HIS F 142 -9.64 66.98 -9.83
N LYS F 143 -8.93 68.02 -9.40
CA LYS F 143 -7.53 68.20 -9.78
C LYS F 143 -6.62 67.75 -8.64
N CYS F 144 -5.59 66.99 -8.99
CA CYS F 144 -4.78 66.26 -8.01
C CYS F 144 -3.31 66.16 -8.40
N ASN F 145 -2.45 66.11 -7.39
CA ASN F 145 -0.99 66.02 -7.56
C ASN F 145 -0.44 64.85 -6.75
N ASP F 146 0.77 65.01 -6.23
CA ASP F 146 1.29 64.13 -5.19
C ASP F 146 0.50 64.42 -3.91
N GLU F 147 0.83 63.73 -2.82
CA GLU F 147 0.17 63.91 -1.51
C GLU F 147 -1.33 63.57 -1.56
N CYS F 148 -1.89 63.62 -2.76
CA CYS F 148 -3.27 63.22 -3.02
C CYS F 148 -3.29 61.77 -3.48
N MET F 149 -2.37 61.42 -4.39
CA MET F 149 -2.09 60.02 -4.70
C MET F 149 -1.55 59.33 -3.46
N GLU F 150 -0.57 59.97 -2.82
CA GLU F 150 0.04 59.47 -1.58
C GLU F 150 -0.96 59.26 -0.45
N SER F 151 -2.04 60.04 -0.46
CA SER F 151 -3.16 59.83 0.46
C SER F 151 -3.92 58.56 0.07
N VAL F 152 -4.17 58.39 -1.22
CA VAL F 152 -4.85 57.20 -1.75
C VAL F 152 -3.96 55.95 -1.62
N LYS F 153 -2.63 56.15 -1.67
CA LYS F 153 -1.67 55.07 -1.55
C LYS F 153 -1.58 54.49 -0.13
N ASN F 154 -2.10 55.22 0.86
CA ASN F 154 -2.21 54.70 2.22
C ASN F 154 -3.57 54.99 2.89
N GLY F 155 -4.63 54.53 2.22
CA GLY F 155 -5.99 54.51 2.76
C GLY F 155 -6.48 55.75 3.51
N THR F 156 -6.20 56.93 2.95
CA THR F 156 -6.60 58.19 3.56
C THR F 156 -7.16 59.17 2.52
N TYR F 157 -8.17 59.93 2.91
CA TYR F 157 -8.72 60.96 2.02
C TYR F 157 -9.39 62.13 2.77
N ASP F 158 -9.26 63.32 2.19
CA ASP F 158 -9.74 64.57 2.77
C ASP F 158 -11.27 64.64 2.83
N TYR F 159 -11.92 64.36 1.70
CA TYR F 159 -13.39 64.23 1.62
C TYR F 159 -13.83 63.42 0.40
N PRO F 160 -14.86 62.57 0.58
CA PRO F 160 -15.44 61.81 -0.54
C PRO F 160 -16.67 62.48 -1.16
#